data_5VAB
# 
_entry.id   5VAB 
# 
_audit_conform.dict_name       mmcif_pdbx.dic 
_audit_conform.dict_version    5.379 
_audit_conform.dict_location   http://mmcif.pdb.org/dictionaries/ascii/mmcif_pdbx.dic 
# 
loop_
_database_2.database_id 
_database_2.database_code 
_database_2.pdbx_database_accession 
_database_2.pdbx_DOI 
PDB   5VAB         pdb_00005vab 10.2210/pdb5vab/pdb 
WWPDB D_1000227107 ?            ?                   
# 
loop_
_pdbx_database_related.content_type 
_pdbx_database_related.db_id 
_pdbx_database_related.db_name 
_pdbx_database_related.details 
unspecified 5VA6 PDB . 
unspecified 5VAC PDB . 
unspecified 5VAH PDB . 
# 
_pdbx_database_status.status_code                     REL 
_pdbx_database_status.status_code_sf                  REL 
_pdbx_database_status.status_code_mr                  ? 
_pdbx_database_status.entry_id                        5VAB 
_pdbx_database_status.recvd_initial_deposition_date   2017-03-24 
_pdbx_database_status.SG_entry                        N 
_pdbx_database_status.deposit_site                    RCSB 
_pdbx_database_status.process_site                    RCSB 
_pdbx_database_status.status_code_cs                  ? 
_pdbx_database_status.methods_development_category    ? 
_pdbx_database_status.pdb_format_compatible           Y 
_pdbx_database_status.status_code_nmr_data            ? 
# 
loop_
_audit_author.name 
_audit_author.pdbx_ordinal 
_audit_author.identifier_ORCID 
'Bergamin, E.'    1  ? 
'Sarvan, S.'      2  ? 
'Malette, J.'     3  ? 
'Eram, M.'        4  ? 
'Yeung, S.'       5  ? 
'Mongeon, V.'     6  ? 
'Joshi, M.'       7  ? 
'Brunzelle, J.S.' 8  ? 
'Michaels, S.D.'  9  ? 
'Blais, A.'       10 ? 
'Vedadi, M.'      11 ? 
'Couture, J.-F.'  12 ? 
# 
_citation.abstract                  ? 
_citation.abstract_id_CAS           ? 
_citation.book_id_ISBN              ? 
_citation.book_publisher            ? 
_citation.book_publisher_city       ? 
_citation.book_title                ? 
_citation.coordinate_linkage        ? 
_citation.country                   UK 
_citation.database_id_Medline       ? 
_citation.details                   ? 
_citation.id                        primary 
_citation.journal_abbrev            'Nucleic Acids Res.' 
_citation.journal_id_ASTM           NARHAD 
_citation.journal_id_CSD            0389 
_citation.journal_id_ISSN           1362-4962 
_citation.journal_full              ? 
_citation.journal_issue             ? 
_citation.journal_volume            45 
_citation.language                  ? 
_citation.page_first                6375 
_citation.page_last                 6387 
_citation.title                     'Molecular basis for the methylation specificity of ATXR5 for histone H3.' 
_citation.year                      2017 
_citation.database_id_CSD           ? 
_citation.pdbx_database_id_DOI      10.1093/nar/gkx224 
_citation.pdbx_database_id_PubMed   28383693 
_citation.unpublished_flag          ? 
# 
loop_
_citation_author.citation_id 
_citation_author.name 
_citation_author.ordinal 
_citation_author.identifier_ORCID 
primary 'Bergamin, E.'    1  ? 
primary 'Sarvan, S.'      2  ? 
primary 'Malette, J.'     3  ? 
primary 'Eram, M.S.'      4  ? 
primary 'Yeung, S.'       5  ? 
primary 'Mongeon, V.'     6  ? 
primary 'Joshi, M.'       7  ? 
primary 'Brunzelle, J.S.' 8  ? 
primary 'Michaels, S.D.'  9  ? 
primary 'Blais, A.'       10 ? 
primary 'Vedadi, M.'      11 ? 
primary 'Couture, J.F.'   12 ? 
# 
_cell.angle_alpha                  90.00 
_cell.angle_alpha_esd              ? 
_cell.angle_beta                   90.00 
_cell.angle_beta_esd               ? 
_cell.angle_gamma                  90.00 
_cell.angle_gamma_esd              ? 
_cell.entry_id                     5VAB 
_cell.details                      ? 
_cell.formula_units_Z              ? 
_cell.length_a                     44.010 
_cell.length_a_esd                 ? 
_cell.length_b                     44.010 
_cell.length_b_esd                 ? 
_cell.length_c                     71.948 
_cell.length_c_esd                 ? 
_cell.volume                       ? 
_cell.volume_esd                   ? 
_cell.Z_PDB                        8 
_cell.reciprocal_angle_alpha       ? 
_cell.reciprocal_angle_beta        ? 
_cell.reciprocal_angle_gamma       ? 
_cell.reciprocal_angle_alpha_esd   ? 
_cell.reciprocal_angle_beta_esd    ? 
_cell.reciprocal_angle_gamma_esd   ? 
_cell.reciprocal_length_a          ? 
_cell.reciprocal_length_b          ? 
_cell.reciprocal_length_c          ? 
_cell.reciprocal_length_a_esd      ? 
_cell.reciprocal_length_b_esd      ? 
_cell.reciprocal_length_c_esd      ? 
_cell.pdbx_unique_axis             ? 
# 
_symmetry.entry_id                         5VAB 
_symmetry.cell_setting                     ? 
_symmetry.Int_Tables_number                95 
_symmetry.space_group_name_Hall            ? 
_symmetry.space_group_name_H-M             'P 43 2 2' 
_symmetry.pdbx_full_space_group_name_H-M   ? 
# 
loop_
_entity.id 
_entity.type 
_entity.src_method 
_entity.pdbx_description 
_entity.formula_weight 
_entity.pdbx_number_of_molecules 
_entity.pdbx_ec 
_entity.pdbx_mutation 
_entity.pdbx_fragment 
_entity.details 
1 polymer     man 'ATXR5 PHD domain'   6232.292 1  ? ? ? ? 
2 polymer     syn 'Histone H3 peptide' 1313.506 1  ? ? ? ? 
3 non-polymer syn 'ZINC ION'           65.409   2  ? ? ? ? 
4 water       nat water                18.015   49 ? ? ? ? 
# 
loop_
_entity_poly.entity_id 
_entity_poly.type 
_entity_poly.nstd_linkage 
_entity_poly.nstd_monomer 
_entity_poly.pdbx_seq_one_letter_code 
_entity_poly.pdbx_seq_one_letter_code_can 
_entity_poly.pdbx_strand_id 
_entity_poly.pdbx_target_identifier 
1 'polypeptide(L)' no no GAMGSVSCEECGGGHSPSKLLLCDKCDRGYHLFCLRPILPSVPKGSWFCPSCSNHKPK 
GAMGSVSCEECGGGHSPSKLLLCDKCDRGYHLFCLRPILPSVPKGSWFCPSCSNHKPK A ? 
2 'polypeptide(L)' no no ARTKQTARKSY                                                ARTKQTARKSY F ? 
# 
loop_
_entity_poly_seq.entity_id 
_entity_poly_seq.num 
_entity_poly_seq.mon_id 
_entity_poly_seq.hetero 
1 1  GLY n 
1 2  ALA n 
1 3  MET n 
1 4  GLY n 
1 5  SER n 
1 6  VAL n 
1 7  SER n 
1 8  CYS n 
1 9  GLU n 
1 10 GLU n 
1 11 CYS n 
1 12 GLY n 
1 13 GLY n 
1 14 GLY n 
1 15 HIS n 
1 16 SER n 
1 17 PRO n 
1 18 SER n 
1 19 LYS n 
1 20 LEU n 
1 21 LEU n 
1 22 LEU n 
1 23 CYS n 
1 24 ASP n 
1 25 LYS n 
1 26 CYS n 
1 27 ASP n 
1 28 ARG n 
1 29 GLY n 
1 30 TYR n 
1 31 HIS n 
1 32 LEU n 
1 33 PHE n 
1 34 CYS n 
1 35 LEU n 
1 36 ARG n 
1 37 PRO n 
1 38 ILE n 
1 39 LEU n 
1 40 PRO n 
1 41 SER n 
1 42 VAL n 
1 43 PRO n 
1 44 LYS n 
1 45 GLY n 
1 46 SER n 
1 47 TRP n 
1 48 PHE n 
1 49 CYS n 
1 50 PRO n 
1 51 SER n 
1 52 CYS n 
1 53 SER n 
1 54 ASN n 
1 55 HIS n 
1 56 LYS n 
1 57 PRO n 
1 58 LYS n 
2 1  ALA n 
2 2  ARG n 
2 3  THR n 
2 4  LYS n 
2 5  GLN n 
2 6  THR n 
2 7  ALA n 
2 8  ARG n 
2 9  LYS n 
2 10 SER n 
2 11 TYR n 
# 
_entity_src_gen.entity_id                          1 
_entity_src_gen.pdbx_src_id                        1 
_entity_src_gen.pdbx_alt_source_flag               sample 
_entity_src_gen.pdbx_seq_type                      'Biological sequence' 
_entity_src_gen.pdbx_beg_seq_num                   1 
_entity_src_gen.pdbx_end_seq_num                   58 
_entity_src_gen.gene_src_common_name               soybean 
_entity_src_gen.gene_src_genus                     ? 
_entity_src_gen.pdbx_gene_src_gene                 ? 
_entity_src_gen.gene_src_species                   ? 
_entity_src_gen.gene_src_strain                    ? 
_entity_src_gen.gene_src_tissue                    ? 
_entity_src_gen.gene_src_tissue_fraction           ? 
_entity_src_gen.gene_src_details                   ? 
_entity_src_gen.pdbx_gene_src_fragment             ? 
_entity_src_gen.pdbx_gene_src_scientific_name      'Glycine max' 
_entity_src_gen.pdbx_gene_src_ncbi_taxonomy_id     3847 
_entity_src_gen.pdbx_gene_src_variant              ? 
_entity_src_gen.pdbx_gene_src_cell_line            ? 
_entity_src_gen.pdbx_gene_src_atcc                 ? 
_entity_src_gen.pdbx_gene_src_organ                ? 
_entity_src_gen.pdbx_gene_src_organelle            ? 
_entity_src_gen.pdbx_gene_src_cell                 ? 
_entity_src_gen.pdbx_gene_src_cellular_location    ? 
_entity_src_gen.host_org_common_name               ? 
_entity_src_gen.pdbx_host_org_scientific_name      'Escherichia coli' 
_entity_src_gen.pdbx_host_org_ncbi_taxonomy_id     562 
_entity_src_gen.host_org_genus                     ? 
_entity_src_gen.pdbx_host_org_gene                 ? 
_entity_src_gen.pdbx_host_org_organ                ? 
_entity_src_gen.host_org_species                   ? 
_entity_src_gen.pdbx_host_org_tissue               ? 
_entity_src_gen.pdbx_host_org_tissue_fraction      ? 
_entity_src_gen.pdbx_host_org_strain               ? 
_entity_src_gen.pdbx_host_org_variant              ? 
_entity_src_gen.pdbx_host_org_cell_line            ? 
_entity_src_gen.pdbx_host_org_atcc                 ? 
_entity_src_gen.pdbx_host_org_culture_collection   ? 
_entity_src_gen.pdbx_host_org_cell                 ? 
_entity_src_gen.pdbx_host_org_organelle            ? 
_entity_src_gen.pdbx_host_org_cellular_location    ? 
_entity_src_gen.pdbx_host_org_vector_type          ? 
_entity_src_gen.pdbx_host_org_vector               ? 
_entity_src_gen.host_org_details                   ? 
_entity_src_gen.expression_system_id               ? 
_entity_src_gen.plasmid_name                       ? 
_entity_src_gen.plasmid_details                    ? 
_entity_src_gen.pdbx_description                   ? 
# 
_pdbx_entity_src_syn.entity_id              2 
_pdbx_entity_src_syn.pdbx_src_id            1 
_pdbx_entity_src_syn.pdbx_alt_source_flag   sample 
_pdbx_entity_src_syn.pdbx_beg_seq_num       1 
_pdbx_entity_src_syn.pdbx_end_seq_num       11 
_pdbx_entity_src_syn.organism_scientific    'Homo sapiens' 
_pdbx_entity_src_syn.organism_common_name   ? 
_pdbx_entity_src_syn.ncbi_taxonomy_id       9606 
_pdbx_entity_src_syn.details                ? 
# 
loop_
_struct_ref.id 
_struct_ref.db_name 
_struct_ref.db_code 
_struct_ref.pdbx_db_accession 
_struct_ref.pdbx_db_isoform 
_struct_ref.entity_id 
_struct_ref.pdbx_seq_one_letter_code 
_struct_ref.pdbx_align_begin 
1 PDB 5VAB 5VAB ? 1 ? 1 
2 PDB 5VAB 5VAB ? 2 ? 1 
# 
loop_
_struct_ref_seq.align_id 
_struct_ref_seq.ref_id 
_struct_ref_seq.pdbx_PDB_id_code 
_struct_ref_seq.pdbx_strand_id 
_struct_ref_seq.seq_align_beg 
_struct_ref_seq.pdbx_seq_align_beg_ins_code 
_struct_ref_seq.seq_align_end 
_struct_ref_seq.pdbx_seq_align_end_ins_code 
_struct_ref_seq.pdbx_db_accession 
_struct_ref_seq.db_align_beg 
_struct_ref_seq.pdbx_db_align_beg_ins_code 
_struct_ref_seq.db_align_end 
_struct_ref_seq.pdbx_db_align_end_ins_code 
_struct_ref_seq.pdbx_auth_seq_align_beg 
_struct_ref_seq.pdbx_auth_seq_align_end 
1 1 5VAB A 1 ? 58 ? 5VAB 18 ? 75 ? 18 75 
2 2 5VAB F 1 ? 11 ? 5VAB 1  ? 11 ? 1  11 
# 
loop_
_chem_comp.id 
_chem_comp.type 
_chem_comp.mon_nstd_flag 
_chem_comp.name 
_chem_comp.pdbx_synonyms 
_chem_comp.formula 
_chem_comp.formula_weight 
ALA 'L-peptide linking' y ALANINE         ? 'C3 H7 N O2'     89.093  
ARG 'L-peptide linking' y ARGININE        ? 'C6 H15 N4 O2 1' 175.209 
ASN 'L-peptide linking' y ASPARAGINE      ? 'C4 H8 N2 O3'    132.118 
ASP 'L-peptide linking' y 'ASPARTIC ACID' ? 'C4 H7 N O4'     133.103 
CYS 'L-peptide linking' y CYSTEINE        ? 'C3 H7 N O2 S'   121.158 
GLN 'L-peptide linking' y GLUTAMINE       ? 'C5 H10 N2 O3'   146.144 
GLU 'L-peptide linking' y 'GLUTAMIC ACID' ? 'C5 H9 N O4'     147.129 
GLY 'peptide linking'   y GLYCINE         ? 'C2 H5 N O2'     75.067  
HIS 'L-peptide linking' y HISTIDINE       ? 'C6 H10 N3 O2 1' 156.162 
HOH non-polymer         . WATER           ? 'H2 O'           18.015  
ILE 'L-peptide linking' y ISOLEUCINE      ? 'C6 H13 N O2'    131.173 
LEU 'L-peptide linking' y LEUCINE         ? 'C6 H13 N O2'    131.173 
LYS 'L-peptide linking' y LYSINE          ? 'C6 H15 N2 O2 1' 147.195 
MET 'L-peptide linking' y METHIONINE      ? 'C5 H11 N O2 S'  149.211 
PHE 'L-peptide linking' y PHENYLALANINE   ? 'C9 H11 N O2'    165.189 
PRO 'L-peptide linking' y PROLINE         ? 'C5 H9 N O2'     115.130 
SER 'L-peptide linking' y SERINE          ? 'C3 H7 N O3'     105.093 
THR 'L-peptide linking' y THREONINE       ? 'C4 H9 N O3'     119.119 
TRP 'L-peptide linking' y TRYPTOPHAN      ? 'C11 H12 N2 O2'  204.225 
TYR 'L-peptide linking' y TYROSINE        ? 'C9 H11 N O3'    181.189 
VAL 'L-peptide linking' y VALINE          ? 'C5 H11 N O2'    117.146 
ZN  non-polymer         . 'ZINC ION'      ? 'Zn 2'           65.409  
# 
_exptl.absorpt_coefficient_mu     ? 
_exptl.absorpt_correction_T_max   ? 
_exptl.absorpt_correction_T_min   ? 
_exptl.absorpt_correction_type    ? 
_exptl.absorpt_process_details    ? 
_exptl.entry_id                   5VAB 
_exptl.crystals_number            1 
_exptl.details                    ? 
_exptl.method                     'X-RAY DIFFRACTION' 
_exptl.method_details             ? 
# 
_exptl_crystal.colour                      ? 
_exptl_crystal.density_diffrn              ? 
_exptl_crystal.density_Matthews            2.31 
_exptl_crystal.density_method              ? 
_exptl_crystal.density_percent_sol         46.72 
_exptl_crystal.description                 ? 
_exptl_crystal.F_000                       ? 
_exptl_crystal.id                          1 
_exptl_crystal.preparation                 ? 
_exptl_crystal.size_max                    ? 
_exptl_crystal.size_mid                    ? 
_exptl_crystal.size_min                    ? 
_exptl_crystal.size_rad                    ? 
_exptl_crystal.colour_lustre               ? 
_exptl_crystal.colour_modifier             ? 
_exptl_crystal.colour_primary              ? 
_exptl_crystal.density_meas                ? 
_exptl_crystal.density_meas_esd            ? 
_exptl_crystal.density_meas_gt             ? 
_exptl_crystal.density_meas_lt             ? 
_exptl_crystal.density_meas_temp           ? 
_exptl_crystal.density_meas_temp_esd       ? 
_exptl_crystal.density_meas_temp_gt        ? 
_exptl_crystal.density_meas_temp_lt        ? 
_exptl_crystal.pdbx_crystal_image_url      ? 
_exptl_crystal.pdbx_crystal_image_format   ? 
_exptl_crystal.pdbx_mosaicity              ? 
_exptl_crystal.pdbx_mosaicity_esd          ? 
# 
_exptl_crystal_grow.apparatus       ? 
_exptl_crystal_grow.atmosphere      ? 
_exptl_crystal_grow.crystal_id      1 
_exptl_crystal_grow.details         ? 
_exptl_crystal_grow.method          'VAPOR DIFFUSION' 
_exptl_crystal_grow.method_ref      ? 
_exptl_crystal_grow.pH              ? 
_exptl_crystal_grow.pressure        ? 
_exptl_crystal_grow.pressure_esd    ? 
_exptl_crystal_grow.seeding         ? 
_exptl_crystal_grow.seeding_ref     ? 
_exptl_crystal_grow.temp            293 
_exptl_crystal_grow.temp_details    ? 
_exptl_crystal_grow.temp_esd        ? 
_exptl_crystal_grow.time            ? 
_exptl_crystal_grow.pdbx_details    
;0.1M Hepes (pH 6.5), 10% PEG 6000 and 5% (+/-)-2-methyl-2,4-pentanediol.

SET : 50% polypropylene glycol 400, 5% DMSO, 0.1 M HEPES-NaOH (pH 6.0)
;
_exptl_crystal_grow.pdbx_pH_range   ? 
# 
_diffrn.ambient_environment    ? 
_diffrn.ambient_temp           100 
_diffrn.ambient_temp_details   ? 
_diffrn.ambient_temp_esd       ? 
_diffrn.crystal_id             1 
_diffrn.crystal_support        ? 
_diffrn.crystal_treatment      ? 
_diffrn.details                ? 
_diffrn.id                     1 
_diffrn.ambient_pressure       ? 
_diffrn.ambient_pressure_esd   ? 
_diffrn.ambient_pressure_gt    ? 
_diffrn.ambient_pressure_lt    ? 
_diffrn.ambient_temp_gt        ? 
_diffrn.ambient_temp_lt        ? 
# 
_diffrn_detector.details                      ? 
_diffrn_detector.detector                     'IMAGE PLATE' 
_diffrn_detector.diffrn_id                    1 
_diffrn_detector.type                         'RIGAKU RAXIS IV' 
_diffrn_detector.area_resol_mean              ? 
_diffrn_detector.dtime                        ? 
_diffrn_detector.pdbx_frames_total            ? 
_diffrn_detector.pdbx_collection_time_total   ? 
_diffrn_detector.pdbx_collection_date         2015-01-15 
# 
_diffrn_radiation.collimation                      ? 
_diffrn_radiation.diffrn_id                        1 
_diffrn_radiation.filter_edge                      ? 
_diffrn_radiation.inhomogeneity                    ? 
_diffrn_radiation.monochromator                    ? 
_diffrn_radiation.polarisn_norm                    ? 
_diffrn_radiation.polarisn_ratio                   ? 
_diffrn_radiation.probe                            ? 
_diffrn_radiation.type                             ? 
_diffrn_radiation.xray_symbol                      ? 
_diffrn_radiation.wavelength_id                    1 
_diffrn_radiation.pdbx_monochromatic_or_laue_m_l   M 
_diffrn_radiation.pdbx_wavelength_list             ? 
_diffrn_radiation.pdbx_wavelength                  ? 
_diffrn_radiation.pdbx_diffrn_protocol             'SINGLE WAVELENGTH' 
_diffrn_radiation.pdbx_analyzer                    ? 
_diffrn_radiation.pdbx_scattering_type             x-ray 
# 
_diffrn_radiation_wavelength.id           1 
_diffrn_radiation_wavelength.wavelength   1.13 
_diffrn_radiation_wavelength.wt           1.0 
# 
_diffrn_source.current                     ? 
_diffrn_source.details                     ? 
_diffrn_source.diffrn_id                   1 
_diffrn_source.power                       ? 
_diffrn_source.size                        ? 
_diffrn_source.source                      'ROTATING ANODE' 
_diffrn_source.target                      ? 
_diffrn_source.type                        'RIGAKU FR-D' 
_diffrn_source.voltage                     ? 
_diffrn_source.take-off_angle              ? 
_diffrn_source.pdbx_wavelength_list        1.13 
_diffrn_source.pdbx_wavelength             ? 
_diffrn_source.pdbx_synchrotron_beamline   ? 
_diffrn_source.pdbx_synchrotron_site       ? 
# 
_reflns.B_iso_Wilson_estimate            ? 
_reflns.entry_id                         5VAB 
_reflns.data_reduction_details           ? 
_reflns.data_reduction_method            ? 
_reflns.d_resolution_high                1.7 
_reflns.d_resolution_low                 30 
_reflns.details                          ? 
_reflns.limit_h_max                      ? 
_reflns.limit_h_min                      ? 
_reflns.limit_k_max                      ? 
_reflns.limit_k_min                      ? 
_reflns.limit_l_max                      ? 
_reflns.limit_l_min                      ? 
_reflns.number_all                       ? 
_reflns.number_obs                       8225 
_reflns.observed_criterion               ? 
_reflns.observed_criterion_F_max         ? 
_reflns.observed_criterion_F_min         ? 
_reflns.observed_criterion_I_max         ? 
_reflns.observed_criterion_I_min         ? 
_reflns.observed_criterion_sigma_F       ? 
_reflns.observed_criterion_sigma_I       ? 
_reflns.percent_possible_obs             99.5 
_reflns.R_free_details                   ? 
_reflns.Rmerge_F_all                     ? 
_reflns.Rmerge_F_obs                     ? 
_reflns.Friedel_coverage                 ? 
_reflns.number_gt                        ? 
_reflns.threshold_expression             ? 
_reflns.pdbx_redundancy                  25.59 
_reflns.pdbx_Rmerge_I_obs                ? 
_reflns.pdbx_Rmerge_I_all                ? 
_reflns.pdbx_Rsym_value                  0.043 
_reflns.pdbx_netI_over_av_sigmaI         ? 
_reflns.pdbx_netI_over_sigmaI            71.92 
_reflns.pdbx_res_netI_over_av_sigmaI_2   ? 
_reflns.pdbx_res_netI_over_sigmaI_2      ? 
_reflns.pdbx_chi_squared                 ? 
_reflns.pdbx_scaling_rejects             ? 
_reflns.pdbx_d_res_high_opt              ? 
_reflns.pdbx_d_res_low_opt               ? 
_reflns.pdbx_d_res_opt_method            ? 
_reflns.phase_calculation_details        ? 
_reflns.pdbx_Rrim_I_all                  ? 
_reflns.pdbx_Rpim_I_all                  ? 
_reflns.pdbx_d_opt                       ? 
_reflns.pdbx_number_measured_all         ? 
_reflns.pdbx_diffrn_id                   1 
_reflns.pdbx_ordinal                     1 
_reflns.pdbx_CC_half                     ? 
_reflns.pdbx_R_split                     ? 
# 
_reflns_shell.d_res_high                  . 
_reflns_shell.d_res_low                   ? 
_reflns_shell.meanI_over_sigI_all         ? 
_reflns_shell.meanI_over_sigI_obs         ? 
_reflns_shell.number_measured_all         ? 
_reflns_shell.number_measured_obs         ? 
_reflns_shell.number_possible             ? 
_reflns_shell.number_unique_all           ? 
_reflns_shell.number_unique_obs           ? 
_reflns_shell.percent_possible_all        ? 
_reflns_shell.percent_possible_obs        ? 
_reflns_shell.Rmerge_F_all                ? 
_reflns_shell.Rmerge_F_obs                ? 
_reflns_shell.Rmerge_I_all                ? 
_reflns_shell.Rmerge_I_obs                ? 
_reflns_shell.meanI_over_sigI_gt          ? 
_reflns_shell.meanI_over_uI_all           ? 
_reflns_shell.meanI_over_uI_gt            ? 
_reflns_shell.number_measured_gt          ? 
_reflns_shell.number_unique_gt            ? 
_reflns_shell.percent_possible_gt         ? 
_reflns_shell.Rmerge_F_gt                 ? 
_reflns_shell.Rmerge_I_gt                 ? 
_reflns_shell.pdbx_redundancy             ? 
_reflns_shell.pdbx_Rsym_value             ? 
_reflns_shell.pdbx_chi_squared            ? 
_reflns_shell.pdbx_netI_over_sigmaI_all   ? 
_reflns_shell.pdbx_netI_over_sigmaI_obs   ? 
_reflns_shell.pdbx_Rrim_I_all             ? 
_reflns_shell.pdbx_Rpim_I_all             ? 
_reflns_shell.pdbx_rejects                ? 
_reflns_shell.pdbx_ordinal                1 
_reflns_shell.pdbx_diffrn_id              1 
_reflns_shell.pdbx_CC_half                ? 
_reflns_shell.pdbx_R_split                ? 
# 
_refine.aniso_B[1][1]                            ? 
_refine.aniso_B[1][2]                            ? 
_refine.aniso_B[1][3]                            ? 
_refine.aniso_B[2][2]                            ? 
_refine.aniso_B[2][3]                            ? 
_refine.aniso_B[3][3]                            ? 
_refine.B_iso_max                                ? 
_refine.B_iso_mean                               ? 
_refine.B_iso_min                                ? 
_refine.correlation_coeff_Fo_to_Fc               ? 
_refine.correlation_coeff_Fo_to_Fc_free          ? 
_refine.details                                  ? 
_refine.diff_density_max                         ? 
_refine.diff_density_max_esd                     ? 
_refine.diff_density_min                         ? 
_refine.diff_density_min_esd                     ? 
_refine.diff_density_rms                         ? 
_refine.diff_density_rms_esd                     ? 
_refine.entry_id                                 5VAB 
_refine.pdbx_refine_id                           'X-RAY DIFFRACTION' 
_refine.ls_abs_structure_details                 ? 
_refine.ls_abs_structure_Flack                   ? 
_refine.ls_abs_structure_Flack_esd               ? 
_refine.ls_abs_structure_Rogers                  ? 
_refine.ls_abs_structure_Rogers_esd              ? 
_refine.ls_d_res_high                            1.702 
_refine.ls_d_res_low                             23.536 
_refine.ls_extinction_coef                       ? 
_refine.ls_extinction_coef_esd                   ? 
_refine.ls_extinction_expression                 ? 
_refine.ls_extinction_method                     ? 
_refine.ls_goodness_of_fit_all                   ? 
_refine.ls_goodness_of_fit_all_esd               ? 
_refine.ls_goodness_of_fit_obs                   ? 
_refine.ls_goodness_of_fit_obs_esd               ? 
_refine.ls_hydrogen_treatment                    ? 
_refine.ls_matrix_type                           ? 
_refine.ls_number_constraints                    ? 
_refine.ls_number_parameters                     ? 
_refine.ls_number_reflns_all                     ? 
_refine.ls_number_reflns_obs                     8223 
_refine.ls_number_reflns_R_free                  433 
_refine.ls_number_reflns_R_work                  ? 
_refine.ls_number_restraints                     ? 
_refine.ls_percent_reflns_obs                    99.65 
_refine.ls_percent_reflns_R_free                 5.27 
_refine.ls_R_factor_all                          ? 
_refine.ls_R_factor_obs                          0.1504 
_refine.ls_R_factor_R_free                       0.1786 
_refine.ls_R_factor_R_free_error                 ? 
_refine.ls_R_factor_R_free_error_details         ? 
_refine.ls_R_factor_R_work                       0.1489 
_refine.ls_R_Fsqd_factor_obs                     ? 
_refine.ls_R_I_factor_obs                        ? 
_refine.ls_redundancy_reflns_all                 ? 
_refine.ls_redundancy_reflns_obs                 ? 
_refine.ls_restrained_S_all                      ? 
_refine.ls_restrained_S_obs                      ? 
_refine.ls_shift_over_esd_max                    ? 
_refine.ls_shift_over_esd_mean                   ? 
_refine.ls_structure_factor_coef                 ? 
_refine.ls_weighting_details                     ? 
_refine.ls_weighting_scheme                      ? 
_refine.ls_wR_factor_all                         ? 
_refine.ls_wR_factor_obs                         ? 
_refine.ls_wR_factor_R_free                      ? 
_refine.ls_wR_factor_R_work                      ? 
_refine.occupancy_max                            ? 
_refine.occupancy_min                            ? 
_refine.solvent_model_details                    ? 
_refine.solvent_model_param_bsol                 ? 
_refine.solvent_model_param_ksol                 ? 
_refine.ls_R_factor_gt                           ? 
_refine.ls_goodness_of_fit_gt                    ? 
_refine.ls_goodness_of_fit_ref                   ? 
_refine.ls_shift_over_su_max                     ? 
_refine.ls_shift_over_su_max_lt                  ? 
_refine.ls_shift_over_su_mean                    ? 
_refine.ls_shift_over_su_mean_lt                 ? 
_refine.pdbx_ls_sigma_I                          ? 
_refine.pdbx_ls_sigma_F                          1.34 
_refine.pdbx_ls_sigma_Fsqd                       ? 
_refine.pdbx_data_cutoff_high_absF               ? 
_refine.pdbx_data_cutoff_high_rms_absF           ? 
_refine.pdbx_data_cutoff_low_absF                ? 
_refine.pdbx_isotropic_thermal_model             ? 
_refine.pdbx_ls_cross_valid_method               'FREE R-VALUE' 
_refine.pdbx_method_to_determine_struct          'MOLECULAR REPLACEMENT' 
_refine.pdbx_starting_model                      4QF3 
_refine.pdbx_stereochemistry_target_values       ? 
_refine.pdbx_R_Free_selection_details            ? 
_refine.pdbx_stereochem_target_val_spec_case     ? 
_refine.pdbx_overall_ESU_R                       ? 
_refine.pdbx_overall_ESU_R_Free                  ? 
_refine.pdbx_solvent_vdw_probe_radii             1.11 
_refine.pdbx_solvent_ion_probe_radii             ? 
_refine.pdbx_solvent_shrinkage_radii             0.90 
_refine.pdbx_real_space_R                        ? 
_refine.pdbx_density_correlation                 ? 
_refine.pdbx_pd_number_of_powder_patterns        ? 
_refine.pdbx_pd_number_of_points                 ? 
_refine.pdbx_pd_meas_number_of_points            ? 
_refine.pdbx_pd_proc_ls_prof_R_factor            ? 
_refine.pdbx_pd_proc_ls_prof_wR_factor           ? 
_refine.pdbx_pd_Marquardt_correlation_coeff      ? 
_refine.pdbx_pd_Fsqrd_R_factor                   ? 
_refine.pdbx_pd_ls_matrix_band_width             ? 
_refine.pdbx_overall_phase_error                 17.72 
_refine.pdbx_overall_SU_R_free_Cruickshank_DPI   ? 
_refine.pdbx_overall_SU_R_free_Blow_DPI          ? 
_refine.pdbx_overall_SU_R_Blow_DPI               ? 
_refine.pdbx_TLS_residual_ADP_flag               ? 
_refine.pdbx_diffrn_id                           1 
_refine.overall_SU_B                             ? 
_refine.overall_SU_ML                            0.13 
_refine.overall_SU_R_Cruickshank_DPI             ? 
_refine.overall_SU_R_free                        ? 
_refine.overall_FOM_free_R_set                   ? 
_refine.overall_FOM_work_R_set                   ? 
_refine.pdbx_average_fsc_overall                 ? 
_refine.pdbx_average_fsc_work                    ? 
_refine.pdbx_average_fsc_free                    ? 
# 
_refine_hist.pdbx_refine_id                   'X-RAY DIFFRACTION' 
_refine_hist.cycle_id                         LAST 
_refine_hist.pdbx_number_atoms_protein        486 
_refine_hist.pdbx_number_atoms_nucleic_acid   0 
_refine_hist.pdbx_number_atoms_ligand         2 
_refine_hist.number_atoms_solvent             49 
_refine_hist.number_atoms_total               537 
_refine_hist.d_res_high                       1.702 
_refine_hist.d_res_low                        23.536 
# 
loop_
_refine_ls_restr.pdbx_refine_id 
_refine_ls_restr.criterion 
_refine_ls_restr.dev_ideal 
_refine_ls_restr.dev_ideal_target 
_refine_ls_restr.number 
_refine_ls_restr.rejects 
_refine_ls_restr.type 
_refine_ls_restr.weight 
_refine_ls_restr.pdbx_restraint_function 
'X-RAY DIFFRACTION' ? 0.005  ? 502 ? f_bond_d           ? ? 
'X-RAY DIFFRACTION' ? 1.020  ? 673 ? f_angle_d          ? ? 
'X-RAY DIFFRACTION' ? 12.856 ? 187 ? f_dihedral_angle_d ? ? 
'X-RAY DIFFRACTION' ? 0.072  ? 70  ? f_chiral_restr     ? ? 
'X-RAY DIFFRACTION' ? 0.007  ? 86  ? f_plane_restr      ? ? 
# 
loop_
_refine_ls_shell.pdbx_refine_id 
_refine_ls_shell.d_res_high 
_refine_ls_shell.d_res_low 
_refine_ls_shell.number_reflns_all 
_refine_ls_shell.number_reflns_obs 
_refine_ls_shell.number_reflns_R_free 
_refine_ls_shell.number_reflns_R_work 
_refine_ls_shell.percent_reflns_obs 
_refine_ls_shell.percent_reflns_R_free 
_refine_ls_shell.R_factor_all 
_refine_ls_shell.R_factor_obs 
_refine_ls_shell.R_factor_R_free 
_refine_ls_shell.R_factor_R_free_error 
_refine_ls_shell.R_factor_R_work 
_refine_ls_shell.redundancy_reflns_all 
_refine_ls_shell.redundancy_reflns_obs 
_refine_ls_shell.wR_factor_all 
_refine_ls_shell.wR_factor_obs 
_refine_ls_shell.wR_factor_R_free 
_refine_ls_shell.wR_factor_R_work 
_refine_ls_shell.pdbx_total_number_of_bins_used 
_refine_ls_shell.pdbx_phase_error 
_refine_ls_shell.pdbx_fsc_work 
_refine_ls_shell.pdbx_fsc_free 
'X-RAY DIFFRACTION' 1.7022 1.9484  . . 136 2530 100.00 . . . 0.1373 . 0.0926 . . . . . . . . . . 
'X-RAY DIFFRACTION' 1.9484 2.4544  . . 140 2569 100.00 . . . 0.1688 . 0.1469 . . . . . . . . . . 
'X-RAY DIFFRACTION' 2.4544 23.5378 . . 157 2691 99.00  . . . 0.1929 . 0.1638 . . . . . . . . . . 
# 
_struct.entry_id                     5VAB 
_struct.title                        'Crystal structure of ATXR5 PHD domain in complex with histone H3' 
_struct.pdbx_model_details           ? 
_struct.pdbx_formula_weight          ? 
_struct.pdbx_formula_weight_method   ? 
_struct.pdbx_model_type_details      ? 
_struct.pdbx_CASP_flag               N 
# 
_struct_keywords.entry_id        5VAB 
_struct_keywords.text            'TRANSFERASE-DNA BINDING PROTEIN complex' 
_struct_keywords.pdbx_keywords   'TRANSFERASE/DNA BINDING PROTEIN' 
# 
loop_
_struct_asym.id 
_struct_asym.pdbx_blank_PDB_chainid_flag 
_struct_asym.pdbx_modified 
_struct_asym.entity_id 
_struct_asym.details 
A N N 1 ? 
B N N 2 ? 
C N N 3 ? 
D N N 3 ? 
E N N 4 ? 
F N N 4 ? 
# 
_struct_conf.conf_type_id            HELX_P 
_struct_conf.id                      HELX_P1 
_struct_conf.pdbx_PDB_helix_id       AA1 
_struct_conf.beg_label_comp_id       SER 
_struct_conf.beg_label_asym_id       A 
_struct_conf.beg_label_seq_id        16 
_struct_conf.pdbx_beg_PDB_ins_code   ? 
_struct_conf.end_label_comp_id       SER 
_struct_conf.end_label_asym_id       A 
_struct_conf.end_label_seq_id        18 
_struct_conf.pdbx_end_PDB_ins_code   ? 
_struct_conf.beg_auth_comp_id        SER 
_struct_conf.beg_auth_asym_id        A 
_struct_conf.beg_auth_seq_id         33 
_struct_conf.end_auth_comp_id        SER 
_struct_conf.end_auth_asym_id        A 
_struct_conf.end_auth_seq_id         35 
_struct_conf.pdbx_PDB_helix_class    5 
_struct_conf.details                 ? 
_struct_conf.pdbx_PDB_helix_length   3 
# 
_struct_conf_type.id          HELX_P 
_struct_conf_type.criteria    ? 
_struct_conf_type.reference   ? 
# 
loop_
_struct_conn.id 
_struct_conn.conn_type_id 
_struct_conn.pdbx_leaving_atom_flag 
_struct_conn.pdbx_PDB_id 
_struct_conn.ptnr1_label_asym_id 
_struct_conn.ptnr1_label_comp_id 
_struct_conn.ptnr1_label_seq_id 
_struct_conn.ptnr1_label_atom_id 
_struct_conn.pdbx_ptnr1_label_alt_id 
_struct_conn.pdbx_ptnr1_PDB_ins_code 
_struct_conn.pdbx_ptnr1_standard_comp_id 
_struct_conn.ptnr1_symmetry 
_struct_conn.ptnr2_label_asym_id 
_struct_conn.ptnr2_label_comp_id 
_struct_conn.ptnr2_label_seq_id 
_struct_conn.ptnr2_label_atom_id 
_struct_conn.pdbx_ptnr2_label_alt_id 
_struct_conn.pdbx_ptnr2_PDB_ins_code 
_struct_conn.ptnr1_auth_asym_id 
_struct_conn.ptnr1_auth_comp_id 
_struct_conn.ptnr1_auth_seq_id 
_struct_conn.ptnr2_auth_asym_id 
_struct_conn.ptnr2_auth_comp_id 
_struct_conn.ptnr2_auth_seq_id 
_struct_conn.ptnr2_symmetry 
_struct_conn.pdbx_ptnr3_label_atom_id 
_struct_conn.pdbx_ptnr3_label_seq_id 
_struct_conn.pdbx_ptnr3_label_comp_id 
_struct_conn.pdbx_ptnr3_label_asym_id 
_struct_conn.pdbx_ptnr3_label_alt_id 
_struct_conn.pdbx_ptnr3_PDB_ins_code 
_struct_conn.details 
_struct_conn.pdbx_dist_value 
_struct_conn.pdbx_value_order 
_struct_conn.pdbx_role 
metalc1 metalc ? ? A CYS 8  SG  ? ? ? 1_555 C ZN . ZN ? ? A CYS 25 A ZN 101 1_555 ? ? ? ? ? ? ? 2.345 ? ? 
metalc2 metalc ? ? A CYS 11 SG  ? ? ? 1_555 C ZN . ZN ? ? A CYS 28 A ZN 101 1_555 ? ? ? ? ? ? ? 2.346 ? ? 
metalc3 metalc ? ? A CYS 23 SG  ? ? ? 1_555 D ZN . ZN ? ? A CYS 40 A ZN 102 1_555 ? ? ? ? ? ? ? 2.339 ? ? 
metalc4 metalc ? ? A CYS 26 SG  ? ? ? 1_555 D ZN . ZN ? ? A CYS 43 A ZN 102 1_555 ? ? ? ? ? ? ? 2.361 ? ? 
metalc5 metalc ? ? A HIS 31 ND1 ? ? ? 1_555 C ZN . ZN ? ? A HIS 48 A ZN 101 1_555 ? ? ? ? ? ? ? 2.122 ? ? 
metalc6 metalc ? ? A CYS 34 SG  ? ? ? 1_555 C ZN . ZN ? ? A CYS 51 A ZN 101 1_555 ? ? ? ? ? ? ? 2.270 ? ? 
metalc7 metalc ? ? A CYS 49 SG  ? ? ? 1_555 D ZN . ZN ? ? A CYS 66 A ZN 102 1_555 ? ? ? ? ? ? ? 2.322 ? ? 
metalc8 metalc ? ? A CYS 52 SG  ? ? ? 1_555 D ZN . ZN ? ? A CYS 69 A ZN 102 1_555 ? ? ? ? ? ? ? 2.299 ? ? 
# 
_struct_conn_type.id          metalc 
_struct_conn_type.criteria    ? 
_struct_conn_type.reference   ? 
# 
_struct_mon_prot_cis.pdbx_id                1 
_struct_mon_prot_cis.label_comp_id          ARG 
_struct_mon_prot_cis.label_seq_id           36 
_struct_mon_prot_cis.label_asym_id          A 
_struct_mon_prot_cis.label_alt_id           . 
_struct_mon_prot_cis.pdbx_PDB_ins_code      ? 
_struct_mon_prot_cis.auth_comp_id           ARG 
_struct_mon_prot_cis.auth_seq_id            53 
_struct_mon_prot_cis.auth_asym_id           A 
_struct_mon_prot_cis.pdbx_label_comp_id_2   PRO 
_struct_mon_prot_cis.pdbx_label_seq_id_2    37 
_struct_mon_prot_cis.pdbx_label_asym_id_2   A 
_struct_mon_prot_cis.pdbx_PDB_ins_code_2    ? 
_struct_mon_prot_cis.pdbx_auth_comp_id_2    PRO 
_struct_mon_prot_cis.pdbx_auth_seq_id_2     54 
_struct_mon_prot_cis.pdbx_auth_asym_id_2    A 
_struct_mon_prot_cis.pdbx_PDB_model_num     1 
_struct_mon_prot_cis.pdbx_omega_angle       1.72 
# 
_struct_sheet.id               AA1 
_struct_sheet.type             ? 
_struct_sheet.number_strands   3 
_struct_sheet.details          ? 
# 
loop_
_struct_sheet_order.sheet_id 
_struct_sheet_order.range_id_1 
_struct_sheet_order.range_id_2 
_struct_sheet_order.offset 
_struct_sheet_order.sense 
AA1 1 2 ? anti-parallel 
AA1 2 3 ? anti-parallel 
# 
loop_
_struct_sheet_range.sheet_id 
_struct_sheet_range.id 
_struct_sheet_range.beg_label_comp_id 
_struct_sheet_range.beg_label_asym_id 
_struct_sheet_range.beg_label_seq_id 
_struct_sheet_range.pdbx_beg_PDB_ins_code 
_struct_sheet_range.end_label_comp_id 
_struct_sheet_range.end_label_asym_id 
_struct_sheet_range.end_label_seq_id 
_struct_sheet_range.pdbx_end_PDB_ins_code 
_struct_sheet_range.beg_auth_comp_id 
_struct_sheet_range.beg_auth_asym_id 
_struct_sheet_range.beg_auth_seq_id 
_struct_sheet_range.end_auth_comp_id 
_struct_sheet_range.end_auth_asym_id 
_struct_sheet_range.end_auth_seq_id 
AA1 1 GLY A 29 ? HIS A 31 ? GLY A 46 HIS A 48 
AA1 2 LEU A 20 ? LEU A 22 ? LEU A 37 LEU A 39 
AA1 3 ARG B 2  ? THR B 3  ? ARG F 2  THR F 3  
# 
loop_
_pdbx_struct_sheet_hbond.sheet_id 
_pdbx_struct_sheet_hbond.range_id_1 
_pdbx_struct_sheet_hbond.range_id_2 
_pdbx_struct_sheet_hbond.range_1_label_atom_id 
_pdbx_struct_sheet_hbond.range_1_label_comp_id 
_pdbx_struct_sheet_hbond.range_1_label_asym_id 
_pdbx_struct_sheet_hbond.range_1_label_seq_id 
_pdbx_struct_sheet_hbond.range_1_PDB_ins_code 
_pdbx_struct_sheet_hbond.range_1_auth_atom_id 
_pdbx_struct_sheet_hbond.range_1_auth_comp_id 
_pdbx_struct_sheet_hbond.range_1_auth_asym_id 
_pdbx_struct_sheet_hbond.range_1_auth_seq_id 
_pdbx_struct_sheet_hbond.range_2_label_atom_id 
_pdbx_struct_sheet_hbond.range_2_label_comp_id 
_pdbx_struct_sheet_hbond.range_2_label_asym_id 
_pdbx_struct_sheet_hbond.range_2_label_seq_id 
_pdbx_struct_sheet_hbond.range_2_PDB_ins_code 
_pdbx_struct_sheet_hbond.range_2_auth_atom_id 
_pdbx_struct_sheet_hbond.range_2_auth_comp_id 
_pdbx_struct_sheet_hbond.range_2_auth_asym_id 
_pdbx_struct_sheet_hbond.range_2_auth_seq_id 
AA1 1 2 O TYR A 30 ? O TYR A 47 N LEU A 21 ? N LEU A 38 
AA1 2 3 N LEU A 22 ? N LEU A 39 O ARG B 2  ? O ARG F 2  
# 
loop_
_struct_site.id 
_struct_site.pdbx_evidence_code 
_struct_site.pdbx_auth_asym_id 
_struct_site.pdbx_auth_comp_id 
_struct_site.pdbx_auth_seq_id 
_struct_site.pdbx_auth_ins_code 
_struct_site.pdbx_num_residues 
_struct_site.details 
AC1 Software A ZN 101 ? 4 'binding site for residue ZN A 101' 
AC2 Software A ZN 102 ? 5 'binding site for residue ZN A 102' 
# 
loop_
_struct_site_gen.id 
_struct_site_gen.site_id 
_struct_site_gen.pdbx_num_res 
_struct_site_gen.label_comp_id 
_struct_site_gen.label_asym_id 
_struct_site_gen.label_seq_id 
_struct_site_gen.pdbx_auth_ins_code 
_struct_site_gen.auth_comp_id 
_struct_site_gen.auth_asym_id 
_struct_site_gen.auth_seq_id 
_struct_site_gen.label_atom_id 
_struct_site_gen.label_alt_id 
_struct_site_gen.symmetry 
_struct_site_gen.details 
1 AC1 4 CYS A 8  ? CYS A 25 . ? 1_555 ? 
2 AC1 4 CYS A 11 ? CYS A 28 . ? 1_555 ? 
3 AC1 4 HIS A 31 ? HIS A 48 . ? 1_555 ? 
4 AC1 4 CYS A 34 ? CYS A 51 . ? 1_555 ? 
5 AC2 5 CYS A 23 ? CYS A 40 . ? 1_555 ? 
6 AC2 5 CYS A 26 ? CYS A 43 . ? 1_555 ? 
7 AC2 5 CYS A 49 ? CYS A 66 . ? 1_555 ? 
8 AC2 5 SER A 51 ? SER A 68 . ? 1_555 ? 
9 AC2 5 CYS A 52 ? CYS A 69 . ? 1_555 ? 
# 
_atom_sites.entry_id                    5VAB 
_atom_sites.fract_transf_matrix[1][1]   -0.01441868 
_atom_sites.fract_transf_matrix[1][2]   -0.01517178 
_atom_sites.fract_transf_matrix[1][3]   0.00884352 
_atom_sites.fract_transf_matrix[2][1]   0.01578382 
_atom_sites.fract_transf_matrix[2][2]   -0.01621226 
_atom_sites.fract_transf_matrix[2][3]   -0.00207915 
_atom_sites.fract_transf_matrix[3][1]   0.00470896 
_atom_sites.fract_transf_matrix[3][2]   0.00295070 
_atom_sites.fract_transf_matrix[3][3]   0.01273975 
_atom_sites.fract_transf_vector[1]      0.297274 
_atom_sites.fract_transf_vector[2]      -0.091161 
_atom_sites.fract_transf_vector[3]      0.010925 
# 
loop_
_atom_type.symbol 
C  
N  
O  
S  
ZN 
# 
loop_
_atom_site.group_PDB 
_atom_site.id 
_atom_site.type_symbol 
_atom_site.label_atom_id 
_atom_site.label_alt_id 
_atom_site.label_comp_id 
_atom_site.label_asym_id 
_atom_site.label_entity_id 
_atom_site.label_seq_id 
_atom_site.pdbx_PDB_ins_code 
_atom_site.Cartn_x 
_atom_site.Cartn_y 
_atom_site.Cartn_z 
_atom_site.occupancy 
_atom_site.B_iso_or_equiv 
_atom_site.pdbx_formal_charge 
_atom_site.auth_seq_id 
_atom_site.auth_comp_id 
_atom_site.auth_asym_id 
_atom_site.auth_atom_id 
_atom_site.pdbx_PDB_model_num 
ATOM   1   N  N   . GLY A 1 1  ? 1.925   -5.673  17.119  1.00 42.15 ? 18  GLY A N   1 
ATOM   2   C  CA  . GLY A 1 1  ? 2.181   -6.932  16.445  1.00 41.25 ? 18  GLY A CA  1 
ATOM   3   C  C   . GLY A 1 1  ? 2.926   -6.748  15.140  1.00 40.32 ? 18  GLY A C   1 
ATOM   4   O  O   . GLY A 1 1  ? 3.155   -5.624  14.691  1.00 40.86 ? 18  GLY A O   1 
ATOM   5   N  N   . ALA A 1 2  ? 3.303   -7.862  14.528  1.00 38.79 ? 19  ALA A N   1 
ATOM   6   C  CA  . ALA A 1 2  ? 4.123   -7.831  13.327  1.00 36.99 ? 19  ALA A CA  1 
ATOM   7   C  C   . ALA A 1 2  ? 3.336   -7.346  12.120  1.00 35.41 ? 19  ALA A C   1 
ATOM   8   O  O   . ALA A 1 2  ? 2.115   -7.485  12.062  1.00 35.10 ? 19  ALA A O   1 
ATOM   9   C  CB  . ALA A 1 2  ? 4.703   -9.205  13.052  1.00 36.83 ? 19  ALA A CB  1 
ATOM   10  N  N   . MET A 1 3  ? 4.046   -6.774  11.156  1.00 33.95 ? 20  MET A N   1 
ATOM   11  C  CA  . MET A 1 3  ? 3.443   -6.450  9.871   1.00 32.13 ? 20  MET A CA  1 
ATOM   12  C  C   . MET A 1 3  ? 3.292   -7.738  9.067   1.00 33.37 ? 20  MET A C   1 
ATOM   13  O  O   . MET A 1 3  ? 3.975   -8.729  9.342   1.00 34.07 ? 20  MET A O   1 
ATOM   14  C  CB  . MET A 1 3  ? 4.319   -5.459  9.106   1.00 29.82 ? 20  MET A CB  1 
ATOM   15  C  CG  . MET A 1 3  ? 4.383   -4.073  9.725   1.00 28.42 ? 20  MET A CG  1 
ATOM   16  S  SD  . MET A 1 3  ? 5.551   -2.989  8.869   1.00 26.89 ? 20  MET A SD  1 
ATOM   17  C  CE  . MET A 1 3  ? 7.106   -3.616  9.500   1.00 26.99 ? 20  MET A CE  1 
ATOM   18  N  N   . GLY A 1 4  ? 2.393   -7.733  8.086   1.00 34.11 ? 21  GLY A N   1 
ATOM   19  C  CA  . GLY A 1 4  ? 2.264   -8.853  7.171   1.00 35.34 ? 21  GLY A CA  1 
ATOM   20  C  C   . GLY A 1 4  ? 3.418   -8.870  6.185   1.00 36.08 ? 21  GLY A C   1 
ATOM   21  O  O   . GLY A 1 4  ? 4.211   -7.928  6.144   1.00 36.96 ? 21  GLY A O   1 
ATOM   22  N  N   . SER A 1 5  ? 3.507   -9.921  5.375   1.00 35.30 ? 22  SER A N   1 
ATOM   23  C  CA  . SER A 1 5  ? 4.667   -10.123 4.508   1.00 35.23 ? 22  SER A CA  1 
ATOM   24  C  C   . SER A 1 5  ? 4.570   -9.423  3.148   1.00 33.42 ? 22  SER A C   1 
ATOM   25  O  O   . SER A 1 5  ? 5.308   -9.761  2.216   1.00 33.96 ? 22  SER A O   1 
ATOM   26  C  CB  . SER A 1 5  ? 4.894   -11.616 4.284   1.00 36.80 ? 22  SER A CB  1 
ATOM   27  O  OG  . SER A 1 5  ? 3.897   -12.154 3.430   1.00 37.50 ? 22  SER A OG  1 
ATOM   28  N  N   . VAL A 1 6  ? 3.679   -8.446  3.028   1.00 30.33 ? 23  VAL A N   1 
ATOM   29  C  CA  . VAL A 1 6  ? 3.435   -7.811  1.733   1.00 26.76 ? 23  VAL A CA  1 
ATOM   30  C  C   . VAL A 1 6  ? 4.665   -7.099  1.142   1.00 23.55 ? 23  VAL A C   1 
ATOM   31  O  O   . VAL A 1 6  ? 5.474   -6.512  1.866   1.00 21.79 ? 23  VAL A O   1 
ATOM   32  C  CB  . VAL A 1 6  ? 2.199   -6.867  1.781   1.00 27.44 ? 23  VAL A CB  1 
ATOM   33  C  CG1 . VAL A 1 6  ? 2.440   -5.709  2.712   1.00 27.34 ? 23  VAL A CG1 1 
ATOM   34  C  CG2 . VAL A 1 6  ? 1.823   -6.376  0.382   1.00 28.56 ? 23  VAL A CG2 1 
ATOM   35  N  N   . SER A 1 7  ? 4.806   -7.197  -0.180  1.00 22.09 ? 24  SER A N   1 
ATOM   36  C  CA  . SER A 1 7  ? 5.833   -6.487  -0.928  1.00 20.64 ? 24  SER A CA  1 
ATOM   37  C  C   . SER A 1 7  ? 5.159   -5.654  -1.998  1.00 18.16 ? 24  SER A C   1 
ATOM   38  O  O   . SER A 1 7  ? 4.046   -5.961  -2.420  1.00 19.35 ? 24  SER A O   1 
ATOM   39  C  CB  . SER A 1 7  ? 6.778   -7.470  -1.612  1.00 22.92 ? 24  SER A CB  1 
ATOM   40  O  OG  . SER A 1 7  ? 7.601   -8.107  -0.666  1.00 26.82 ? 24  SER A OG  1 
ATOM   41  N  N   . CYS A 1 8  ? 5.837   -4.603  -2.441  1.00 15.40 ? 25  CYS A N   1 
ATOM   42  C  CA  . CYS A 1 8  ? 5.347   -3.786  -3.549  1.00 14.56 ? 25  CYS A CA  1 
ATOM   43  C  C   . CYS A 1 8  ? 5.389   -4.574  -4.856  1.00 14.92 ? 25  CYS A C   1 
ATOM   44  O  O   . CYS A 1 8  ? 6.402   -5.201  -5.176  1.00 15.22 ? 25  CYS A O   1 
ATOM   45  C  CB  . CYS A 1 8  ? 6.209   -2.530  -3.675  1.00 13.65 ? 25  CYS A CB  1 
ATOM   46  S  SG  . CYS A 1 8  ? 5.865   -1.479  -5.109  1.00 12.46 ? 25  CYS A SG  1 
ATOM   47  N  N   . GLU A 1 9  ? 4.293   -4.542  -5.610  1.00 14.53 ? 26  GLU A N   1 
ATOM   48  C  CA  . GLU A 1 9  ? 4.210   -5.305  -6.856  1.00 16.33 ? 26  GLU A CA  1 
ATOM   49  C  C   . GLU A 1 9  ? 5.130   -4.751  -7.931  1.00 16.91 ? 26  GLU A C   1 
ATOM   50  O  O   . GLU A 1 9  ? 5.533   -5.476  -8.843  1.00 17.98 ? 26  GLU A O   1 
ATOM   51  C  CB  . GLU A 1 9  ? 2.777   -5.337  -7.387  1.00 18.19 ? 26  GLU A CB  1 
ATOM   52  C  CG  . GLU A 1 9  ? 1.806   -6.141  -6.528  1.00 20.03 ? 26  GLU A CG  1 
ATOM   53  C  CD  . GLU A 1 9  ? 2.154   -7.618  -6.458  1.00 22.39 ? 26  GLU A CD  1 
ATOM   54  O  OE1 . GLU A 1 9  ? 2.607   -8.196  -7.477  1.00 24.53 ? 26  GLU A OE1 1 
ATOM   55  O  OE2 . GLU A 1 9  ? 1.979   -8.205  -5.375  1.00 22.98 ? 26  GLU A OE2 1 
ATOM   56  N  N   . GLU A 1 10 ? 5.438   -3.461  -7.836  1.00 15.91 ? 27  GLU A N   1 
ATOM   57  C  CA  . GLU A 1 10 ? 6.258   -2.809  -8.845  1.00 15.68 ? 27  GLU A CA  1 
ATOM   58  C  C   . GLU A 1 10 ? 7.744   -3.079  -8.675  1.00 16.43 ? 27  GLU A C   1 
ATOM   59  O  O   . GLU A 1 10 ? 8.425   -3.416  -9.643  1.00 18.60 ? 27  GLU A O   1 
ATOM   60  C  CB  . GLU A 1 10 ? 5.991   -1.306  -8.856  1.00 15.73 ? 27  GLU A CB  1 
ATOM   61  C  CG  . GLU A 1 10 ? 4.699   -0.953  -9.552  1.00 16.99 ? 27  GLU A CG  1 
ATOM   62  C  CD  . GLU A 1 10 ? 4.787   -1.213  -11.039 1.00 19.66 ? 27  GLU A CD  1 
ATOM   63  O  OE1 . GLU A 1 10 ? 5.744   -0.715  -11.669 1.00 20.92 ? 27  GLU A OE1 1 
ATOM   64  O  OE2 . GLU A 1 10 ? 3.922   -1.929  -11.576 1.00 21.74 ? 27  GLU A OE2 1 
ATOM   65  N  N   . CYS A 1 11 ? 8.246   -2.938  -7.451  1.00 15.78 ? 28  CYS A N   1 
ATOM   66  C  CA  . CYS A 1 11 ? 9.690   -3.027  -7.225  1.00 16.97 ? 28  CYS A CA  1 
ATOM   67  C  C   . CYS A 1 11 ? 10.122  -4.292  -6.489  1.00 18.01 ? 28  CYS A C   1 
ATOM   68  O  O   . CYS A 1 11 ? 11.320  -4.578  -6.389  1.00 19.70 ? 28  CYS A O   1 
ATOM   69  C  CB  . CYS A 1 11 ? 10.208  -1.796  -6.479  1.00 17.10 ? 28  CYS A CB  1 
ATOM   70  S  SG  . CYS A 1 11 ? 9.703   -1.695  -4.748  1.00 16.16 ? 28  CYS A SG  1 
ATOM   71  N  N   . GLY A 1 12 ? 9.151   -5.036  -5.971  1.00 17.16 ? 29  GLY A N   1 
ATOM   72  C  CA  . GLY A 1 12 ? 9.418   -6.279  -5.270  1.00 18.00 ? 29  GLY A CA  1 
ATOM   73  C  C   . GLY A 1 12 ? 9.844   -6.070  -3.832  1.00 18.86 ? 29  GLY A C   1 
ATOM   74  O  O   . GLY A 1 12 ? 10.082  -7.030  -3.101  1.00 21.27 ? 29  GLY A O   1 
ATOM   75  N  N   . GLY A 1 13 ? 9.928   -4.816  -3.412  1.00 18.29 ? 30  GLY A N   1 
ATOM   76  C  CA  . GLY A 1 13 ? 10.460  -4.505  -2.096  1.00 17.95 ? 30  GLY A CA  1 
ATOM   77  C  C   . GLY A 1 13 ? 9.423   -4.396  -0.996  1.00 19.00 ? 30  GLY A C   1 
ATOM   78  O  O   . GLY A 1 13 ? 8.304   -3.929  -1.227  1.00 20.33 ? 30  GLY A O   1 
ATOM   79  N  N   . GLY A 1 14 ? 9.804   -4.815  0.209   1.00 19.24 ? 31  GLY A N   1 
ATOM   80  C  CA  . GLY A 1 14 ? 8.930   -4.732  1.367   1.00 19.15 ? 31  GLY A CA  1 
ATOM   81  C  C   . GLY A 1 14 ? 9.343   -3.631  2.324   1.00 19.61 ? 31  GLY A C   1 
ATOM   82  O  O   . GLY A 1 14 ? 8.821   -3.528  3.439   1.00 20.62 ? 31  GLY A O   1 
ATOM   83  N  N   . HIS A 1 15 ? 10.288  -2.807  1.879   1.00 19.25 ? 32  HIS A N   1 
ATOM   84  C  CA  . HIS A 1 15 ? 10.778  -1.666  2.648   1.00 19.29 ? 32  HIS A CA  1 
ATOM   85  C  C   . HIS A 1 15 ? 9.788   -0.503  2.613   1.00 17.85 ? 32  HIS A C   1 
ATOM   86  O  O   . HIS A 1 15 ? 8.756   -0.580  1.944   1.00 18.28 ? 32  HIS A O   1 
ATOM   87  C  CB  . HIS A 1 15 ? 12.118  -1.205  2.074   1.00 20.89 ? 32  HIS A CB  1 
ATOM   88  C  CG  . HIS A 1 15 ? 12.051  -0.802  0.631   1.00 22.90 ? 32  HIS A CG  1 
ATOM   89  N  ND1 . HIS A 1 15 ? 12.043  0.517   0.226   1.00 23.85 ? 32  HIS A ND1 1 
ATOM   90  C  CD2 . HIS A 1 15 ? 11.977  -1.542  -0.502  1.00 23.10 ? 32  HIS A CD2 1 
ATOM   91  C  CE1 . HIS A 1 15 ? 11.975  0.572   -1.093  1.00 23.86 ? 32  HIS A CE1 1 
ATOM   92  N  NE2 . HIS A 1 15 ? 11.935  -0.661  -1.559  1.00 23.93 ? 32  HIS A NE2 1 
ATOM   93  N  N   . SER A 1 16 ? 10.114  0.571   3.331   1.00 17.19 ? 33  SER A N   1 
ATOM   94  C  CA  . SER A 1 16 ? 9.269   1.770   3.395   1.00 16.84 ? 33  SER A CA  1 
ATOM   95  C  C   . SER A 1 16 ? 7.801   1.447   3.659   1.00 16.40 ? 33  SER A C   1 
ATOM   96  O  O   . SER A 1 16 ? 6.928   1.868   2.901   1.00 15.63 ? 33  SER A O   1 
ATOM   97  C  CB  . SER A 1 16 ? 9.381   2.572   2.097   1.00 19.02 ? 33  SER A CB  1 
ATOM   98  O  OG  . SER A 1 16 ? 10.741  2.803   1.779   1.00 22.24 ? 33  SER A OG  1 
ATOM   99  N  N   . PRO A 1 17 ? 7.524   0.700   4.737   1.00 15.52 ? 34  PRO A N   1 
ATOM   100 C  CA  . PRO A 1 17 ? 6.159   0.199   4.910   1.00 14.70 ? 34  PRO A CA  1 
ATOM   101 C  C   . PRO A 1 17 ? 5.132   1.301   5.110   1.00 14.40 ? 34  PRO A C   1 
ATOM   102 O  O   . PRO A 1 17 ? 3.960   1.078   4.790   1.00 15.42 ? 34  PRO A O   1 
ATOM   103 C  CB  . PRO A 1 17 ? 6.265   -0.676  6.162   1.00 15.55 ? 34  PRO A CB  1 
ATOM   104 C  CG  . PRO A 1 17 ? 7.442   -0.133  6.899   1.00 16.64 ? 34  PRO A CG  1 
ATOM   105 C  CD  . PRO A 1 17 ? 8.404   0.290   5.845   1.00 16.54 ? 34  PRO A CD  1 
ATOM   106 N  N   . SER A 1 18 ? 5.553   2.462   5.613   1.00 13.94 ? 35  SER A N   1 
ATOM   107 C  CA  . SER A 1 18 ? 4.624   3.571   5.831   1.00 14.62 ? 35  SER A CA  1 
ATOM   108 C  C   . SER A 1 18 ? 4.134   4.172   4.516   1.00 14.38 ? 35  SER A C   1 
ATOM   109 O  O   . SER A 1 18 ? 3.158   4.920   4.506   1.00 15.59 ? 35  SER A O   1 
ATOM   110 C  CB  . SER A 1 18 ? 5.270   4.668   6.669   1.00 16.10 ? 35  SER A CB  1 
ATOM   111 O  OG  . SER A 1 18 ? 6.302   5.289   5.939   1.00 18.13 ? 35  SER A OG  1 
ATOM   112 N  N   . LYS A 1 19 ? 4.823   3.854   3.419   1.00 12.77 ? 36  LYS A N   1 
ATOM   113 C  CA  . LYS A 1 19 ? 4.446   4.340   2.096   1.00 12.83 ? 36  LYS A CA  1 
ATOM   114 C  C   . LYS A 1 19 ? 3.962   3.211   1.187   1.00 12.37 ? 36  LYS A C   1 
ATOM   115 O  O   . LYS A 1 19 ? 3.760   3.412   -0.015  1.00 12.78 ? 36  LYS A O   1 
ATOM   116 C  CB  . LYS A 1 19 ? 5.624   5.063   1.433   1.00 13.79 ? 36  LYS A CB  1 
ATOM   117 C  CG  . LYS A 1 19 ? 6.101   6.314   2.160   1.00 14.46 ? 36  LYS A CG  1 
ATOM   118 C  CD  . LYS A 1 19 ? 7.168   7.025   1.340   1.00 15.83 ? 36  LYS A CD  1 
ATOM   119 C  CE  . LYS A 1 19 ? 7.552   8.370   1.944   1.00 16.11 ? 36  LYS A CE  1 
ATOM   120 N  NZ  . LYS A 1 19 ? 8.090   8.275   3.328   1.00 16.92 ? 36  LYS A NZ  1 
ATOM   121 N  N   . LEU A 1 20 ? 3.789   2.015   1.741   1.00 12.27 ? 37  LEU A N   1 
ATOM   122 C  CA  . LEU A 1 20 ? 3.436   0.868   0.907   1.00 12.39 ? 37  LEU A CA  1 
ATOM   123 C  C   . LEU A 1 20 ? 1.923   0.674   0.965   1.00 12.91 ? 37  LEU A C   1 
ATOM   124 O  O   . LEU A 1 20 ? 1.404   0.051   1.890   1.00 14.25 ? 37  LEU A O   1 
ATOM   125 C  CB  . LEU A 1 20 ? 4.214   -0.391  1.338   1.00 13.58 ? 37  LEU A CB  1 
ATOM   126 C  CG  . LEU A 1 20 ? 4.514   -1.465  0.288   1.00 14.50 ? 37  LEU A CG  1 
ATOM   127 C  CD1 . LEU A 1 20 ? 5.468   -2.530  0.822   1.00 14.94 ? 37  LEU A CD1 1 
ATOM   128 C  CD2 . LEU A 1 20 ? 3.235   -2.120  -0.229  1.00 15.66 ? 37  LEU A CD2 1 
ATOM   129 N  N   . LEU A 1 21 ? 1.228   1.254   -0.012  1.00 11.18 ? 38  LEU A N   1 
ATOM   130 C  CA  . LEU A 1 21 ? -0.240  1.306   -0.028  1.00 12.28 ? 38  LEU A CA  1 
ATOM   131 C  C   . LEU A 1 21 ? -0.854  -0.028  -0.396  1.00 12.25 ? 38  LEU A C   1 
ATOM   132 O  O   . LEU A 1 21 ? -0.367  -0.708  -1.292  1.00 14.74 ? 38  LEU A O   1 
ATOM   133 C  CB  . LEU A 1 21 ? -0.727  2.313   -1.069  1.00 15.15 ? 38  LEU A CB  1 
ATOM   134 C  CG  . LEU A 1 21 ? -0.987  3.766   -0.727  1.00 17.70 ? 38  LEU A CG  1 
ATOM   135 C  CD1 . LEU A 1 21 ? -1.705  4.445   -1.888  1.00 16.09 ? 38  LEU A CD1 1 
ATOM   136 C  CD2 . LEU A 1 21 ? -1.781  3.872   0.569   1.00 18.99 ? 38  LEU A CD2 1 
ATOM   137 N  N   . LEU A 1 22 ? -1.945  -0.382  0.268   1.00 11.45 ? 39  LEU A N   1 
ATOM   138 C  CA  . LEU A 1 22 ? -2.671  -1.608  -0.051  1.00 11.56 ? 39  LEU A CA  1 
ATOM   139 C  C   . LEU A 1 22 ? -3.986  -1.262  -0.748  1.00 12.10 ? 39  LEU A C   1 
ATOM   140 O  O   . LEU A 1 22 ? -4.772  -0.461  -0.244  1.00 14.35 ? 39  LEU A O   1 
ATOM   141 C  CB  . LEU A 1 22 ? -2.945  -2.401  1.233   1.00 12.96 ? 39  LEU A CB  1 
ATOM   142 C  CG  . LEU A 1 22 ? -1.716  -2.737  2.087   1.00 14.49 ? 39  LEU A CG  1 
ATOM   143 C  CD1 . LEU A 1 22 ? -2.122  -3.413  3.396   1.00 14.61 ? 39  LEU A CD1 1 
ATOM   144 C  CD2 . LEU A 1 22 ? -0.737  -3.601  1.309   1.00 16.94 ? 39  LEU A CD2 1 
ATOM   145 N  N   . CYS A 1 23 ? -4.241  -1.860  -1.905  1.00 11.21 ? 40  CYS A N   1 
ATOM   146 C  CA  . CYS A 1 23 ? -5.462  -1.547  -2.640  1.00 11.59 ? 40  CYS A CA  1 
ATOM   147 C  C   . CYS A 1 23 ? -6.700  -2.120  -1.955  1.00 12.55 ? 40  CYS A C   1 
ATOM   148 O  O   . CYS A 1 23 ? -6.695  -3.269  -1.516  1.00 13.17 ? 40  CYS A O   1 
ATOM   149 C  CB  . CYS A 1 23 ? -5.364  -2.104  -4.055  1.00 12.22 ? 40  CYS A CB  1 
ATOM   150 S  SG  . CYS A 1 23 ? -6.875  -1.914  -5.010  1.00 12.70 ? 40  CYS A SG  1 
ATOM   151 N  N   . ASP A 1 24 ? -7.766  -1.328  -1.881  1.00 12.68 ? 41  ASP A N   1 
ATOM   152 C  CA  . ASP A 1 24 ? -8.968  -1.747  -1.165  1.00 13.64 ? 41  ASP A CA  1 
ATOM   153 C  C   . ASP A 1 24 ? -9.882  -2.697  -1.931  1.00 14.39 ? 41  ASP A C   1 
ATOM   154 O  O   . ASP A 1 24 ? -10.962 -3.050  -1.448  1.00 15.65 ? 41  ASP A O   1 
ATOM   155 C  CB  . ASP A 1 24 ? -9.731  -0.535  -0.628  1.00 14.81 ? 41  ASP A CB  1 
ATOM   156 C  CG  . ASP A 1 24 ? -9.049  0.074   0.571   1.00 17.55 ? 41  ASP A CG  1 
ATOM   157 O  OD1 . ASP A 1 24 ? -8.233  -0.630  1.198   1.00 18.93 ? 41  ASP A OD1 1 
ATOM   158 O  OD2 . ASP A 1 24 ? -9.315  1.245   0.890   1.00 19.76 ? 41  ASP A OD2 1 
ATOM   159 N  N   . LYS A 1 25 ? -9.453  -3.113  -3.121  1.00 15.05 ? 42  LYS A N   1 
ATOM   160 C  CA  . LYS A 1 25 ? -10.073 -4.263  -3.760  1.00 15.69 ? 42  LYS A CA  1 
ATOM   161 C  C   . LYS A 1 25 ? -9.111  -5.447  -3.833  1.00 15.40 ? 42  LYS A C   1 
ATOM   162 O  O   . LYS A 1 25 ? -9.262  -6.407  -3.079  1.00 15.64 ? 42  LYS A O   1 
ATOM   163 C  CB  . LYS A 1 25 ? -10.618 -3.929  -5.144  1.00 17.54 ? 42  LYS A CB  1 
ATOM   164 C  CG  . LYS A 1 25 ? -11.348 -5.110  -5.763  1.00 20.55 ? 42  LYS A CG  1 
ATOM   165 C  CD  . LYS A 1 25 ? -11.838 -4.823  -7.165  1.00 23.64 ? 42  LYS A CD  1 
ATOM   166 C  CE  . LYS A 1 25 ? -12.100 -6.122  -7.923  1.00 26.18 ? 42  LYS A CE  1 
ATOM   167 N  NZ  . LYS A 1 25 ? -12.772 -7.161  -7.087  1.00 27.58 ? 42  LYS A NZ  1 
ATOM   168 N  N   . CYS A 1 26 ? -8.115  -5.369  -4.719  1.00 14.25 ? 43  CYS A N   1 
ATOM   169 C  CA  . CYS A 1 26 ? -7.223  -6.511  -4.970  1.00 13.77 ? 43  CYS A CA  1 
ATOM   170 C  C   . CYS A 1 26 ? -6.244  -6.803  -3.831  1.00 13.30 ? 43  CYS A C   1 
ATOM   171 O  O   . CYS A 1 26 ? -5.680  -7.894  -3.766  1.00 13.67 ? 43  CYS A O   1 
ATOM   172 C  CB  . CYS A 1 26 ? -6.450  -6.331  -6.283  1.00 14.56 ? 43  CYS A CB  1 
ATOM   173 S  SG  . CYS A 1 26 ? -5.171  -5.037  -6.253  1.00 13.92 ? 43  CYS A SG  1 
ATOM   174 N  N   . ASP A 1 27 ? -6.049  -5.827  -2.947  1.00 12.99 ? 44  ASP A N   1 
ATOM   175 C  CA  . ASP A 1 27 ? -5.159  -5.949  -1.775  1.00 12.98 ? 44  ASP A CA  1 
ATOM   176 C  C   . ASP A 1 27 ? -3.678  -6.129  -2.120  1.00 13.24 ? 44  ASP A C   1 
ATOM   177 O  O   . ASP A 1 27 ? -2.865  -6.478  -1.258  1.00 14.60 ? 44  ASP A O   1 
ATOM   178 C  CB  . ASP A 1 27 ? -5.637  -7.038  -0.803  1.00 13.14 ? 44  ASP A CB  1 
ATOM   179 C  CG  . ASP A 1 27 ? -5.303  -6.721  0.642   1.00 13.87 ? 44  ASP A CG  1 
ATOM   180 O  OD1 . ASP A 1 27 ? -5.234  -5.521  1.002   1.00 13.96 ? 44  ASP A OD1 1 
ATOM   181 O  OD2 . ASP A 1 27 ? -5.120  -7.676  1.430   1.00 15.69 ? 44  ASP A OD2 1 
ATOM   182 N  N   . ARG A 1 28 ? -3.318  -5.857  -3.369  1.00 12.61 ? 45  ARG A N   1 
ATOM   183 C  CA  . ARG A 1 28 ? -1.909  -5.796  -3.742  1.00 12.76 ? 45  ARG A CA  1 
ATOM   184 C  C   . ARG A 1 28 ? -1.295  -4.501  -3.215  1.00 12.81 ? 45  ARG A C   1 
ATOM   185 O  O   . ARG A 1 28 ? -2.000  -3.502  -3.024  1.00 13.24 ? 45  ARG A O   1 
ATOM   186 C  CB  . ARG A 1 28 ? -1.743  -5.865  -5.260  1.00 14.40 ? 45  ARG A CB  1 
ATOM   187 C  CG  . ARG A 1 28 ? -1.683  -7.274  -5.817  1.00 15.98 ? 45  ARG A CG  1 
ATOM   188 C  CD  . ARG A 1 28 ? -2.976  -8.035  -5.608  1.00 18.30 ? 45  ARG A CD  1 
ATOM   189 N  NE  . ARG A 1 28 ? -2.896  -9.393  -6.149  1.00 21.33 ? 45  ARG A NE  1 
ATOM   190 C  CZ  . ARG A 1 28 ? -3.865  -10.296 -6.043  1.00 22.53 ? 45  ARG A CZ  1 
ATOM   191 N  NH1 . ARG A 1 28 ? -4.995  -9.987  -5.421  1.00 22.46 ? 45  ARG A NH1 1 
ATOM   192 N  NH2 . ARG A 1 28 ? -3.707  -11.507 -6.558  1.00 24.40 ? 45  ARG A NH2 1 
ATOM   193 N  N   . GLY A 1 29 ? 0.012   -4.515  -2.983  1.00 12.24 ? 46  GLY A N   1 
ATOM   194 C  CA  . GLY A 1 29 ? 0.689   -3.362  -2.421  1.00 11.75 ? 46  GLY A CA  1 
ATOM   195 C  C   . GLY A 1 29 ? 1.479   -2.580  -3.450  1.00 11.88 ? 46  GLY A C   1 
ATOM   196 O  O   . GLY A 1 29 ? 2.066   -3.161  -4.365  1.00 12.35 ? 46  GLY A O   1 
ATOM   197 N  N   . TYR A 1 30 ? 1.475   -1.256  -3.303  1.00 10.31 ? 47  TYR A N   1 
ATOM   198 C  CA  . TYR A 1 30 ? 2.214   -0.350  -4.189  1.00 10.56 ? 47  TYR A CA  1 
ATOM   199 C  C   . TYR A 1 30 ? 2.806   0.789   -3.381  1.00 11.04 ? 47  TYR A C   1 
ATOM   200 O  O   . TYR A 1 30 ? 2.071   1.497   -2.683  1.00 12.27 ? 47  TYR A O   1 
ATOM   201 C  CB  . TYR A 1 30 ? 1.288   0.238   -5.259  1.00 11.52 ? 47  TYR A CB  1 
ATOM   202 C  CG  . TYR A 1 30 ? 0.656   -0.821  -6.110  1.00 12.90 ? 47  TYR A CG  1 
ATOM   203 C  CD1 . TYR A 1 30 ? 1.338   -1.360  -7.192  1.00 14.24 ? 47  TYR A CD1 1 
ATOM   204 C  CD2 . TYR A 1 30 ? -0.599  -1.322  -5.802  1.00 13.70 ? 47  TYR A CD2 1 
ATOM   205 C  CE1 . TYR A 1 30 ? 0.779   -2.357  -7.958  1.00 14.24 ? 47  TYR A CE1 1 
ATOM   206 C  CE2 . TYR A 1 30 ? -1.167  -2.323  -6.559  1.00 14.76 ? 47  TYR A CE2 1 
ATOM   207 C  CZ  . TYR A 1 30 ? -0.470  -2.832  -7.642  1.00 15.79 ? 47  TYR A CZ  1 
ATOM   208 O  OH  . TYR A 1 30 ? -1.003  -3.835  -8.410  1.00 16.54 ? 47  TYR A OH  1 
ATOM   209 N  N   . HIS A 1 31 ? 4.121   0.987   -3.472  1.00 10.95 ? 48  HIS A N   1 
ATOM   210 C  CA  . HIS A 1 31 ? 4.741   2.158   -2.847  1.00 11.07 ? 48  HIS A CA  1 
ATOM   211 C  C   . HIS A 1 31 ? 4.205   3.436   -3.483  1.00 11.10 ? 48  HIS A C   1 
ATOM   212 O  O   . HIS A 1 31 ? 3.977   3.478   -4.697  1.00 11.18 ? 48  HIS A O   1 
ATOM   213 C  CB  . HIS A 1 31 ? 6.262   2.151   -3.032  1.00 12.43 ? 48  HIS A CB  1 
ATOM   214 C  CG  . HIS A 1 31 ? 6.982   1.142   -2.195  1.00 13.26 ? 48  HIS A CG  1 
ATOM   215 N  ND1 . HIS A 1 31 ? 7.737   0.125   -2.740  1.00 14.20 ? 48  HIS A ND1 1 
ATOM   216 C  CD2 . HIS A 1 31 ? 7.096   1.019   -0.849  1.00 13.24 ? 48  HIS A CD2 1 
ATOM   217 C  CE1 . HIS A 1 31 ? 8.272   -0.590  -1.765  1.00 14.20 ? 48  HIS A CE1 1 
ATOM   218 N  NE2 . HIS A 1 31 ? 7.897   -0.070  -0.611  1.00 13.98 ? 48  HIS A NE2 1 
ATOM   219 N  N   . LEU A 1 32 ? 4.021   4.478   -2.671  1.00 10.58 ? 49  LEU A N   1 
ATOM   220 C  CA  . LEU A 1 32 ? 3.613   5.788   -3.189  1.00 10.73 ? 49  LEU A CA  1 
ATOM   221 C  C   . LEU A 1 32 ? 4.503   6.204   -4.344  1.00 11.02 ? 49  LEU A C   1 
ATOM   222 O  O   . LEU A 1 32 ? 4.040   6.759   -5.353  1.00 11.53 ? 49  LEU A O   1 
ATOM   223 C  CB  . LEU A 1 32 ? 3.731   6.843   -2.092  1.00 11.28 ? 49  LEU A CB  1 
ATOM   224 C  CG  . LEU A 1 32 ? 2.865   6.690   -0.841  1.00 12.49 ? 49  LEU A CG  1 
ATOM   225 C  CD1 . LEU A 1 32 ? 3.166   7.836   0.101   1.00 14.00 ? 49  LEU A CD1 1 
ATOM   226 C  CD2 . LEU A 1 32 ? 1.390   6.666   -1.184  1.00 13.64 ? 49  LEU A CD2 1 
ATOM   227 N  N   . PHE A 1 33 ? 5.792   5.922   -4.189  1.00 10.79 ? 50  PHE A N   1 
ATOM   228 C  CA  . PHE A 1 33 ? 6.800   6.354   -5.148  1.00 11.17 ? 50  PHE A CA  1 
ATOM   229 C  C   . PHE A 1 33 ? 6.999   5.385   -6.320  1.00 12.07 ? 50  PHE A C   1 
ATOM   230 O  O   . PHE A 1 33 ? 7.807   5.658   -7.210  1.00 13.55 ? 50  PHE A O   1 
ATOM   231 C  CB  . PHE A 1 33 ? 8.132   6.627   -4.429  1.00 12.11 ? 50  PHE A CB  1 
ATOM   232 C  CG  . PHE A 1 33 ? 8.583   5.506   -3.522  1.00 12.80 ? 50  PHE A CG  1 
ATOM   233 C  CD1 . PHE A 1 33 ? 9.170   4.364   -4.048  1.00 12.84 ? 50  PHE A CD1 1 
ATOM   234 C  CD2 . PHE A 1 33 ? 8.440   5.610   -2.142  1.00 13.64 ? 50  PHE A CD2 1 
ATOM   235 C  CE1 . PHE A 1 33 ? 9.596   3.334   -3.212  1.00 13.65 ? 50  PHE A CE1 1 
ATOM   236 C  CE2 . PHE A 1 33 ? 8.869   4.591   -1.300  1.00 13.57 ? 50  PHE A CE2 1 
ATOM   237 C  CZ  . PHE A 1 33 ? 9.444   3.447   -1.833  1.00 13.31 ? 50  PHE A CZ  1 
ATOM   238 N  N   . CYS A 1 34 ? 6.262   4.271   -6.323  1.00 11.43 ? 51  CYS A N   1 
ATOM   239 C  CA  . CYS A 1 34 ? 6.299   3.313   -7.440  1.00 11.55 ? 51  CYS A CA  1 
ATOM   240 C  C   . CYS A 1 34 ? 5.072   3.432   -8.333  1.00 11.07 ? 51  CYS A C   1 
ATOM   241 O  O   . CYS A 1 34 ? 5.063   2.964   -9.476  1.00 11.59 ? 51  CYS A O   1 
ATOM   242 C  CB  . CYS A 1 34 ? 6.442   1.870   -6.929  1.00 12.53 ? 51  CYS A CB  1 
ATOM   243 S  SG  . CYS A 1 34 ? 8.070   1.514   -6.223  1.00 13.51 ? 51  CYS A SG  1 
ATOM   244 N  N   . LEU A 1 35 ? 4.028   4.054   -7.807  1.00 10.63 ? 52  LEU A N   1 
ATOM   245 C  CA  . LEU A 1 35 ? 2.834   4.307   -8.592  1.00 10.34 ? 52  LEU A CA  1 
ATOM   246 C  C   . LEU A 1 35 ? 3.147   5.314   -9.699  1.00 10.73 ? 52  LEU A C   1 
ATOM   247 O  O   . LEU A 1 35 ? 3.998   6.195   -9.533  1.00 10.93 ? 52  LEU A O   1 
ATOM   248 C  CB  . LEU A 1 35 ? 1.730   4.850   -7.682  1.00 9.55  ? 52  LEU A CB  1 
ATOM   249 C  CG  . LEU A 1 35 ? 1.087   3.830   -6.741  1.00 9.74  ? 52  LEU A CG  1 
ATOM   250 C  CD1 . LEU A 1 35 ? 0.290   4.539   -5.636  1.00 10.46 ? 52  LEU A CD1 1 
ATOM   251 C  CD2 . LEU A 1 35 ? 0.195   2.922   -7.565  1.00 10.23 ? 52  LEU A CD2 1 
ATOM   252 N  N   . ARG A 1 36 ? 2.493   5.158   -10.845 1.00 10.14 ? 53  ARG A N   1 
ATOM   253 C  CA  . ARG A 1 36 ? 2.505   6.186   -11.875 1.00 9.76  ? 53  ARG A CA  1 
ATOM   254 C  C   . ARG A 1 36 ? 1.065   6.393   -12.311 1.00 10.75 ? 53  ARG A C   1 
ATOM   255 O  O   . ARG A 1 36 ? 0.439   5.467   -12.838 1.00 10.71 ? 53  ARG A O   1 
ATOM   256 C  CB  . ARG A 1 36 ? 3.363   5.777   -13.079 1.00 10.12 ? 53  ARG A CB  1 
ATOM   257 C  CG  . ARG A 1 36 ? 4.820   5.533   -12.749 1.00 10.31 ? 53  ARG A CG  1 
ATOM   258 C  CD  . ARG A 1 36 ? 5.579   6.810   -12.373 1.00 10.86 ? 53  ARG A CD  1 
ATOM   259 N  NE  . ARG A 1 36 ? 7.012   6.534   -12.232 1.00 11.47 ? 53  ARG A NE  1 
ATOM   260 C  CZ  . ARG A 1 36 ? 7.596   6.148   -11.102 1.00 10.85 ? 53  ARG A CZ  1 
ATOM   261 N  NH1 . ARG A 1 36 ? 6.874   5.996   -9.996  1.00 11.05 ? 53  ARG A NH1 1 
ATOM   262 N  NH2 . ARG A 1 36 ? 8.905   5.916   -11.077 1.00 11.64 ? 53  ARG A NH2 1 
ATOM   263 N  N   . PRO A 1 37 ? 0.522   7.599   -12.089 1.00 10.10 ? 54  PRO A N   1 
ATOM   264 C  CA  . PRO A 1 37 ? 1.162   8.778   -11.499 1.00 10.46 ? 54  PRO A CA  1 
ATOM   265 C  C   . PRO A 1 37 ? 1.577   8.573   -10.045 1.00 10.02 ? 54  PRO A C   1 
ATOM   266 O  O   . PRO A 1 37 ? 0.933   7.836   -9.297  1.00 11.52 ? 54  PRO A O   1 
ATOM   267 C  CB  . PRO A 1 37 ? 0.057   9.841   -11.576 1.00 11.03 ? 54  PRO A CB  1 
ATOM   268 C  CG  . PRO A 1 37 ? -1.218  9.048   -11.589 1.00 11.52 ? 54  PRO A CG  1 
ATOM   269 C  CD  . PRO A 1 37 ? -0.892  7.855   -12.418 1.00 10.31 ? 54  PRO A CD  1 
ATOM   270 N  N   . ILE A 1 38 ? 2.669   9.230   -9.677  1.00 10.11 ? 55  ILE A N   1 
ATOM   271 C  CA  . ILE A 1 38 ? 3.200   9.210   -8.324  1.00 10.05 ? 55  ILE A CA  1 
ATOM   272 C  C   . ILE A 1 38 ? 2.223   9.848   -7.319  1.00 11.18 ? 55  ILE A C   1 
ATOM   273 O  O   . ILE A 1 38 ? 1.595   10.878  -7.615  1.00 12.43 ? 55  ILE A O   1 
ATOM   274 C  CB  . ILE A 1 38 ? 4.519   9.998   -8.300  1.00 10.82 ? 55  ILE A CB  1 
ATOM   275 C  CG1 . ILE A 1 38 ? 5.600   9.266   -9.106  1.00 12.44 ? 55  ILE A CG1 1 
ATOM   276 C  CG2 . ILE A 1 38 ? 4.992   10.227  -6.887  1.00 11.12 ? 55  ILE A CG2 1 
ATOM   277 C  CD1 . ILE A 1 38 ? 6.767   10.155  -9.497  1.00 14.15 ? 55  ILE A CD1 1 
ATOM   278 N  N   . LEU A 1 39 ? 2.100   9.247   -6.135  1.00 10.97 ? 56  LEU A N   1 
ATOM   279 C  CA  . LEU A 1 39 ? 1.386   9.883   -5.022  1.00 11.76 ? 56  LEU A CA  1 
ATOM   280 C  C   . LEU A 1 39 ? 2.378   10.448  -4.018  1.00 12.27 ? 56  LEU A C   1 
ATOM   281 O  O   . LEU A 1 39 ? 3.377   9.806   -3.705  1.00 12.98 ? 56  LEU A O   1 
ATOM   282 C  CB  . LEU A 1 39 ? 0.484   8.887   -4.299  1.00 12.37 ? 56  LEU A CB  1 
ATOM   283 C  CG  . LEU A 1 39 ? -0.641  8.289   -5.132  1.00 13.53 ? 56  LEU A CG  1 
ATOM   284 C  CD1 . LEU A 1 39 ? -1.546  7.437   -4.246  1.00 13.96 ? 56  LEU A CD1 1 
ATOM   285 C  CD2 . LEU A 1 39 ? -1.420  9.393   -5.820  1.00 15.04 ? 56  LEU A CD2 1 
ATOM   286 N  N   . PRO A 1 40 ? 2.100   11.650  -3.498  1.00 11.10 ? 57  PRO A N   1 
ATOM   287 C  CA  . PRO A 1 40 ? 3.057   12.301  -2.595  1.00 12.73 ? 57  PRO A CA  1 
ATOM   288 C  C   . PRO A 1 40 ? 2.859   11.927  -1.127  1.00 14.60 ? 57  PRO A C   1 
ATOM   289 O  O   . PRO A 1 40 ? 3.780   12.116  -0.325  1.00 17.19 ? 57  PRO A O   1 
ATOM   290 C  CB  . PRO A 1 40 ? 2.777   13.787  -2.818  1.00 13.33 ? 57  PRO A CB  1 
ATOM   291 C  CG  . PRO A 1 40 ? 1.324   13.828  -3.176  1.00 13.10 ? 57  PRO A CG  1 
ATOM   292 C  CD  . PRO A 1 40 ? 1.073   12.587  -3.989  1.00 12.57 ? 57  PRO A CD  1 
ATOM   293 N  N   . SER A 1 41 ? 1.686   11.404  -0.784  1.00 14.44 ? 58  SER A N   1 
ATOM   294 C  CA  . SER A 1 41 ? 1.387   11.015  0.590   1.00 15.70 ? 58  SER A CA  1 
ATOM   295 C  C   . SER A 1 41 ? 0.275   9.973   0.611   1.00 15.51 ? 58  SER A C   1 
ATOM   296 O  O   . SER A 1 41 ? -0.395  9.738   -0.397  1.00 15.13 ? 58  SER A O   1 
ATOM   297 C  CB  . SER A 1 41 ? 0.974   12.229  1.417   1.00 18.12 ? 58  SER A CB  1 
ATOM   298 O  OG  . SER A 1 41 ? -0.074  12.930  0.779   1.00 20.81 ? 58  SER A OG  1 
ATOM   299 N  N   . VAL A 1 42 ? 0.076   9.352   1.764   1.00 14.95 ? 59  VAL A N   1 
ATOM   300 C  CA  . VAL A 1 42 ? -0.962  8.339   1.898   1.00 14.39 ? 59  VAL A CA  1 
ATOM   301 C  C   . VAL A 1 42 ? -2.341  8.989   1.820   1.00 15.70 ? 59  VAL A C   1 
ATOM   302 O  O   . VAL A 1 42 ? -2.654  9.880   2.622   1.00 17.68 ? 59  VAL A O   1 
ATOM   303 C  CB  . VAL A 1 42 ? -0.822  7.563   3.223   1.00 13.78 ? 59  VAL A CB  1 
ATOM   304 C  CG1 . VAL A 1 42 ? -1.955  6.547   3.353   1.00 13.40 ? 59  VAL A CG1 1 
ATOM   305 C  CG2 . VAL A 1 42 ? 0.537   6.868   3.297   1.00 14.99 ? 59  VAL A CG2 1 
ATOM   306 N  N   . PRO A 1 43 ? -3.167  8.561   0.847   1.00 16.11 ? 60  PRO A N   1 
ATOM   307 C  CA  . PRO A 1 43 ? -4.481  9.177   0.622   1.00 17.93 ? 60  PRO A CA  1 
ATOM   308 C  C   . PRO A 1 43 ? -5.415  8.987   1.805   1.00 19.32 ? 60  PRO A C   1 
ATOM   309 O  O   . PRO A 1 43 ? -5.324  7.965   2.487   1.00 18.59 ? 60  PRO A O   1 
ATOM   310 C  CB  . PRO A 1 43 ? -5.033  8.388   -0.573  1.00 17.90 ? 60  PRO A CB  1 
ATOM   311 C  CG  . PRO A 1 43 ? -3.832  7.851   -1.268  1.00 17.29 ? 60  PRO A CG  1 
ATOM   312 C  CD  . PRO A 1 43 ? -2.874  7.522   -0.159  1.00 16.16 ? 60  PRO A CD  1 
ATOM   313 N  N   . LYS A 1 44 ? -6.300  9.952   2.041   1.00 21.13 ? 61  LYS A N   1 
ATOM   314 C  CA  . LYS A 1 44 ? -7.324  9.816   3.072   1.00 23.65 ? 61  LYS A CA  1 
ATOM   315 C  C   . LYS A 1 44 ? -8.462  8.960   2.542   1.00 22.52 ? 61  LYS A C   1 
ATOM   316 O  O   . LYS A 1 44 ? -8.827  9.072   1.372   1.00 23.31 ? 61  LYS A O   1 
ATOM   317 C  CB  . LYS A 1 44 ? -7.867  11.188  3.476   1.00 26.85 ? 61  LYS A CB  1 
ATOM   318 C  CG  . LYS A 1 44 ? -6.807  12.143  3.999   1.00 31.09 ? 61  LYS A CG  1 
ATOM   319 C  CD  . LYS A 1 44 ? -6.033  11.504  5.139   1.00 34.76 ? 61  LYS A CD  1 
ATOM   320 C  CE  . LYS A 1 44 ? -4.808  12.317  5.532   1.00 36.75 ? 61  LYS A CE  1 
ATOM   321 N  NZ  . LYS A 1 44 ? -3.959  11.573  6.509   1.00 38.36 ? 61  LYS A NZ  1 
ATOM   322 N  N   . GLY A 1 45 ? -9.021  8.108   3.393   1.00 20.04 ? 62  GLY A N   1 
ATOM   323 C  CA  . GLY A 1 45 ? -10.160 7.296   3.000   1.00 20.54 ? 62  GLY A CA  1 
ATOM   324 C  C   . GLY A 1 45 ? -9.755  6.041   2.257   1.00 20.44 ? 62  GLY A C   1 
ATOM   325 O  O   . GLY A 1 45 ? -8.582  5.688   2.218   1.00 21.22 ? 62  GLY A O   1 
ATOM   326 N  N   . SER A 1 46 ? -10.724 5.361   1.661   1.00 19.47 ? 63  SER A N   1 
ATOM   327 C  CA  . SER A 1 46 ? -10.442 4.124   0.949   1.00 18.83 ? 63  SER A CA  1 
ATOM   328 C  C   . SER A 1 46 ? -9.682  4.442   -0.324  1.00 17.47 ? 63  SER A C   1 
ATOM   329 O  O   . SER A 1 46 ? -9.874  5.498   -0.907  1.00 19.64 ? 63  SER A O   1 
ATOM   330 C  CB  . SER A 1 46 ? -11.739 3.391   0.627   1.00 23.01 ? 63  SER A CB  1 
ATOM   331 O  OG  . SER A 1 46 ? -12.654 4.265   0.004   1.00 27.76 ? 63  SER A OG  1 
ATOM   332 N  N   . TRP A 1 47 ? -8.804  3.540   -0.749  1.00 15.27 ? 64  TRP A N   1 
ATOM   333 C  CA  . TRP A 1 47 ? -7.993  3.780   -1.941  1.00 13.85 ? 64  TRP A CA  1 
ATOM   334 C  C   . TRP A 1 47 ? -7.978  2.567   -2.866  1.00 13.28 ? 64  TRP A C   1 
ATOM   335 O  O   . TRP A 1 47 ? -7.889  1.438   -2.402  1.00 13.90 ? 64  TRP A O   1 
ATOM   336 C  CB  . TRP A 1 47 ? -6.560  4.160   -1.564  1.00 13.86 ? 64  TRP A CB  1 
ATOM   337 C  CG  . TRP A 1 47 ? -5.691  4.373   -2.774  1.00 13.17 ? 64  TRP A CG  1 
ATOM   338 C  CD1 . TRP A 1 47 ? -5.611  5.507   -3.535  1.00 14.38 ? 64  TRP A CD1 1 
ATOM   339 C  CD2 . TRP A 1 47 ? -4.800  3.423   -3.377  1.00 12.81 ? 64  TRP A CD2 1 
ATOM   340 N  NE1 . TRP A 1 47 ? -4.725  5.324   -4.567  1.00 13.87 ? 64  TRP A NE1 1 
ATOM   341 C  CE2 . TRP A 1 47 ? -4.210  4.057   -4.493  1.00 12.72 ? 64  TRP A CE2 1 
ATOM   342 C  CE3 . TRP A 1 47 ? -4.439  2.104   -3.076  1.00 12.89 ? 64  TRP A CE3 1 
ATOM   343 C  CZ2 . TRP A 1 47 ? -3.275  3.416   -5.309  1.00 12.90 ? 64  TRP A CZ2 1 
ATOM   344 C  CZ3 . TRP A 1 47 ? -3.501  1.468   -3.889  1.00 12.83 ? 64  TRP A CZ3 1 
ATOM   345 C  CH2 . TRP A 1 47 ? -2.935  2.125   -4.992  1.00 13.06 ? 64  TRP A CH2 1 
ATOM   346 N  N   . PHE A 1 48 ? -8.057  2.812   -4.174  1.00 12.71 ? 65  PHE A N   1 
ATOM   347 C  CA  . PHE A 1 48 ? -8.054  1.734   -5.157  1.00 11.79 ? 65  PHE A CA  1 
ATOM   348 C  C   . PHE A 1 48 ? -6.984  1.966   -6.206  1.00 12.64 ? 65  PHE A C   1 
ATOM   349 O  O   . PHE A 1 48 ? -6.831  3.082   -6.713  1.00 13.36 ? 65  PHE A O   1 
ATOM   350 C  CB  . PHE A 1 48 ? -9.424  1.613   -5.822  1.00 12.46 ? 65  PHE A CB  1 
ATOM   351 C  CG  . PHE A 1 48 ? -10.528 1.301   -4.858  1.00 14.43 ? 65  PHE A CG  1 
ATOM   352 C  CD1 . PHE A 1 48 ? -10.887 -0.016  -4.595  1.00 15.83 ? 65  PHE A CD1 1 
ATOM   353 C  CD2 . PHE A 1 48 ? -11.189 2.317   -4.193  1.00 15.53 ? 65  PHE A CD2 1 
ATOM   354 C  CE1 . PHE A 1 48 ? -11.899 -0.307  -3.688  1.00 15.71 ? 65  PHE A CE1 1 
ATOM   355 C  CE2 . PHE A 1 48 ? -12.202 2.032   -3.296  1.00 16.52 ? 65  PHE A CE2 1 
ATOM   356 C  CZ  . PHE A 1 48 ? -12.558 0.714   -3.047  1.00 17.03 ? 65  PHE A CZ  1 
ATOM   357 N  N   . CYS A 1 49 ? -6.241  0.908   -6.528  1.00 12.61 ? 66  CYS A N   1 
ATOM   358 C  CA  . CYS A 1 49 ? -5.204  0.974   -7.557  1.00 12.24 ? 66  CYS A CA  1 
ATOM   359 C  C   . CYS A 1 49 ? -5.845  1.082   -8.948  1.00 12.79 ? 66  CYS A C   1 
ATOM   360 O  O   . CYS A 1 49 ? -7.056  0.921   -9.084  1.00 13.07 ? 66  CYS A O   1 
ATOM   361 C  CB  . CYS A 1 49 ? -4.294  -0.257  -7.457  1.00 13.27 ? 66  CYS A CB  1 
ATOM   362 S  SG  . CYS A 1 49 ? -4.914  -1.714  -8.312  1.00 13.00 ? 66  CYS A SG  1 
ATOM   363 N  N   . PRO A 1 50 ? -5.045  1.402   -9.977  1.00 13.11 ? 67  PRO A N   1 
ATOM   364 C  CA  . PRO A 1 50 ? -5.604  1.596   -11.322 1.00 13.85 ? 67  PRO A CA  1 
ATOM   365 C  C   . PRO A 1 50 ? -6.423  0.422   -11.874 1.00 14.24 ? 67  PRO A C   1 
ATOM   366 O  O   . PRO A 1 50 ? -7.313  0.640   -12.691 1.00 14.63 ? 67  PRO A O   1 
ATOM   367 C  CB  . PRO A 1 50 ? -4.356  1.813   -12.179 1.00 14.59 ? 67  PRO A CB  1 
ATOM   368 C  CG  . PRO A 1 50 ? -3.397  2.483   -11.246 1.00 13.52 ? 67  PRO A CG  1 
ATOM   369 C  CD  . PRO A 1 50 ? -3.636  1.836   -9.903  1.00 12.95 ? 67  PRO A CD  1 
ATOM   370 N  N   . SER A 1 51 ? -6.143  -0.804  -11.448 1.00 15.57 ? 68  SER A N   1 
ATOM   371 C  CA  . SER A 1 51 ? -6.866  -1.942  -11.997 1.00 17.77 ? 68  SER A CA  1 
ATOM   372 C  C   . SER A 1 51 ? -8.209  -2.141  -11.305 1.00 17.40 ? 68  SER A C   1 
ATOM   373 O  O   . SER A 1 51 ? -9.046  -2.921  -11.765 1.00 18.63 ? 68  SER A O   1 
ATOM   374 C  CB  . SER A 1 51 ? -6.029  -3.214  -11.886 1.00 20.80 ? 68  SER A CB  1 
ATOM   375 O  OG  . SER A 1 51 ? -6.031  -3.692  -10.562 1.00 23.21 ? 68  SER A OG  1 
ATOM   376 N  N   . CYS A 1 52 ? -8.418  -1.417  -10.212 1.00 16.67 ? 69  CYS A N   1 
ATOM   377 C  CA  . CYS A 1 52 ? -9.562  -1.660  -9.338  1.00 16.40 ? 69  CYS A CA  1 
ATOM   378 C  C   . CYS A 1 52 ? -10.454 -0.446  -9.158  1.00 17.63 ? 69  CYS A C   1 
ATOM   379 O  O   . CYS A 1 52 ? -11.505 -0.536  -8.534  1.00 18.78 ? 69  CYS A O   1 
ATOM   380 C  CB  . CYS A 1 52 ? -9.067  -2.131  -7.962  1.00 15.33 ? 69  CYS A CB  1 
ATOM   381 S  SG  . CYS A 1 52 ? -8.174  -3.700  -8.012  1.00 15.72 ? 69  CYS A SG  1 
ATOM   382 N  N   . SER A 1 53 ? -10.047 0.692   -9.709  1.00 17.92 ? 70  SER A N   1 
ATOM   383 C  CA  . SER A 1 53 ? -10.729 1.942   -9.403  1.00 19.36 ? 70  SER A CA  1 
ATOM   384 C  C   . SER A 1 53 ? -12.025 2.099   -10.191 1.00 22.16 ? 70  SER A C   1 
ATOM   385 O  O   . SER A 1 53 ? -12.760 3.068   -9.992  1.00 24.46 ? 70  SER A O   1 
ATOM   386 C  CB  . SER A 1 53 ? -9.807  3.135   -9.659  1.00 19.70 ? 70  SER A CB  1 
ATOM   387 O  OG  . SER A 1 53 ? -9.495  3.252   -11.039 1.00 20.42 ? 70  SER A OG  1 
ATOM   388 N  N   . ASN A 1 54 ? -12.307 1.136   -11.068 1.00 22.51 ? 71  ASN A N   1 
ATOM   389 C  CA  . ASN A 1 54 ? -13.477 1.204   -11.942 1.00 23.86 ? 71  ASN A CA  1 
ATOM   390 C  C   . ASN A 1 54 ? -14.719 0.544   -11.363 1.00 24.53 ? 71  ASN A C   1 
ATOM   391 O  O   . ASN A 1 54 ? -14.616 -0.455  -10.662 1.00 26.61 ? 71  ASN A O   1 
ATOM   392 C  CB  . ASN A 1 54 ? -13.161 0.614   -13.326 1.00 24.30 ? 71  ASN A CB  1 
ATOM   393 C  CG  . ASN A 1 54 ? -12.893 -0.881  -13.284 1.00 25.14 ? 71  ASN A CG  1 
ATOM   394 O  OD1 . ASN A 1 54 ? -12.093 -1.360  -12.478 1.00 26.61 ? 71  ASN A OD1 1 
ATOM   395 N  ND2 . ASN A 1 54 ? -13.566 -1.630  -14.159 1.00 24.86 ? 71  ASN A ND2 1 
ATOM   396 N  N   . ALA B 2 1  ? -6.330  5.484   3.923   1.00 19.66 ? 1   ALA F N   1 
ATOM   397 C  CA  . ALA B 2 1  ? -5.897  4.296   3.197   1.00 18.35 ? 1   ALA F CA  1 
ATOM   398 C  C   . ALA B 2 1  ? -5.039  3.412   4.088   1.00 17.17 ? 1   ALA F C   1 
ATOM   399 O  O   . ALA B 2 1  ? -4.451  3.884   5.061   1.00 18.85 ? 1   ALA F O   1 
ATOM   400 C  CB  . ALA B 2 1  ? -5.136  4.683   1.943   1.00 18.91 ? 1   ALA F CB  1 
ATOM   401 N  N   . ARG B 2 2  ? -4.973  2.128   3.752   1.00 14.96 ? 2   ARG F N   1 
ATOM   402 C  CA  . ARG B 2 2  ? -4.204  1.163   4.534   1.00 13.04 ? 2   ARG F CA  1 
ATOM   403 C  C   . ARG B 2 2  ? -2.801  1.020   3.952   1.00 13.29 ? 2   ARG F C   1 
ATOM   404 O  O   . ARG B 2 2  ? -2.620  1.104   2.740   1.00 13.22 ? 2   ARG F O   1 
ATOM   405 C  CB  . ARG B 2 2  ? -4.902  -0.206  4.501   1.00 12.96 ? 2   ARG F CB  1 
ATOM   406 C  CG  . ARG B 2 2  ? -6.361  -0.182  4.976   1.00 13.55 ? 2   ARG F CG  1 
ATOM   407 C  CD  . ARG B 2 2  ? -7.064  -1.519  4.771   1.00 13.97 ? 2   ARG F CD  1 
ATOM   408 N  NE  . ARG B 2 2  ? -7.112  -1.833  3.352   1.00 13.90 ? 2   ARG F NE  1 
ATOM   409 C  CZ  . ARG B 2 2  ? -6.519  -2.876  2.784   1.00 13.84 ? 2   ARG F CZ  1 
ATOM   410 N  NH1 . ARG B 2 2  ? -5.861  -3.770  3.515   1.00 13.97 ? 2   ARG F NH1 1 
ATOM   411 N  NH2 . ARG B 2 2  ? -6.603  -3.024  1.471   1.00 12.94 ? 2   ARG F NH2 1 
ATOM   412 N  N   . THR B 2 3  ? -1.810  0.815   4.814   1.00 13.70 ? 3   THR F N   1 
ATOM   413 C  CA  . THR B 2 3  ? -0.436  0.566   4.370   1.00 13.39 ? 3   THR F CA  1 
ATOM   414 C  C   . THR B 2 3  ? 0.123   -0.677  5.045   1.00 13.82 ? 3   THR F C   1 
ATOM   415 O  O   . THR B 2 3  ? -0.481  -1.207  5.969   1.00 14.82 ? 3   THR F O   1 
ATOM   416 C  CB  . THR B 2 3  ? 0.500   1.744   4.693   1.00 14.31 ? 3   THR F CB  1 
ATOM   417 O  OG1 . THR B 2 3  ? 0.619   1.886   6.114   1.00 15.08 ? 3   THR F OG1 1 
ATOM   418 C  CG2 . THR B 2 3  ? -0.038  3.032   4.099   1.00 15.32 ? 3   THR F CG2 1 
ATOM   419 N  N   . LYS B 2 4  ? 1.292   -1.130  4.595   1.00 13.99 ? 4   LYS F N   1 
ATOM   420 C  CA  . LYS B 2 4  ? 1.950   -2.250  5.255   1.00 14.41 ? 4   LYS F CA  1 
ATOM   421 C  C   . LYS B 2 4  ? 2.197   -1.913  6.723   1.00 15.30 ? 4   LYS F C   1 
ATOM   422 O  O   . LYS B 2 4  ? 2.061   -2.772  7.597   1.00 15.36 ? 4   LYS F O   1 
ATOM   423 C  CB  . LYS B 2 4  ? 3.266   -2.606  4.560   1.00 14.00 ? 4   LYS F CB  1 
ATOM   424 C  CG  . LYS B 2 4  ? 4.057   -3.715  5.254   1.00 14.50 ? 4   LYS F CG  1 
ATOM   425 C  CD  . LYS B 2 4  ? 5.270   -4.110  4.419   1.00 15.71 ? 4   LYS F CD  1 
ATOM   426 C  CE  . LYS B 2 4  ? 6.029   -5.268  5.052   1.00 18.78 ? 4   LYS F CE  1 
ATOM   427 N  NZ  . LYS B 2 4  ? 7.203   -5.688  4.228   1.00 19.86 ? 4   LYS F NZ  1 
ATOM   428 N  N   . GLN B 2 5  ? 2.531   -0.650  6.985   1.00 16.21 ? 5   GLN F N   1 
ATOM   429 C  CA  . GLN B 2 5  ? 2.788   -0.170  8.338   1.00 19.20 ? 5   GLN F CA  1 
ATOM   430 C  C   . GLN B 2 5  ? 1.577   -0.304  9.256   1.00 20.08 ? 5   GLN F C   1 
ATOM   431 O  O   . GLN B 2 5  ? 1.706   -0.711  10.418  1.00 21.97 ? 5   GLN F O   1 
ATOM   432 C  CB  . GLN B 2 5  ? 3.194   1.302   8.284   1.00 22.87 ? 5   GLN F CB  1 
ATOM   433 C  CG  . GLN B 2 5  ? 3.361   1.941   9.642   1.00 27.64 ? 5   GLN F CG  1 
ATOM   434 C  CD  . GLN B 2 5  ? 4.774   1.837   10.136  1.00 32.71 ? 5   GLN F CD  1 
ATOM   435 O  OE1 . GLN B 2 5  ? 5.517   2.822   10.131  1.00 35.07 ? 5   GLN F OE1 1 
ATOM   436 N  NE2 . GLN B 2 5  ? 5.167   0.640   10.560  1.00 34.44 ? 5   GLN F NE2 1 
ATOM   437 N  N   . THR B 2 6  ? 0.399   0.049   8.745   1.00 19.02 ? 6   THR F N   1 
ATOM   438 C  CA  . THR B 2 6  ? -0.798  0.037   9.576   1.00 19.31 ? 6   THR F CA  1 
ATOM   439 C  C   . THR B 2 6  ? -1.421  -1.351  9.639   1.00 20.00 ? 6   THR F C   1 
ATOM   440 O  O   . THR B 2 6  ? -2.181  -1.646  10.555  1.00 21.03 ? 6   THR F O   1 
ATOM   441 C  CB  . THR B 2 6  ? -1.855  1.075   9.120   1.00 20.09 ? 6   THR F CB  1 
ATOM   442 O  OG1 . THR B 2 6  ? -2.259  0.798   7.775   1.00 19.72 ? 6   THR F OG1 1 
ATOM   443 C  CG2 . THR B 2 6  ? -1.301  2.492   9.204   1.00 21.74 ? 6   THR F CG2 1 
ATOM   444 N  N   . ALA B 2 7  ? -1.077  -2.204  8.676   1.00 20.23 ? 7   ALA F N   1 
ATOM   445 C  CA  . ALA B 2 7  ? -1.643  -3.551  8.593   1.00 20.66 ? 7   ALA F CA  1 
ATOM   446 C  C   . ALA B 2 7  ? -1.008  -4.505  9.599   1.00 21.24 ? 7   ALA F C   1 
ATOM   447 O  O   . ALA B 2 7  ? -0.262  -5.421  9.239   1.00 20.98 ? 7   ALA F O   1 
ATOM   448 C  CB  . ALA B 2 7  ? -1.516  -4.106  7.172   1.00 20.71 ? 7   ALA F CB  1 
ATOM   449 N  N   . ARG B 2 8  ? -1.313  -4.286  10.868  1.00 22.36 ? 8   ARG F N   1 
ATOM   450 C  CA  . ARG B 2 8  ? -0.826  -5.166  11.913  1.00 23.44 ? 8   ARG F CA  1 
ATOM   451 C  C   . ARG B 2 8  ? -1.743  -5.067  13.113  1.00 22.98 ? 8   ARG F C   1 
ATOM   452 O  O   . ARG B 2 8  ? -2.532  -4.127  13.225  1.00 22.20 ? 8   ARG F O   1 
ATOM   453 C  CB  . ARG B 2 8  ? 0.595   -4.791  12.305  1.00 25.76 ? 8   ARG F CB  1 
ATOM   454 C  CG  . ARG B 2 8  ? 0.763   -3.363  12.748  1.00 28.08 ? 8   ARG F CG  1 
ATOM   455 C  CD  . ARG B 2 8  ? 2.224   -3.011  12.616  1.00 31.08 ? 8   ARG F CD  1 
ATOM   456 N  NE  . ARG B 2 8  ? 2.599   -1.774  13.285  1.00 34.09 ? 8   ARG F NE  1 
ATOM   457 C  CZ  . ARG B 2 8  ? 3.839   -1.526  13.700  1.00 35.86 ? 8   ARG F CZ  1 
ATOM   458 N  NH1 . ARG B 2 8  ? 4.790   -2.440  13.512  1.00 36.44 ? 8   ARG F NH1 1 
ATOM   459 N  NH2 . ARG B 2 8  ? 4.129   -0.379  14.306  1.00 37.12 ? 8   ARG F NH2 1 
ATOM   460 N  N   . LYS B 2 9  ? -1.645  -6.043  14.008  1.00 23.76 ? 9   LYS F N   1 
ATOM   461 C  CA  . LYS B 2 9  ? -2.416  -5.988  15.230  1.00 25.20 ? 9   LYS F CA  1 
ATOM   462 C  C   . LYS B 2 9  ? -1.651  -5.175  16.257  1.00 28.27 ? 9   LYS F C   1 
ATOM   463 O  O   . LYS B 2 9  ? -0.440  -5.329  16.410  1.00 28.76 ? 9   LYS F O   1 
ATOM   464 C  CB  . LYS B 2 9  ? -2.685  -7.392  15.767  1.00 24.60 ? 9   LYS F CB  1 
ATOM   465 C  CG  . LYS B 2 9  ? -3.591  -8.220  14.879  1.00 22.56 ? 9   LYS F CG  1 
ATOM   466 C  CD  . LYS B 2 9  ? -3.897  -9.561  15.524  1.00 21.13 ? 9   LYS F CD  1 
ATOM   467 C  CE  . LYS B 2 9  ? -4.687  -10.458 14.596  1.00 20.07 ? 9   LYS F CE  1 
ATOM   468 N  NZ  . LYS B 2 9  ? -6.080  -9.968  14.407  1.00 19.67 ? 9   LYS F NZ  1 
ATOM   469 N  N   . SER B 2 10 ? -2.360  -4.283  16.932  1.00 31.55 ? 10  SER F N   1 
ATOM   470 C  CA  . SER B 2 10 ? -1.812  -3.602  18.093  1.00 35.73 ? 10  SER F CA  1 
ATOM   471 C  C   . SER B 2 10 ? -2.708  -3.953  19.267  1.00 38.31 ? 10  SER F C   1 
ATOM   472 O  O   . SER B 2 10 ? -3.832  -3.454  19.371  1.00 38.66 ? 10  SER F O   1 
ATOM   473 C  CB  . SER B 2 10 ? -1.759  -2.089  17.871  1.00 37.38 ? 10  SER F CB  1 
ATOM   474 O  OG  . SER B 2 10 ? -0.906  -1.761  16.785  1.00 38.79 ? 10  SER F OG  1 
ATOM   475 N  N   . TYR B 2 11 ? -2.216  -4.834  20.133  1.00 39.41 ? 11  TYR F N   1 
ATOM   476 C  CA  . TYR B 2 11 ? -2.999  -5.336  21.259  1.00 39.09 ? 11  TYR F CA  1 
ATOM   477 C  C   . TYR B 2 11 ? -2.953  -4.393  22.466  1.00 41.22 ? 11  TYR F C   1 
ATOM   478 O  O   . TYR B 2 11 ? -3.310  -3.215  22.374  1.00 43.61 ? 11  TYR F O   1 
ATOM   479 C  CB  . TYR B 2 11 ? -2.500  -6.720  21.676  1.00 36.27 ? 11  TYR F CB  1 
ATOM   480 C  CG  . TYR B 2 11 ? -2.819  -7.860  20.723  1.00 33.27 ? 11  TYR F CG  1 
ATOM   481 C  CD1 . TYR B 2 11 ? -4.119  -8.320  20.568  1.00 32.26 ? 11  TYR F CD1 1 
ATOM   482 C  CD2 . TYR B 2 11 ? -1.812  -8.504  20.017  1.00 31.60 ? 11  TYR F CD2 1 
ATOM   483 C  CE1 . TYR B 2 11 ? -4.406  -9.374  19.730  1.00 30.89 ? 11  TYR F CE1 1 
ATOM   484 C  CE2 . TYR B 2 11 ? -2.086  -9.557  19.176  1.00 31.58 ? 11  TYR F CE2 1 
ATOM   485 C  CZ  . TYR B 2 11 ? -3.385  -9.991  19.037  1.00 31.38 ? 11  TYR F CZ  1 
ATOM   486 O  OH  . TYR B 2 11 ? -3.659  -11.044 18.197  1.00 32.26 ? 11  TYR F OH  1 
HETATM 487 ZN ZN  . ZN  C 3 .  ? 7.848   -0.260  -4.824  1.00 14.97 ? 101 ZN  A ZN  1 
HETATM 488 ZN ZN  . ZN  D 3 .  ? -6.239  -3.051  -6.952  1.00 14.94 ? 102 ZN  A ZN  1 
HETATM 489 O  O   . HOH E 4 .  ? 1.482   -5.477  7.271   1.00 29.58 ? 201 HOH A O   1 
HETATM 490 O  O   . HOH E 4 .  ? 1.593   -6.897  -3.132  1.00 19.33 ? 202 HOH A O   1 
HETATM 491 O  O   . HOH E 4 .  ? 2.781   -4.230  -10.960 1.00 29.42 ? 203 HOH A O   1 
HETATM 492 O  O   . HOH E 4 .  ? -4.606  -10.271 1.527   1.00 38.74 ? 204 HOH A O   1 
HETATM 493 O  O   . HOH E 4 .  ? 0.329   -5.181  -10.281 1.00 21.76 ? 205 HOH A O   1 
HETATM 494 O  O   . HOH E 4 .  ? -1.591  -8.030  0.510   1.00 34.86 ? 206 HOH A O   1 
HETATM 495 O  O   . HOH E 4 .  ? 11.901  4.995   0.738   1.00 35.07 ? 207 HOH A O   1 
HETATM 496 O  O   . HOH E 4 .  ? -9.630  -0.406  -13.708 1.00 25.67 ? 208 HOH A O   1 
HETATM 497 O  O   . HOH E 4 .  ? -1.871  11.501  -1.884  1.00 28.59 ? 209 HOH A O   1 
HETATM 498 O  O   . HOH E 4 .  ? 7.064   1.730   -10.881 1.00 19.05 ? 210 HOH A O   1 
HETATM 499 O  O   . HOH E 4 .  ? -2.540  12.607  2.374   1.00 34.79 ? 211 HOH A O   1 
HETATM 500 O  O   . HOH E 4 .  ? 8.219   -4.286  -12.242 1.00 19.72 ? 212 HOH A O   1 
HETATM 501 O  O   . HOH E 4 .  ? -6.051  1.464   1.279   1.00 16.26 ? 213 HOH A O   1 
HETATM 502 O  O   . HOH E 4 .  ? -13.640 -2.579  -0.930  1.00 42.35 ? 214 HOH A O   1 
HETATM 503 O  O   . HOH E 4 .  ? 2.924   -2.777  -14.035 1.00 21.80 ? 215 HOH A O   1 
HETATM 504 O  O   . HOH E 4 .  ? -9.047  1.776   3.634   1.00 27.60 ? 216 HOH A O   1 
HETATM 505 O  O   . HOH E 4 .  ? 3.915   -9.772  -4.071  1.00 36.09 ? 217 HOH A O   1 
HETATM 506 O  O   . HOH E 4 .  ? 8.340   3.407   6.455   1.00 25.10 ? 218 HOH A O   1 
HETATM 507 O  O   . HOH E 4 .  ? -8.320  -5.345  -0.511  1.00 15.69 ? 219 HOH A O   1 
HETATM 508 O  O   . HOH E 4 .  ? 6.811   -6.329  11.688  1.00 37.67 ? 220 HOH A O   1 
HETATM 509 O  O   . HOH E 4 .  ? 12.423  -5.983  0.619   1.00 38.72 ? 221 HOH A O   1 
HETATM 510 O  O   . HOH E 4 .  ? 3.500   -9.486  -1.513  1.00 31.28 ? 222 HOH A O   1 
HETATM 511 O  O   . HOH E 4 .  ? 12.423  0.789   5.183   1.00 30.54 ? 223 HOH A O   1 
HETATM 512 O  O   . HOH E 4 .  ? -12.297 -3.925  -10.934 1.00 40.94 ? 224 HOH A O   1 
HETATM 513 O  O   . HOH E 4 .  ? 8.756   6.873   -14.657 1.00 29.47 ? 225 HOH A O   1 
HETATM 514 O  O   . HOH E 4 .  ? 10.150  4.220   -8.834  1.00 23.27 ? 226 HOH A O   1 
HETATM 515 O  O   . HOH E 4 .  ? -6.016  4.272   -9.436  0.50 14.03 ? 227 HOH A O   1 
HETATM 516 O  O   . HOH E 4 .  ? 4.269   -6.094  -11.639 1.00 39.22 ? 228 HOH A O   1 
HETATM 517 O  O   . HOH E 4 .  ? 11.984  0.727   -4.386  1.00 29.16 ? 229 HOH A O   1 
HETATM 518 O  O   . HOH E 4 .  ? 10.837  -0.964  -10.468 1.00 41.35 ? 230 HOH A O   1 
HETATM 519 O  O   . HOH E 4 .  ? -14.361 3.159   -6.678  1.00 34.06 ? 231 HOH A O   1 
HETATM 520 O  O   . HOH E 4 .  ? 0.187   -8.772  -1.514  1.00 37.21 ? 232 HOH A O   1 
HETATM 521 O  O   . HOH E 4 .  ? 8.132   2.896   -13.299 1.00 30.70 ? 233 HOH A O   1 
HETATM 522 O  O   . HOH E 4 .  ? 9.204   1.552   -9.211  1.00 24.79 ? 234 HOH A O   1 
HETATM 523 O  O   . HOH E 4 .  ? 5.381   -8.334  -12.674 1.00 27.84 ? 235 HOH A O   1 
HETATM 524 O  O   . HOH E 4 .  ? -16.009 4.616   -5.822  0.50 39.18 ? 236 HOH A O   1 
HETATM 525 O  O   . HOH F 4 .  ? -6.006  -3.010  19.055  1.00 30.79 ? 101 HOH F O   1 
HETATM 526 O  O   . HOH F 4 .  ? 0.001   -8.027  13.781  1.00 36.06 ? 102 HOH F O   1 
HETATM 527 O  O   . HOH F 4 .  ? -6.267  -11.399 18.475  1.00 35.94 ? 103 HOH F O   1 
HETATM 528 O  O   . HOH F 4 .  ? -1.534  -12.422 17.254  1.00 31.70 ? 104 HOH F O   1 
HETATM 529 O  O   . HOH F 4 .  ? -4.448  -0.858  7.819   1.00 21.06 ? 105 HOH F O   1 
HETATM 530 O  O   . HOH F 4 .  ? 1.477   4.390   6.893   1.00 24.89 ? 106 HOH F O   1 
HETATM 531 O  O   . HOH F 4 .  ? -5.602  -1.798  23.153  1.00 34.03 ? 107 HOH F O   1 
HETATM 532 O  O   . HOH F 4 .  ? -4.970  -3.786  16.018  1.00 34.94 ? 108 HOH F O   1 
HETATM 533 O  O   . HOH F 4 .  ? -5.084  7.197   5.796   1.00 35.12 ? 109 HOH F O   1 
HETATM 534 O  O   . HOH F 4 .  ? -8.328  3.666   5.421   1.00 37.93 ? 110 HOH F O   1 
HETATM 535 O  O   . HOH F 4 .  ? -5.767  -13.822 18.207  1.00 33.90 ? 111 HOH F O   1 
HETATM 536 O  O   . HOH F 4 .  ? -6.598  0.985   8.807   1.00 36.12 ? 112 HOH F O   1 
HETATM 537 O  O   . HOH F 4 .  ? -0.843  6.134   7.166   1.00 34.44 ? 113 HOH F O   1 
# 
loop_
_atom_site_anisotrop.id 
_atom_site_anisotrop.type_symbol 
_atom_site_anisotrop.pdbx_label_atom_id 
_atom_site_anisotrop.pdbx_label_alt_id 
_atom_site_anisotrop.pdbx_label_comp_id 
_atom_site_anisotrop.pdbx_label_asym_id 
_atom_site_anisotrop.pdbx_label_seq_id 
_atom_site_anisotrop.pdbx_PDB_ins_code 
_atom_site_anisotrop.U[1][1] 
_atom_site_anisotrop.U[2][2] 
_atom_site_anisotrop.U[3][3] 
_atom_site_anisotrop.U[1][2] 
_atom_site_anisotrop.U[1][3] 
_atom_site_anisotrop.U[2][3] 
_atom_site_anisotrop.pdbx_auth_seq_id 
_atom_site_anisotrop.pdbx_auth_comp_id 
_atom_site_anisotrop.pdbx_auth_asym_id 
_atom_site_anisotrop.pdbx_auth_atom_id 
1   N  N   . GLY A 1  ? 0.5159 0.5670 0.5185 -0.0097 -0.0250 -0.0049 18  GLY A N   
2   C  CA  . GLY A 1  ? 0.5068 0.5553 0.5051 -0.0036 -0.0272 0.0068  18  GLY A CA  
3   C  C   . GLY A 1  ? 0.4963 0.5454 0.4902 0.0009  -0.0427 0.0262  18  GLY A C   
4   O  O   . GLY A 1  ? 0.5046 0.5563 0.4917 -0.0016 -0.0508 0.0321  18  GLY A O   
5   N  N   . ALA A 2  ? 0.4765 0.5270 0.4704 0.0027  -0.0481 0.0399  19  ALA A N   
6   C  CA  . ALA A 2  ? 0.4588 0.4972 0.4496 0.0019  -0.0427 0.0533  19  ALA A CA  
7   C  C   . ALA A 2  ? 0.4510 0.4725 0.4217 -0.0088 -0.0280 0.0665  19  ALA A C   
8   O  O   . ALA A 2  ? 0.4507 0.4677 0.4151 -0.0185 -0.0206 0.0840  19  ALA A O   
9   C  CB  . ALA A 2  ? 0.4499 0.4952 0.4543 0.0039  -0.0449 0.0518  19  ALA A CB  
10  N  N   . MET A 3  ? 0.4327 0.4520 0.4054 -0.0106 -0.0159 0.0624  20  MET A N   
11  C  CA  . MET A 3  ? 0.3979 0.4250 0.3980 -0.0051 -0.0158 0.0695  20  MET A CA  
12  C  C   . MET A 3  ? 0.4066 0.4291 0.4323 0.0018  -0.0160 0.0382  20  MET A C   
13  O  O   . MET A 3  ? 0.3970 0.4438 0.4536 0.0039  -0.0142 0.0178  20  MET A O   
14  C  CB  . MET A 3  ? 0.3584 0.4091 0.3655 -0.0294 -0.0086 0.0930  20  MET A CB  
15  C  CG  . MET A 3  ? 0.3292 0.4105 0.3400 -0.0404 -0.0041 0.1102  20  MET A CG  
16  S  SD  . MET A 3  ? 0.2913 0.4082 0.3220 -0.0565 -0.0098 0.1182  20  MET A SD  
17  C  CE  . MET A 3  ? 0.2684 0.4157 0.3414 -0.0478 -0.0114 0.1248  20  MET A CE  
18  N  N   . GLY A 4  ? 0.4174 0.4372 0.4414 -0.0021 -0.0179 0.0259  21  GLY A N   
19  C  CA  . GLY A 4  ? 0.4407 0.4590 0.4430 -0.0060 -0.0167 0.0187  21  GLY A CA  
20  C  C   . GLY A 4  ? 0.4697 0.4578 0.4436 -0.0121 -0.0158 0.0163  21  GLY A C   
21  O  O   . GLY A 4  ? 0.4839 0.4586 0.4617 -0.0341 -0.0084 0.0090  21  GLY A O   
22  N  N   . SER A 5  ? 0.4893 0.4304 0.4215 0.0001  -0.0209 0.0197  22  SER A N   
23  C  CA  . SER A 5  ? 0.5089 0.4234 0.4064 0.0121  -0.0203 0.0231  22  SER A CA  
24  C  C   . SER A 5  ? 0.4886 0.3994 0.3818 0.0275  -0.0143 0.0287  22  SER A C   
25  O  O   . SER A 5  ? 0.5080 0.3923 0.3899 0.0411  -0.0194 0.0435  22  SER A O   
26  C  CB  . SER A 5  ? 0.5247 0.4476 0.4257 0.0083  -0.0213 0.0164  22  SER A CB  
27  O  OG  . SER A 5  ? 0.5192 0.4679 0.4375 0.0085  -0.0146 0.0193  22  SER A OG  
28  N  N   . VAL A 6  ? 0.4388 0.3615 0.3521 0.0172  -0.0101 0.0220  23  VAL A N   
29  C  CA  . VAL A 6  ? 0.3839 0.3195 0.3133 0.0122  0.0002  0.0409  23  VAL A CA  
30  C  C   . VAL A 6  ? 0.3595 0.2647 0.2706 0.0173  0.0047  0.0662  23  VAL A C   
31  O  O   . VAL A 6  ? 0.3416 0.2530 0.2332 0.0168  0.0125  0.0944  23  VAL A O   
32  C  CB  . VAL A 6  ? 0.3622 0.3520 0.3284 0.0094  0.0075  0.0287  23  VAL A CB  
33  C  CG1 . VAL A 6  ? 0.3426 0.3564 0.3399 0.0020  0.0168  0.0142  23  VAL A CG1 
34  C  CG2 . VAL A 6  ? 0.3644 0.3810 0.3397 0.0062  0.0071  0.0306  23  VAL A CG2 
35  N  N   . SER A 7  ? 0.3392 0.2430 0.2572 0.0281  0.0000  0.0743  24  SER A N   
36  C  CA  . SER A 7  ? 0.3178 0.2263 0.2403 0.0365  -0.0049 0.0862  24  SER A CA  
37  C  C   . SER A 7  ? 0.2806 0.1907 0.2189 0.0101  0.0012  0.0754  24  SER A C   
38  O  O   . SER A 7  ? 0.2870 0.2060 0.2422 -0.0087 0.0064  0.0716  24  SER A O   
39  C  CB  . SER A 7  ? 0.3192 0.2982 0.2534 0.0705  -0.0206 0.0947  24  SER A CB  
40  O  OG  . SER A 7  ? 0.3726 0.3500 0.2964 0.0741  -0.0413 0.0759  24  SER A OG  
41  N  N   . CYS A 8  ? 0.2277 0.1600 0.1974 0.0061  0.0122  0.0551  25  CYS A N   
42  C  CA  . CYS A 8  ? 0.2052 0.1522 0.1960 0.0065  -0.0048 0.0431  25  CYS A CA  
43  C  C   . CYS A 8  ? 0.1903 0.1693 0.2073 0.0196  -0.0028 0.0316  25  CYS A C   
44  O  O   . CYS A 8  ? 0.1746 0.1864 0.2172 0.0345  -0.0068 0.0376  25  CYS A O   
45  C  CB  . CYS A 8  ? 0.1752 0.1638 0.1796 -0.0023 -0.0086 0.0439  25  CYS A CB  
46  S  SG  . CYS A 8  ? 0.1470 0.1722 0.1543 0.0108  0.0035  0.0300  25  CYS A SG  
47  N  N   . GLU A 9  ? 0.1852 0.1606 0.2063 0.0151  -0.0050 0.0148  26  GLU A N   
48  C  CA  . GLU A 9  ? 0.2201 0.1936 0.2069 0.0205  0.0180  -0.0138 26  GLU A CA  
49  C  C   . GLU A 9  ? 0.2323 0.2041 0.2061 0.0358  0.0118  -0.0153 26  GLU A C   
50  O  O   . GLU A 9  ? 0.2660 0.2016 0.2157 0.0432  0.0154  -0.0299 26  GLU A O   
51  C  CB  . GLU A 9  ? 0.2407 0.2383 0.2121 0.0066  0.0410  -0.0403 26  GLU A CB  
52  C  CG  . GLU A 9  ? 0.2738 0.2655 0.2218 0.0022  0.0615  -0.0418 26  GLU A CG  
53  C  CD  . GLU A 9  ? 0.3330 0.2693 0.2485 -0.0052 0.0556  -0.0528 26  GLU A CD  
54  O  OE1 . GLU A 9  ? 0.3766 0.2898 0.2656 -0.0026 0.0358  -0.0590 26  GLU A OE1 
55  O  OE2 . GLU A 9  ? 0.3543 0.2455 0.2733 -0.0131 0.0440  -0.0507 26  GLU A OE2 
56  N  N   . GLU A 10 ? 0.1991 0.2069 0.1986 0.0363  0.0049  -0.0101 27  GLU A N   
57  C  CA  . GLU A 10 ? 0.1926 0.2046 0.1988 0.0376  0.0133  0.0010  27  GLU A CA  
58  C  C   . GLU A 10 ? 0.2010 0.2204 0.2027 0.0484  0.0296  0.0082  27  GLU A C   
59  O  O   . GLU A 10 ? 0.2132 0.2699 0.2235 0.0454  0.0282  -0.0166 27  GLU A O   
60  C  CB  . GLU A 10 ? 0.2046 0.1999 0.1931 0.0592  0.0132  0.0196  27  GLU A CB  
61  C  CG  . GLU A 10 ? 0.2263 0.2238 0.1954 0.0668  0.0157  0.0157  27  GLU A CG  
62  C  CD  . GLU A 10 ? 0.2796 0.2512 0.2160 0.0709  0.0002  0.0209  27  GLU A CD  
63  O  OE1 . GLU A 10 ? 0.3221 0.2564 0.2164 0.0991  -0.0132 0.0187  27  GLU A OE1 
64  O  OE2 . GLU A 10 ? 0.3147 0.2778 0.2336 0.0623  -0.0032 0.0348  27  GLU A OE2 
65  N  N   . CYS A 11 ? 0.1955 0.2113 0.1928 0.0545  0.0263  0.0417  28  CYS A N   
66  C  CA  . CYS A 11 ? 0.1804 0.2488 0.2157 0.0541  0.0336  0.0373  28  CYS A CA  
67  C  C   . CYS A 11 ? 0.1885 0.2677 0.2281 0.0719  0.0201  0.0476  28  CYS A C   
68  O  O   . CYS A 11 ? 0.2040 0.2809 0.2637 0.0935  0.0070  0.0390  28  CYS A O   
69  C  CB  . CYS A 11 ? 0.1729 0.2541 0.2227 0.0348  0.0297  0.0318  28  CYS A CB  
70  S  SG  . CYS A 11 ? 0.1691 0.2385 0.2062 0.0312  0.0249  0.0452  28  CYS A SG  
71  N  N   . GLY A 12 ? 0.2107 0.2369 0.2043 0.0648  0.0194  0.0617  29  GLY A N   
72  C  CA  . GLY A 12 ? 0.2473 0.2336 0.2030 0.0613  0.0102  0.0790  29  GLY A CA  
73  C  C   . GLY A 12 ? 0.2664 0.2447 0.2056 0.0605  -0.0065 0.0981  29  GLY A C   
74  O  O   . GLY A 12 ? 0.3024 0.2674 0.2383 0.0598  -0.0208 0.0911  29  GLY A O   
75  N  N   . GLY A 13 ? 0.2404 0.2641 0.1906 0.0645  -0.0039 0.0825  30  GLY A N   
76  C  CA  . GLY A 13 ? 0.2157 0.2848 0.1816 0.0605  -0.0120 0.0854  30  GLY A CA  
77  C  C   . GLY A 13 ? 0.2086 0.3236 0.1897 0.0429  -0.0057 0.0730  30  GLY A C   
78  O  O   . GLY A 13 ? 0.2306 0.3451 0.1967 0.0293  -0.0019 0.0522  30  GLY A O   
79  N  N   . GLY A 14 ? 0.2107 0.3465 0.1738 0.0445  0.0140  0.0749  31  GLY A N   
80  C  CA  . GLY A 14 ? 0.2115 0.3374 0.1786 0.0544  0.0045  0.0729  31  GLY A CA  
81  C  C   . GLY A 14 ? 0.2157 0.3318 0.1975 0.0569  -0.0063 0.0705  31  GLY A C   
82  O  O   . GLY A 14 ? 0.2247 0.3476 0.2112 0.0755  -0.0173 0.0587  31  GLY A O   
83  N  N   . HIS A 15 ? 0.1952 0.3151 0.2211 0.0271  -0.0161 0.0679  32  HIS A N   
84  C  CA  . HIS A 15 ? 0.1915 0.3105 0.2310 0.0101  -0.0231 0.0640  32  HIS A CA  
85  C  C   . HIS A 15 ? 0.1676 0.2887 0.2217 -0.0083 -0.0219 0.0672  32  HIS A C   
86  O  O   . HIS A 15 ? 0.1858 0.2762 0.2325 -0.0099 -0.0262 0.0740  32  HIS A O   
87  C  CB  . HIS A 15 ? 0.2013 0.3470 0.2453 0.0192  -0.0257 0.0664  32  HIS A CB  
88  C  CG  . HIS A 15 ? 0.2540 0.3672 0.2489 0.0159  -0.0261 0.0690  32  HIS A CG  
89  N  ND1 . HIS A 15 ? 0.2731 0.3801 0.2528 0.0171  -0.0273 0.0679  32  HIS A ND1 
90  C  CD2 . HIS A 15 ? 0.2673 0.3703 0.2400 0.0182  -0.0259 0.0703  32  HIS A CD2 
91  C  CE1 . HIS A 15 ? 0.2666 0.3827 0.2574 0.0178  -0.0315 0.0621  32  HIS A CE1 
92  N  NE2 . HIS A 15 ? 0.2723 0.3800 0.2571 0.0141  -0.0328 0.0615  32  HIS A NE2 
93  N  N   . SER A 16 ? 0.1502 0.2933 0.2097 -0.0287 -0.0146 0.0585  33  SER A N   
94  C  CA  . SER A 16 ? 0.1576 0.2846 0.1975 -0.0328 -0.0010 0.0591  33  SER A CA  
95  C  C   . SER A 16 ? 0.1904 0.2402 0.1927 -0.0429 -0.0233 0.0465  33  SER A C   
96  O  O   . SER A 16 ? 0.1788 0.2358 0.1792 -0.0401 -0.0250 0.0434  33  SER A O   
97  C  CB  . SER A 16 ? 0.1582 0.3570 0.2074 -0.0361 0.0229  0.0562  33  SER A CB  
98  O  OG  . SER A 16 ? 0.1983 0.4082 0.2385 -0.0391 0.0187  0.0556  33  SER A OG  
99  N  N   . PRO A 17 ? 0.1947 0.2178 0.1772 -0.0491 -0.0213 0.0574  34  PRO A N   
100 C  CA  . PRO A 17 ? 0.1825 0.2094 0.1667 -0.0491 -0.0090 0.0622  34  PRO A CA  
101 C  C   . PRO A 17 ? 0.1864 0.2014 0.1593 -0.0527 0.0008  0.0503  34  PRO A C   
102 O  O   . PRO A 17 ? 0.2192 0.1991 0.1677 -0.0418 0.0001  0.0502  34  PRO A O   
103 C  CB  . PRO A 17 ? 0.1912 0.2300 0.1696 -0.0425 -0.0282 0.0706  34  PRO A CB  
104 C  CG  . PRO A 17 ? 0.1940 0.2500 0.1881 -0.0537 -0.0296 0.0661  34  PRO A CG  
105 C  CD  . PRO A 17 ? 0.2184 0.2315 0.1785 -0.0406 -0.0321 0.0734  34  PRO A CD  
106 N  N   . SER A 18 ? 0.1835 0.1917 0.1547 -0.0675 0.0064  0.0281  35  SER A N   
107 C  CA  . SER A 18 ? 0.2021 0.1954 0.1580 -0.0732 0.0047  0.0117  35  SER A CA  
108 C  C   . SER A 18 ? 0.2053 0.1870 0.1540 -0.0600 -0.0072 0.0183  35  SER A C   
109 O  O   . SER A 18 ? 0.2108 0.2306 0.1508 -0.0533 -0.0033 0.0183  35  SER A O   
110 C  CB  . SER A 18 ? 0.2095 0.2242 0.1781 -0.0854 0.0084  -0.0073 35  SER A CB  
111 O  OG  . SER A 18 ? 0.2347 0.2594 0.1947 -0.0871 0.0122  -0.0190 35  SER A OG  
112 N  N   . LYS A 19 ? 0.1727 0.1627 0.1497 -0.0672 -0.0038 0.0164  36  LYS A N   
113 C  CA  . LYS A 19 ? 0.1734 0.1542 0.1598 -0.0614 -0.0036 0.0105  36  LYS A CA  
114 C  C   . LYS A 19 ? 0.1697 0.1433 0.1570 -0.0336 -0.0168 0.0265  36  LYS A C   
115 O  O   . LYS A 19 ? 0.1527 0.1604 0.1724 -0.0254 -0.0322 0.0339  36  LYS A O   
116 C  CB  . LYS A 19 ? 0.1794 0.1685 0.1759 -0.0666 -0.0028 -0.0053 36  LYS A CB  
117 C  CG  . LYS A 19 ? 0.1817 0.1724 0.1953 -0.0792 -0.0036 -0.0114 36  LYS A CG  
118 C  CD  . LYS A 19 ? 0.2009 0.2010 0.1994 -0.0766 0.0140  -0.0160 36  LYS A CD  
119 C  CE  . LYS A 19 ? 0.2262 0.1995 0.1863 -0.0743 0.0253  -0.0068 36  LYS A CE  
120 N  NZ  . LYS A 19 ? 0.2136 0.2417 0.1876 -0.0669 0.0234  -0.0054 36  LYS A NZ  
121 N  N   . LEU A 20 ? 0.1663 0.1581 0.1420 -0.0291 -0.0016 0.0257  37  LEU A N   
122 C  CA  . LEU A 20 ? 0.1711 0.1463 0.1531 -0.0152 -0.0023 0.0247  37  LEU A CA  
123 C  C   . LEU A 20 ? 0.1706 0.1489 0.1712 -0.0245 -0.0005 0.0253  37  LEU A C   
124 O  O   . LEU A 20 ? 0.1699 0.1759 0.1958 -0.0199 -0.0062 0.0455  37  LEU A O   
125 C  CB  . LEU A 20 ? 0.2009 0.1515 0.1639 -0.0089 -0.0121 0.0094  37  LEU A CB  
126 C  CG  . LEU A 20 ? 0.2123 0.1539 0.1848 -0.0010 -0.0303 -0.0029 37  LEU A CG  
127 C  CD1 . LEU A 20 ? 0.2348 0.1523 0.1807 0.0092  -0.0298 -0.0132 37  LEU A CD1 
128 C  CD2 . LEU A 20 ? 0.2014 0.1877 0.2060 -0.0055 -0.0288 -0.0128 37  LEU A CD2 
129 N  N   . LEU A 21 ? 0.1321 0.1396 0.1529 -0.0144 0.0007  0.0205  38  LEU A N   
130 C  CA  . LEU A 21 ? 0.1837 0.1475 0.1355 -0.0059 0.0133  0.0202  38  LEU A CA  
131 C  C   . LEU A 21 ? 0.1570 0.1679 0.1406 -0.0222 0.0172  -0.0061 38  LEU A C   
132 O  O   . LEU A 21 ? 0.1973 0.1946 0.1681 -0.0077 0.0162  -0.0196 38  LEU A O   
133 C  CB  . LEU A 21 ? 0.2884 0.1763 0.1110 0.0134  0.0270  0.0363  38  LEU A CB  
134 C  CG  . LEU A 21 ? 0.3315 0.2279 0.1133 0.0375  0.0478  0.0242  38  LEU A CG  
135 C  CD1 . LEU A 21 ? 0.3098 0.1851 0.1165 0.0455  0.0316  0.0362  38  LEU A CD1 
136 C  CD2 . LEU A 21 ? 0.3564 0.2538 0.1115 0.0470  0.0610  0.0034  38  LEU A CD2 
137 N  N   . LEU A 22 ? 0.1396 0.1633 0.1321 -0.0434 0.0092  -0.0052 39  LEU A N   
138 C  CA  . LEU A 22 ? 0.1630 0.1512 0.1251 -0.0468 0.0013  0.0129  39  LEU A CA  
139 C  C   . LEU A 22 ? 0.1697 0.1685 0.1215 -0.0409 -0.0035 -0.0090 39  LEU A C   
140 O  O   . LEU A 22 ? 0.1767 0.2196 0.1490 -0.0241 -0.0204 -0.0260 39  LEU A O   
141 C  CB  . LEU A 22 ? 0.1648 0.1972 0.1304 -0.0452 0.0080  0.0346  39  LEU A CB  
142 C  CG  . LEU A 22 ? 0.1675 0.2366 0.1466 -0.0198 0.0205  0.0374  39  LEU A CG  
143 C  CD1 . LEU A 22 ? 0.1602 0.2377 0.1570 -0.0234 0.0139  0.0470  39  LEU A CD1 
144 C  CD2 . LEU A 22 ? 0.2063 0.2690 0.1685 -0.0064 0.0151  0.0247  39  LEU A CD2 
145 N  N   . CYS A 23 ? 0.1443 0.1693 0.1123 -0.0503 -0.0120 -0.0014 40  CYS A N   
146 C  CA  . CYS A 23 ? 0.1477 0.1903 0.1025 -0.0514 0.0142  0.0095  40  CYS A CA  
147 C  C   . CYS A 23 ? 0.1513 0.2066 0.1190 -0.0330 0.0118  0.0038  40  CYS A C   
148 O  O   . CYS A 23 ? 0.1616 0.1998 0.1390 -0.0238 0.0077  0.0014  40  CYS A O   
149 C  CB  . CYS A 23 ? 0.1436 0.2121 0.1084 -0.0543 0.0096  0.0108  40  CYS A CB  
150 S  SG  . CYS A 23 ? 0.1619 0.1944 0.1263 -0.0493 0.0051  0.0287  40  CYS A SG  
151 N  N   . ASP A 24 ? 0.1308 0.2361 0.1149 -0.0368 0.0232  0.0114  41  ASP A N   
152 C  CA  . ASP A 24 ? 0.1385 0.2490 0.1309 -0.0492 0.0350  0.0114  41  ASP A CA  
153 C  C   . ASP A 24 ? 0.1363 0.2685 0.1417 -0.0611 0.0418  0.0212  41  ASP A C   
154 O  O   . ASP A 24 ? 0.1595 0.2808 0.1543 -0.0702 0.0259  0.0313  41  ASP A O   
155 C  CB  . ASP A 24 ? 0.1792 0.2407 0.1428 -0.0418 0.0315  0.0052  41  ASP A CB  
156 C  CG  . ASP A 24 ? 0.2394 0.2538 0.1736 -0.0304 0.0168  0.0008  41  ASP A CG  
157 O  OD1 . ASP A 24 ? 0.2676 0.2529 0.1986 -0.0150 -0.0055 -0.0046 41  ASP A OD1 
158 O  OD2 . ASP A 24 ? 0.2755 0.2875 0.1879 -0.0289 0.0188  0.0011  41  ASP A OD2 
159 N  N   . LYS A 25 ? 0.1767 0.2345 0.1606 -0.0557 0.0095  0.0309  42  LYS A N   
160 C  CA  . LYS A 25 ? 0.1950 0.2307 0.1706 -0.0448 0.0014  0.0297  42  LYS A CA  
161 C  C   . LYS A 25 ? 0.1969 0.2314 0.1570 -0.0533 0.0155  0.0205  42  LYS A C   
162 O  O   . LYS A 25 ? 0.2052 0.2391 0.1501 -0.0693 0.0243  0.0072  42  LYS A O   
163 C  CB  . LYS A 25 ? 0.2179 0.2428 0.2059 -0.0395 -0.0227 0.0216  42  LYS A CB  
164 C  CG  . LYS A 25 ? 0.2512 0.2754 0.2540 -0.0358 -0.0546 0.0226  42  LYS A CG  
165 C  CD  . LYS A 25 ? 0.2836 0.3212 0.2935 -0.0365 -0.0718 0.0211  42  LYS A CD  
166 C  CE  . LYS A 25 ? 0.3048 0.3696 0.3202 -0.0365 -0.0812 0.0265  42  LYS A CE  
167 N  NZ  . LYS A 25 ? 0.3217 0.3954 0.3308 -0.0357 -0.0894 0.0349  42  LYS A NZ  
168 N  N   . CYS A 26 ? 0.1700 0.2238 0.1476 -0.0552 0.0162  0.0231  43  CYS A N   
169 C  CA  . CYS A 26 ? 0.1678 0.2024 0.1531 -0.0507 0.0069  0.0307  43  CYS A CA  
170 C  C   . CYS A 26 ? 0.1757 0.1837 0.1460 -0.0406 0.0147  0.0233  43  CYS A C   
171 O  O   . CYS A 26 ? 0.2206 0.1438 0.1551 -0.0333 0.0081  0.0174  43  CYS A O   
172 C  CB  . CYS A 26 ? 0.1888 0.1969 0.1673 -0.0522 0.0007  0.0255  43  CYS A CB  
173 S  SG  . CYS A 26 ? 0.2006 0.1717 0.1567 -0.0431 0.0131  0.0224  43  CYS A SG  
174 N  N   . ASP A 27 ? 0.1794 0.1748 0.1391 -0.0337 0.0141  0.0312  44  ASP A N   
175 C  CA  . ASP A 27 ? 0.2089 0.1509 0.1333 -0.0289 0.0069  0.0500  44  ASP A CA  
176 C  C   . ASP A 27 ? 0.2024 0.1586 0.1422 -0.0176 -0.0002 0.0351  44  ASP A C   
177 O  O   . ASP A 27 ? 0.2066 0.2065 0.1416 -0.0145 0.0015  0.0334  44  ASP A O   
178 C  CB  . ASP A 27 ? 0.2260 0.1377 0.1357 -0.0283 0.0105  0.0448  44  ASP A CB  
179 C  CG  . ASP A 27 ? 0.2296 0.1488 0.1483 -0.0250 0.0031  0.0498  44  ASP A CG  
180 O  OD1 . ASP A 27 ? 0.2158 0.1718 0.1429 -0.0322 0.0081  0.0316  44  ASP A OD1 
181 O  OD2 . ASP A 27 ? 0.2497 0.2009 0.1454 -0.0189 0.0000  0.0546  44  ASP A OD2 
182 N  N   . ARG A 28 ? 0.1845 0.1406 0.1540 -0.0276 0.0099  -0.0016 45  ARG A N   
183 C  CA  . ARG A 28 ? 0.1799 0.1448 0.1603 -0.0256 0.0199  -0.0185 45  ARG A CA  
184 C  C   . ARG A 28 ? 0.1836 0.1529 0.1501 -0.0324 0.0068  -0.0034 45  ARG A C   
185 O  O   . ARG A 28 ? 0.1914 0.1568 0.1550 -0.0360 -0.0049 0.0015  45  ARG A O   
186 C  CB  . ARG A 28 ? 0.1921 0.1632 0.1919 -0.0302 0.0271  -0.0460 45  ARG A CB  
187 C  CG  . ARG A 28 ? 0.2252 0.1577 0.2243 -0.0316 0.0357  -0.0724 45  ARG A CG  
188 C  CD  . ARG A 28 ? 0.2756 0.1680 0.2516 -0.0329 0.0443  -0.0908 45  ARG A CD  
189 N  NE  . ARG A 28 ? 0.3273 0.2022 0.2811 -0.0403 0.0345  -0.0830 45  ARG A NE  
190 C  CZ  . ARG A 28 ? 0.3355 0.2269 0.2935 -0.0500 0.0321  -0.0759 45  ARG A CZ  
191 N  NH1 . ARG A 28 ? 0.3051 0.2685 0.2796 -0.0578 0.0449  -0.0616 45  ARG A NH1 
192 N  NH2 . ARG A 28 ? 0.3717 0.2482 0.3072 -0.0488 0.0342  -0.0668 45  ARG A NH2 
193 N  N   . GLY A 29 ? 0.1543 0.1588 0.1522 -0.0448 -0.0032 -0.0045 46  GLY A N   
194 C  CA  . GLY A 29 ? 0.1527 0.1400 0.1537 -0.0497 0.0066  0.0054  46  GLY A CA  
195 C  C   . GLY A 29 ? 0.1456 0.1514 0.1542 -0.0341 0.0052  0.0076  46  GLY A C   
196 O  O   . GLY A 29 ? 0.1794 0.1371 0.1529 -0.0250 -0.0004 0.0065  46  GLY A O   
197 N  N   . TYR A 30 ? 0.1281 0.1105 0.1533 -0.0376 0.0071  0.0004  47  TYR A N   
198 C  CA  . TYR A 30 ? 0.1372 0.1105 0.1534 -0.0279 -0.0073 0.0116  47  TYR A CA  
199 C  C   . TYR A 30 ? 0.1233 0.1433 0.1529 -0.0276 -0.0072 0.0125  47  TYR A C   
200 O  O   . TYR A 30 ? 0.1619 0.1531 0.1512 -0.0250 -0.0074 0.0232  47  TYR A O   
201 C  CB  . TYR A 30 ? 0.1532 0.1302 0.1541 -0.0232 -0.0186 0.0077  47  TYR A CB  
202 C  CG  . TYR A 30 ? 0.2116 0.1155 0.1629 -0.0103 -0.0339 -0.0003 47  TYR A CG  
203 C  CD1 . TYR A 30 ? 0.2249 0.1469 0.1693 -0.0101 -0.0385 -0.0011 47  TYR A CD1 
204 C  CD2 . TYR A 30 ? 0.2310 0.1189 0.1706 -0.0063 -0.0467 -0.0009 47  TYR A CD2 
205 C  CE1 . TYR A 30 ? 0.2040 0.1587 0.1782 -0.0249 -0.0456 0.0026  47  TYR A CE1 
206 C  CE2 . TYR A 30 ? 0.2588 0.1288 0.1734 -0.0098 -0.0528 -0.0001 47  TYR A CE2 
207 C  CZ  . TYR A 30 ? 0.2442 0.1680 0.1878 -0.0181 -0.0543 0.0037  47  TYR A CZ  
208 O  OH  . TYR A 30 ? 0.2472 0.1726 0.2088 -0.0362 -0.0620 -0.0009 47  TYR A OH  
209 N  N   . HIS A 31 ? 0.1207 0.1449 0.1506 -0.0251 -0.0022 0.0219  48  HIS A N   
210 C  CA  . HIS A 31 ? 0.1167 0.1490 0.1549 -0.0165 -0.0046 0.0300  48  HIS A CA  
211 C  C   . HIS A 31 ? 0.1111 0.1421 0.1685 -0.0113 -0.0003 0.0126  48  HIS A C   
212 O  O   . HIS A 31 ? 0.1282 0.1333 0.1634 -0.0126 0.0080  0.0160  48  HIS A O   
213 C  CB  . HIS A 31 ? 0.1260 0.1893 0.1571 -0.0272 -0.0054 0.0355  48  HIS A CB  
214 C  CG  . HIS A 31 ? 0.1486 0.2092 0.1463 -0.0105 0.0006  0.0271  48  HIS A CG  
215 N  ND1 . HIS A 31 ? 0.1638 0.2303 0.1456 -0.0034 0.0014  0.0293  48  HIS A ND1 
216 C  CD2 . HIS A 31 ? 0.1584 0.2009 0.1438 -0.0141 -0.0044 0.0212  48  HIS A CD2 
217 C  CE1 . HIS A 31 ? 0.1685 0.2351 0.1359 -0.0037 0.0135  0.0334  48  HIS A CE1 
218 N  NE2 . HIS A 31 ? 0.1834 0.2082 0.1397 -0.0090 0.0018  0.0145  48  HIS A NE2 
219 N  N   . LEU A 32 ? 0.1353 0.1100 0.1565 -0.0036 0.0086  0.0181  49  LEU A N   
220 C  CA  . LEU A 32 ? 0.1602 0.1081 0.1394 -0.0123 0.0184  0.0106  49  LEU A CA  
221 C  C   . LEU A 32 ? 0.1600 0.1285 0.1302 -0.0108 0.0116  0.0155  49  LEU A C   
222 O  O   . LEU A 32 ? 0.1768 0.1414 0.1200 -0.0208 0.0085  0.0371  49  LEU A O   
223 C  CB  . LEU A 32 ? 0.1629 0.1415 0.1240 -0.0278 0.0227  -0.0078 49  LEU A CB  
224 C  CG  . LEU A 32 ? 0.1548 0.1928 0.1270 -0.0412 0.0133  -0.0108 49  LEU A CG  
225 C  CD1 . LEU A 32 ? 0.1895 0.2149 0.1277 -0.0468 0.0080  -0.0202 49  LEU A CD1 
226 C  CD2 . LEU A 32 ? 0.1684 0.2069 0.1431 -0.0345 -0.0079 -0.0217 49  LEU A CD2 
227 N  N   . PHE A 33 ? 0.1138 0.1516 0.1446 -0.0219 0.0139  0.0055  50  PHE A N   
228 C  CA  . PHE A 33 ? 0.1092 0.1734 0.1419 -0.0269 0.0015  0.0176  50  PHE A CA  
229 C  C   . PHE A 33 ? 0.1272 0.1794 0.1519 -0.0077 0.0045  0.0099  50  PHE A C   
230 O  O   . PHE A 33 ? 0.1613 0.1838 0.1700 -0.0131 -0.0062 0.0033  50  PHE A O   
231 C  CB  . PHE A 33 ? 0.1281 0.1785 0.1534 -0.0339 -0.0106 0.0352  50  PHE A CB  
232 C  CG  . PHE A 33 ? 0.1403 0.1911 0.1551 -0.0354 -0.0029 0.0388  50  PHE A CG  
233 C  CD1 . PHE A 33 ? 0.1453 0.1835 0.1589 -0.0233 -0.0024 0.0632  50  PHE A CD1 
234 C  CD2 . PHE A 33 ? 0.1440 0.2082 0.1658 -0.0437 -0.0064 0.0433  50  PHE A CD2 
235 C  CE1 . PHE A 33 ? 0.1616 0.2084 0.1488 -0.0241 0.0135  0.0565  50  PHE A CE1 
236 C  CE2 . PHE A 33 ? 0.1313 0.2149 0.1690 -0.0409 0.0088  0.0274  50  PHE A CE2 
237 C  CZ  . PHE A 33 ? 0.1502 0.2054 0.1502 -0.0286 0.0165  0.0372  50  PHE A CZ  
238 N  N   . CYS A 34 ? 0.1500 0.1408 0.1433 -0.0228 0.0071  0.0090  51  CYS A N   
239 C  CA  . CYS A 34 ? 0.1475 0.1430 0.1483 -0.0104 -0.0076 0.0264  51  CYS A CA  
240 C  C   . CYS A 34 ? 0.1420 0.1446 0.1341 -0.0092 -0.0026 0.0188  51  CYS A C   
241 O  O   . CYS A 34 ? 0.1319 0.1673 0.1410 -0.0129 -0.0061 0.0171  51  CYS A O   
242 C  CB  . CYS A 34 ? 0.1545 0.1527 0.1688 -0.0104 -0.0100 0.0378  51  CYS A CB  
243 S  SG  . CYS A 34 ? 0.1390 0.1977 0.1765 -0.0020 -0.0044 0.0398  51  CYS A SG  
244 N  N   . LEU A 35 ? 0.1360 0.1438 0.1242 -0.0088 -0.0070 0.0120  52  LEU A N   
245 C  CA  . LEU A 35 ? 0.1168 0.1519 0.1243 -0.0108 -0.0008 0.0144  52  LEU A CA  
246 C  C   . LEU A 35 ? 0.1240 0.1621 0.1217 -0.0236 -0.0021 0.0131  52  LEU A C   
247 O  O   . LEU A 35 ? 0.1339 0.1531 0.1283 -0.0220 -0.0062 0.0047  52  LEU A O   
248 C  CB  . LEU A 35 ? 0.1198 0.1223 0.1208 -0.0014 0.0084  0.0025  52  LEU A CB  
249 C  CG  . LEU A 35 ? 0.1356 0.1124 0.1220 -0.0097 0.0135  -0.0167 52  LEU A CG  
250 C  CD1 . LEU A 35 ? 0.1434 0.1360 0.1182 0.0044  0.0118  -0.0180 52  LEU A CD1 
251 C  CD2 . LEU A 35 ? 0.1653 0.0921 0.1314 -0.0152 0.0022  -0.0131 52  LEU A CD2 
252 N  N   . ARG A 36 ? 0.1189 0.1517 0.1147 -0.0187 0.0116  0.0059  53  ARG A N   
253 C  CA  . ARG A 36 ? 0.1122 0.1453 0.1132 0.0064  0.0169  0.0029  53  ARG A CA  
254 C  C   . ARG A 36 ? 0.1276 0.1545 0.1264 0.0107  0.0018  -0.0058 53  ARG A C   
255 O  O   . ARG A 36 ? 0.1272 0.1479 0.1320 0.0025  -0.0114 -0.0036 53  ARG A O   
256 C  CB  . ARG A 36 ? 0.1057 0.1451 0.1336 0.0163  0.0163  -0.0035 53  ARG A CB  
257 C  CG  . ARG A 36 ? 0.0919 0.1397 0.1601 0.0167  -0.0060 0.0174  53  ARG A CG  
258 C  CD  . ARG A 36 ? 0.0807 0.1579 0.1740 0.0088  -0.0026 0.0210  53  ARG A CD  
259 N  NE  . ARG A 36 ? 0.0917 0.1846 0.1597 -0.0118 0.0242  0.0233  53  ARG A NE  
260 C  CZ  . ARG A 36 ? 0.0912 0.1492 0.1717 -0.0233 0.0265  0.0362  53  ARG A CZ  
261 N  NH1 . ARG A 36 ? 0.1219 0.1379 0.1599 -0.0250 0.0299  0.0447  53  ARG A NH1 
262 N  NH2 . ARG A 36 ? 0.1090 0.1314 0.2020 -0.0238 -0.0038 0.0400  53  ARG A NH2 
263 N  N   . PRO A 37 ? 0.1235 0.1306 0.1296 0.0039  -0.0013 -0.0128 54  PRO A N   
264 C  CA  . PRO A 37 ? 0.1404 0.1197 0.1373 0.0134  -0.0107 -0.0176 54  PRO A CA  
265 C  C   . PRO A 37 ? 0.1407 0.1085 0.1314 -0.0093 -0.0117 0.0039  54  PRO A C   
266 O  O   . PRO A 37 ? 0.1440 0.1384 0.1555 -0.0168 -0.0217 0.0220  54  PRO A O   
267 C  CB  . PRO A 37 ? 0.1380 0.1139 0.1673 0.0130  -0.0199 -0.0234 54  PRO A CB  
268 C  CG  . PRO A 37 ? 0.1291 0.1482 0.1605 0.0111  -0.0008 -0.0322 54  PRO A CG  
269 C  CD  . PRO A 37 ? 0.1131 0.1486 0.1300 0.0223  0.0088  -0.0237 54  PRO A CD  
270 N  N   . ILE A 38 ? 0.1020 0.1550 0.1272 -0.0199 -0.0029 0.0033  55  ILE A N   
271 C  CA  . ILE A 38 ? 0.1244 0.1537 0.1036 -0.0293 0.0144  0.0050  55  ILE A CA  
272 C  C   . ILE A 38 ? 0.1568 0.1393 0.1287 -0.0100 -0.0092 0.0140  55  ILE A C   
273 O  O   . ILE A 38 ? 0.1889 0.1429 0.1405 0.0033  -0.0309 0.0203  55  ILE A O   
274 C  CB  . ILE A 38 ? 0.1214 0.1862 0.1035 -0.0389 0.0287  0.0048  55  ILE A CB  
275 C  CG1 . ILE A 38 ? 0.1175 0.2178 0.1372 -0.0625 0.0393  0.0096  55  ILE A CG1 
276 C  CG2 . ILE A 38 ? 0.1444 0.1906 0.0875 -0.0425 0.0294  -0.0014 55  ILE A CG2 
277 C  CD1 . ILE A 38 ? 0.1391 0.2372 0.1615 -0.0766 0.0329  0.0203  55  ILE A CD1 
278 N  N   . LEU A 39 ? 0.1485 0.1428 0.1254 -0.0215 0.0068  -0.0019 56  LEU A N   
279 C  CA  . LEU A 39 ? 0.1384 0.1539 0.1547 -0.0365 -0.0008 -0.0001 56  LEU A CA  
280 C  C   . LEU A 39 ? 0.1371 0.1657 0.1633 -0.0238 -0.0135 0.0006  56  LEU A C   
281 O  O   . LEU A 39 ? 0.1553 0.1657 0.1724 -0.0146 -0.0318 0.0043  56  LEU A O   
282 C  CB  . LEU A 39 ? 0.1476 0.1291 0.1934 -0.0299 -0.0260 0.0192  56  LEU A CB  
283 C  CG  . LEU A 39 ? 0.1539 0.1273 0.2329 -0.0240 -0.0501 0.0371  56  LEU A CG  
284 C  CD1 . LEU A 39 ? 0.1515 0.1552 0.2238 -0.0232 -0.0281 0.0360  56  LEU A CD1 
285 C  CD2 . LEU A 39 ? 0.1543 0.1566 0.2607 -0.0280 -0.0581 0.0390  56  LEU A CD2 
286 N  N   . PRO A 40 ? 0.1268 0.1341 0.1610 -0.0183 -0.0179 -0.0116 57  PRO A N   
287 C  CA  . PRO A 40 ? 0.1620 0.1520 0.1698 -0.0240 -0.0122 -0.0286 57  PRO A CA  
288 C  C   . PRO A 40 ? 0.1793 0.2079 0.1677 -0.0206 -0.0037 -0.0390 57  PRO A C   
289 O  O   . PRO A 40 ? 0.1950 0.2729 0.1852 -0.0257 -0.0087 -0.0365 57  PRO A O   
290 C  CB  . PRO A 40 ? 0.1601 0.1589 0.1874 -0.0237 -0.0222 -0.0235 57  PRO A CB  
291 C  CG  . PRO A 40 ? 0.1595 0.1375 0.2005 -0.0304 -0.0357 -0.0308 57  PRO A CG  
292 C  CD  . PRO A 40 ? 0.1613 0.1339 0.1823 -0.0238 -0.0180 -0.0335 57  PRO A CD  
293 N  N   . SER A 41 ? 0.2161 0.1783 0.1544 -0.0077 0.0088  -0.0311 58  SER A N   
294 C  CA  . SER A 41 ? 0.2496 0.1600 0.1871 -0.0203 -0.0007 -0.0206 58  SER A CA  
295 C  C   . SER A 41 ? 0.2337 0.1767 0.1788 -0.0388 0.0150  -0.0043 58  SER A C   
296 O  O   . SER A 41 ? 0.2500 0.1561 0.1687 -0.0520 0.0197  -0.0088 58  SER A O   
297 C  CB  . SER A 41 ? 0.2798 0.1847 0.2239 0.0065  -0.0199 -0.0267 58  SER A CB  
298 O  OG  . SER A 41 ? 0.3252 0.2081 0.2574 0.0102  -0.0298 -0.0405 58  SER A OG  
299 N  N   . VAL A 42 ? 0.2206 0.1752 0.1721 -0.0330 0.0272  0.0165  59  VAL A N   
300 C  CA  . VAL A 42 ? 0.2223 0.1480 0.1764 -0.0276 0.0334  -0.0013 59  VAL A CA  
301 C  C   . VAL A 42 ? 0.2389 0.1741 0.1836 -0.0125 0.0403  -0.0127 59  VAL A C   
302 O  O   . VAL A 42 ? 0.2694 0.2113 0.1911 -0.0123 0.0347  -0.0495 59  VAL A O   
303 C  CB  . VAL A 42 ? 0.1819 0.1624 0.1792 -0.0060 0.0270  -0.0257 59  VAL A CB  
304 C  CG1 . VAL A 42 ? 0.1787 0.1377 0.1926 -0.0069 0.0174  -0.0126 59  VAL A CG1 
305 C  CG2 . VAL A 42 ? 0.1819 0.1838 0.2040 -0.0103 0.0057  -0.0412 59  VAL A CG2 
306 N  N   . PRO A 43 ? 0.2102 0.1937 0.2080 0.0012  0.0285  -0.0005 60  PRO A N   
307 C  CA  . PRO A 43 ? 0.2125 0.2263 0.2425 -0.0063 0.0233  -0.0013 60  PRO A CA  
308 C  C   . PRO A 43 ? 0.2155 0.2410 0.2774 -0.0064 0.0206  0.0081  60  PRO A C   
309 O  O   . PRO A 43 ? 0.2099 0.2158 0.2805 -0.0038 0.0040  0.0395  60  PRO A O   
310 C  CB  . PRO A 43 ? 0.2147 0.2334 0.2321 0.0003  0.0130  -0.0047 60  PRO A CB  
311 C  CG  . PRO A 43 ? 0.2188 0.2037 0.2344 0.0031  0.0057  0.0046  60  PRO A CG  
312 C  CD  . PRO A 43 ? 0.2157 0.1916 0.2066 -0.0013 0.0048  0.0067  60  PRO A CD  
313 N  N   . LYS A 44 ? 0.2267 0.2671 0.3091 -0.0059 0.0280  -0.0140 61  LYS A N   
314 C  CA  . LYS A 44 ? 0.2536 0.3133 0.3316 -0.0069 0.0327  -0.0287 61  LYS A CA  
315 C  C   . LYS A 44 ? 0.2297 0.3117 0.3143 0.0029  0.0390  -0.0356 61  LYS A C   
316 O  O   . LYS A 44 ? 0.2334 0.3221 0.3303 -0.0039 0.0238  -0.0523 61  LYS A O   
317 C  CB  . LYS A 44 ? 0.3008 0.3507 0.3686 -0.0044 0.0179  -0.0343 61  LYS A CB  
318 C  CG  . LYS A 44 ? 0.3729 0.4140 0.3941 -0.0060 0.0065  -0.0303 61  LYS A CG  
319 C  CD  . LYS A 44 ? 0.4412 0.4640 0.4154 -0.0095 -0.0017 -0.0271 61  LYS A CD  
320 C  CE  . LYS A 44 ? 0.4801 0.4920 0.4244 -0.0051 -0.0134 -0.0231 61  LYS A CE  
321 N  NZ  . LYS A 44 ? 0.5174 0.5041 0.4361 -0.0010 -0.0150 -0.0202 61  LYS A NZ  
322 N  N   . GLY A 45 ? 0.1999 0.2995 0.2619 0.0108  0.0730  -0.0197 62  GLY A N   
323 C  CA  . GLY A 45 ? 0.2301 0.2913 0.2589 0.0112  0.0705  -0.0220 62  GLY A CA  
324 C  C   . GLY A 45 ? 0.2247 0.3182 0.2339 0.0104  0.0740  -0.0100 62  GLY A C   
325 O  O   . GLY A 45 ? 0.2365 0.3301 0.2397 0.0022  0.0743  -0.0204 62  GLY A O   
326 N  N   . SER A 46 ? 0.2316 0.2857 0.2224 0.0090  0.0519  0.0160  63  SER A N   
327 C  CA  . SER A 46 ? 0.2168 0.2731 0.2257 0.0219  0.0323  0.0152  63  SER A CA  
328 C  C   . SER A 46 ? 0.2217 0.2261 0.2160 0.0163  0.0209  0.0128  63  SER A C   
329 O  O   . SER A 46 ? 0.2502 0.2590 0.2370 0.0350  0.0245  0.0006  63  SER A O   
330 C  CB  . SER A 46 ? 0.2759 0.3258 0.2727 0.0265  -0.0099 0.0354  63  SER A CB  
331 O  OG  . SER A 46 ? 0.3421 0.3968 0.3158 0.0079  -0.0222 0.0166  63  SER A OG  
332 N  N   . TRP A 47 ? 0.1862 0.2137 0.1804 -0.0095 0.0349  -0.0071 64  TRP A N   
333 C  CA  . TRP A 47 ? 0.1478 0.2251 0.1535 -0.0269 0.0366  0.0008  64  TRP A CA  
334 C  C   . TRP A 47 ? 0.1444 0.2215 0.1386 -0.0140 0.0325  0.0008  64  TRP A C   
335 O  O   . TRP A 47 ? 0.1508 0.2430 0.1342 -0.0244 0.0159  0.0011  64  TRP A O   
336 C  CB  . TRP A 47 ? 0.1411 0.2220 0.1637 -0.0323 0.0199  0.0200  64  TRP A CB  
337 C  CG  . TRP A 47 ? 0.1344 0.2001 0.1658 -0.0289 0.0128  0.0411  64  TRP A CG  
338 C  CD1 . TRP A 47 ? 0.1578 0.2123 0.1765 -0.0327 0.0084  0.0421  64  TRP A CD1 
339 C  CD2 . TRP A 47 ? 0.1240 0.1889 0.1738 -0.0244 0.0030  0.0452  64  TRP A CD2 
340 N  NE1 . TRP A 47 ? 0.1320 0.2149 0.1802 -0.0318 0.0069  0.0432  64  TRP A NE1 
341 C  CE2 . TRP A 47 ? 0.1151 0.1926 0.1758 -0.0234 0.0017  0.0487  64  TRP A CE2 
342 C  CE3 . TRP A 47 ? 0.1314 0.1850 0.1736 -0.0147 0.0113  0.0329  64  TRP A CE3 
343 C  CZ2 . TRP A 47 ? 0.1199 0.1945 0.1759 -0.0207 0.0103  0.0437  64  TRP A CZ2 
344 C  CZ3 . TRP A 47 ? 0.1237 0.1897 0.1741 -0.0213 0.0108  0.0349  64  TRP A CZ3 
345 C  CH2 . TRP A 47 ? 0.1380 0.1844 0.1740 -0.0222 0.0145  0.0436  64  TRP A CH2 
346 N  N   . PHE A 48 ? 0.1284 0.2323 0.1223 -0.0053 0.0492  -0.0033 65  PHE A N   
347 C  CA  . PHE A 48 ? 0.0996 0.2098 0.1385 -0.0114 0.0350  0.0065  65  PHE A CA  
348 C  C   . PHE A 48 ? 0.1394 0.2016 0.1391 -0.0192 0.0196  0.0220  65  PHE A C   
349 O  O   . PHE A 48 ? 0.1747 0.1838 0.1492 -0.0199 0.0066  0.0237  65  PHE A O   
350 C  CB  . PHE A 48 ? 0.0947 0.2202 0.1583 -0.0220 0.0275  0.0026  65  PHE A CB  
351 C  CG  . PHE A 48 ? 0.1042 0.2661 0.1781 -0.0300 0.0388  0.0060  65  PHE A CG  
352 C  CD1 . PHE A 48 ? 0.1278 0.2850 0.1887 -0.0413 0.0405  0.0012  65  PHE A CD1 
353 C  CD2 . PHE A 48 ? 0.1225 0.2795 0.1882 -0.0142 0.0315  0.0128  65  PHE A CD2 
354 C  CE1 . PHE A 48 ? 0.1237 0.2872 0.1860 -0.0480 0.0440  -0.0017 65  PHE A CE1 
355 C  CE2 . PHE A 48 ? 0.1571 0.2715 0.1991 -0.0340 0.0297  0.0217  65  PHE A CE2 
356 C  CZ  . PHE A 48 ? 0.1725 0.2736 0.2011 -0.0327 0.0217  0.0142  65  PHE A CZ  
357 N  N   . CYS A 49 ? 0.1414 0.2064 0.1312 -0.0282 0.0116  0.0218  66  CYS A N   
358 C  CA  . CYS A 49 ? 0.1275 0.2114 0.1261 -0.0181 0.0118  0.0382  66  CYS A CA  
359 C  C   . CYS A 49 ? 0.1241 0.2183 0.1435 -0.0185 0.0149  0.0280  66  CYS A C   
360 O  O   . CYS A 49 ? 0.1191 0.2302 0.1473 -0.0086 0.0216  0.0240  66  CYS A O   
361 C  CB  . CYS A 49 ? 0.1527 0.2060 0.1455 -0.0227 -0.0048 0.0298  66  CYS A CB  
362 S  SG  . CYS A 49 ? 0.1705 0.1876 0.1360 -0.0369 0.0147  0.0298  66  CYS A SG  
363 N  N   . PRO A 50 ? 0.1441 0.2230 0.1310 -0.0143 0.0257  0.0415  67  PRO A N   
364 C  CA  . PRO A 50 ? 0.1561 0.2388 0.1314 -0.0201 0.0261  0.0391  67  PRO A CA  
365 C  C   . PRO A 50 ? 0.1684 0.2291 0.1433 -0.0080 0.0116  0.0333  67  PRO A C   
366 O  O   . PRO A 50 ? 0.1847 0.2124 0.1586 -0.0069 -0.0027 0.0260  67  PRO A O   
367 C  CB  . PRO A 50 ? 0.1432 0.2720 0.1392 -0.0354 0.0428  0.0265  67  PRO A CB  
368 C  CG  . PRO A 50 ? 0.1411 0.2456 0.1269 -0.0378 0.0461  0.0409  67  PRO A CG  
369 C  CD  . PRO A 50 ? 0.1365 0.2189 0.1367 -0.0410 0.0383  0.0473  67  PRO A CD  
370 N  N   . SER A 51 ? 0.1955 0.2331 0.1629 -0.0163 0.0053  0.0322  68  SER A N   
371 C  CA  . SER A 51 ? 0.2389 0.2533 0.1828 -0.0086 -0.0051 0.0351  68  SER A CA  
372 C  C   . SER A 51 ? 0.2162 0.2583 0.1866 -0.0415 -0.0047 0.0390  68  SER A C   
373 O  O   . SER A 51 ? 0.2407 0.2654 0.2018 -0.0474 -0.0009 0.0280  68  SER A O   
374 C  CB  . SER A 51 ? 0.3102 0.2763 0.2037 0.0076  -0.0076 0.0232  68  SER A CB  
375 O  OG  . SER A 51 ? 0.3185 0.3378 0.2255 0.0075  -0.0062 0.0051  68  SER A OG  
376 N  N   . CYS A 52 ? 0.1902 0.2599 0.1834 -0.0520 0.0039  0.0346  69  CYS A N   
377 C  CA  . CYS A 52 ? 0.1896 0.2715 0.1619 -0.0457 0.0127  0.0459  69  CYS A CA  
378 C  C   . CYS A 52 ? 0.1830 0.2961 0.1909 -0.0622 0.0056  0.0416  69  CYS A C   
379 O  O   . CYS A 52 ? 0.1938 0.3099 0.2100 -0.0692 0.0083  0.0381  69  CYS A O   
380 C  CB  . CYS A 52 ? 0.1903 0.2467 0.1453 -0.0338 0.0115  0.0462  69  CYS A CB  
381 S  SG  . CYS A 52 ? 0.1947 0.2482 0.1545 -0.0348 0.0115  0.0128  69  CYS A SG  
382 N  N   . SER A 53 ? 0.1844 0.2899 0.2067 -0.0583 -0.0113 0.0467  70  SER A N   
383 C  CA  . SER A 53 ? 0.2074 0.2901 0.2381 -0.0479 -0.0331 0.0473  70  SER A CA  
384 C  C   . SER A 53 ? 0.2442 0.2934 0.3044 -0.0191 -0.0749 0.0423  70  SER A C   
385 O  O   . SER A 53 ? 0.2599 0.3154 0.3541 -0.0083 -0.1042 0.0408  70  SER A O   
386 C  CB  . SER A 53 ? 0.2379 0.2921 0.2186 -0.0685 -0.0131 0.0333  70  SER A CB  
387 O  OG  . SER A 53 ? 0.2706 0.3072 0.1980 -0.0749 0.0201  0.0243  70  SER A OG  
388 N  N   . ASN A 54 ? 0.2438 0.2991 0.3127 -0.0246 -0.0776 0.0465  71  ASN A N   
389 C  CA  . ASN A 54 ? 0.2849 0.2964 0.3253 -0.0249 -0.0599 0.0342  71  ASN A CA  
390 C  C   . ASN A 54 ? 0.3047 0.2995 0.3277 -0.0373 -0.0194 0.0266  71  ASN A C   
391 O  O   . ASN A 54 ? 0.3284 0.3392 0.3435 -0.0375 -0.0061 0.0277  71  ASN A O   
392 C  CB  . ASN A 54 ? 0.2933 0.2964 0.3334 -0.0311 -0.0859 0.0318  71  ASN A CB  
393 C  CG  . ASN A 54 ? 0.2761 0.3393 0.3397 -0.0336 -0.0876 0.0186  71  ASN A CG  
394 O  OD1 . ASN A 54 ? 0.2844 0.3769 0.3496 -0.0281 -0.0992 0.0198  71  ASN A OD1 
395 N  ND2 . ASN A 54 ? 0.2703 0.3334 0.3409 -0.0446 -0.0816 0.0122  71  ASN A ND2 
396 N  N   . ALA B 1  ? 0.2845 0.2321 0.2306 0.0203  -0.0022 -0.0199 1   ALA F N   
397 C  CA  . ALA B 1  ? 0.2653 0.2145 0.2176 0.0143  -0.0018 -0.0137 1   ALA F CA  
398 C  C   . ALA B 1  ? 0.2291 0.2156 0.2077 0.0078  -0.0066 -0.0034 1   ALA F C   
399 O  O   . ALA B 1  ? 0.2550 0.2288 0.2325 0.0118  -0.0262 -0.0109 1   ALA F O   
400 C  CB  . ALA B 1  ? 0.2941 0.2073 0.2170 0.0136  -0.0106 -0.0114 1   ALA F CB  
401 N  N   . ARG B 2  ? 0.1901 0.1945 0.1840 -0.0037 0.0101  0.0066  2   ARG F N   
402 C  CA  . ARG B 2  ? 0.1425 0.1916 0.1614 -0.0248 0.0245  0.0158  2   ARG F CA  
403 C  C   . ARG B 2  ? 0.1576 0.1963 0.1509 -0.0326 0.0247  0.0198  2   ARG F C   
404 O  O   . ARG B 2  ? 0.1724 0.1923 0.1378 -0.0334 0.0276  0.0271  2   ARG F O   
405 C  CB  . ARG B 2  ? 0.1541 0.1822 0.1563 -0.0379 0.0327  0.0048  2   ARG F CB  
406 C  CG  . ARG B 2  ? 0.1600 0.1953 0.1596 -0.0397 0.0310  -0.0086 2   ARG F CG  
407 C  CD  . ARG B 2  ? 0.2070 0.1771 0.1469 -0.0384 0.0186  -0.0097 2   ARG F CD  
408 N  NE  . ARG B 2  ? 0.1894 0.1974 0.1414 -0.0364 0.0097  -0.0062 2   ARG F NE  
409 C  CZ  . ARG B 2  ? 0.1915 0.2034 0.1310 -0.0372 -0.0035 0.0054  2   ARG F CZ  
410 N  NH1 . ARG B 2  ? 0.1876 0.2114 0.1316 -0.0313 0.0056  0.0157  2   ARG F NH1 
411 N  NH2 . ARG B 2  ? 0.1786 0.2096 0.1036 -0.0469 -0.0021 0.0236  2   ARG F NH2 
412 N  N   . THR B 3  ? 0.1674 0.2039 0.1493 -0.0364 0.0270  0.0105  3   THR F N   
413 C  CA  . THR B 3  ? 0.1569 0.1820 0.1697 -0.0369 0.0104  0.0018  3   THR F CA  
414 C  C   . THR B 3  ? 0.1676 0.1780 0.1794 -0.0332 0.0099  0.0166  3   THR F C   
415 O  O   . THR B 3  ? 0.1689 0.1886 0.2055 -0.0283 -0.0021 0.0250  3   THR F O   
416 C  CB  . THR B 3  ? 0.1996 0.1763 0.1680 -0.0357 0.0083  -0.0003 3   THR F CB  
417 O  OG1 . THR B 3  ? 0.2107 0.1988 0.1634 -0.0374 0.0066  0.0138  3   THR F OG1 
418 C  CG2 . THR B 3  ? 0.2133 0.1763 0.1926 -0.0266 -0.0063 0.0011  3   THR F CG2 
419 N  N   . LYS B 4  ? 0.1940 0.1652 0.1726 -0.0259 -0.0016 0.0339  4   LYS F N   
420 C  CA  . LYS B 4  ? 0.2105 0.1680 0.1690 -0.0248 -0.0043 0.0427  4   LYS F CA  
421 C  C   . LYS B 4  ? 0.2324 0.1855 0.1634 -0.0394 -0.0025 0.0586  4   LYS F C   
422 O  O   . LYS B 4  ? 0.2231 0.2105 0.1501 -0.0566 0.0222  0.0798  4   LYS F O   
423 C  CB  . LYS B 4  ? 0.1867 0.1733 0.1722 -0.0096 -0.0090 0.0475  4   LYS F CB  
424 C  CG  . LYS B 4  ? 0.2029 0.1630 0.1850 0.0044  -0.0167 0.0472  4   LYS F CG  
425 C  CD  . LYS B 4  ? 0.1982 0.1920 0.2067 0.0224  -0.0123 0.0353  4   LYS F CD  
426 C  CE  . LYS B 4  ? 0.2318 0.2435 0.2383 0.0359  0.0030  0.0245  4   LYS F CE  
427 N  NZ  . LYS B 4  ? 0.2365 0.2659 0.2520 0.0463  0.0122  0.0161  4   LYS F NZ  
428 N  N   . GLN B 5  ? 0.2332 0.2162 0.1665 -0.0425 0.0024  0.0368  5   GLN F N   
429 C  CA  . GLN B 5  ? 0.2823 0.2589 0.1884 -0.0278 -0.0037 0.0189  5   GLN F CA  
430 C  C   . GLN B 5  ? 0.2980 0.2814 0.1837 -0.0167 0.0114  0.0136  5   GLN F C   
431 O  O   . GLN B 5  ? 0.3358 0.3174 0.1816 -0.0171 0.0157  0.0110  5   GLN F O   
432 C  CB  . GLN B 5  ? 0.3369 0.2985 0.2336 -0.0370 -0.0196 0.0015  5   GLN F CB  
433 C  CG  . GLN B 5  ? 0.3960 0.3530 0.3010 -0.0431 -0.0236 -0.0148 5   GLN F CG  
434 C  CD  . GLN B 5  ? 0.4780 0.3887 0.3759 -0.0396 -0.0281 -0.0264 5   GLN F CD  
435 O  OE1 . GLN B 5  ? 0.5157 0.4088 0.4079 -0.0437 -0.0186 -0.0213 5   GLN F OE1 
436 N  NE2 . GLN B 5  ? 0.5045 0.3982 0.4058 -0.0410 -0.0347 -0.0363 5   GLN F NE2 
437 N  N   . THR B 6  ? 0.2484 0.2855 0.1888 -0.0243 0.0324  -0.0131 6   THR F N   
438 C  CA  . THR B 6  ? 0.2229 0.2945 0.2163 -0.0461 0.0282  -0.0218 6   THR F CA  
439 C  C   . THR B 6  ? 0.2155 0.3155 0.2288 -0.0535 0.0170  -0.0118 6   THR F C   
440 O  O   . THR B 6  ? 0.2292 0.3577 0.2123 -0.0522 0.0288  0.0053  6   THR F O   
441 C  CB  . THR B 6  ? 0.2402 0.2839 0.2393 -0.0545 0.0340  -0.0391 6   THR F CB  
442 O  OG1 . THR B 6  ? 0.2320 0.2772 0.2402 -0.0608 0.0125  -0.0341 6   THR F OG1 
443 C  CG2 . THR B 6  ? 0.2730 0.2932 0.2598 -0.0455 0.0455  -0.0465 6   THR F CG2 
444 N  N   . ALA B 7  ? 0.2198 0.2918 0.2569 -0.0583 -0.0077 -0.0148 7   ALA F N   
445 C  CA  . ALA B 7  ? 0.2465 0.2660 0.2727 -0.0602 -0.0206 -0.0108 7   ALA F CA  
446 C  C   . ALA B 7  ? 0.2517 0.2777 0.2778 -0.0672 -0.0118 0.0167  7   ALA F C   
447 O  O   . ALA B 7  ? 0.2411 0.2682 0.2878 -0.0806 -0.0084 0.0266  7   ALA F O   
448 C  CB  . ALA B 7  ? 0.2421 0.2622 0.2826 -0.0625 -0.0318 -0.0335 7   ALA F CB  
449 N  N   . ARG B 8  ? 0.2578 0.3050 0.2867 -0.0598 -0.0208 0.0386  8   ARG F N   
450 C  CA  . ARG B 8  ? 0.2707 0.3111 0.3089 -0.0475 -0.0379 0.0379  8   ARG F CA  
451 C  C   . ARG B 8  ? 0.2980 0.2910 0.2843 -0.0488 -0.0365 0.0379  8   ARG F C   
452 O  O   . ARG B 8  ? 0.3140 0.2721 0.2575 -0.0525 -0.0409 0.0554  8   ARG F O   
453 C  CB  . ARG B 8  ? 0.3020 0.3257 0.3513 -0.0375 -0.0554 0.0368  8   ARG F CB  
454 C  CG  . ARG B 8  ? 0.3167 0.3473 0.4027 -0.0359 -0.0754 0.0256  8   ARG F CG  
455 C  CD  . ARG B 8  ? 0.3507 0.3774 0.4527 -0.0328 -0.0835 0.0159  8   ARG F CD  
456 N  NE  . ARG B 8  ? 0.3867 0.4084 0.5001 -0.0332 -0.0855 -0.0060 8   ARG F NE  
457 C  CZ  . ARG B 8  ? 0.3963 0.4272 0.5389 -0.0356 -0.0738 -0.0214 8   ARG F CZ  
458 N  NH1 . ARG B 8  ? 0.3971 0.4353 0.5521 -0.0341 -0.0715 -0.0305 8   ARG F NH1 
459 N  NH2 . ARG B 8  ? 0.4225 0.4382 0.5499 -0.0321 -0.0690 -0.0177 8   ARG F NH2 
460 N  N   . LYS B 9  ? 0.3096 0.2970 0.2962 -0.0530 -0.0300 0.0213  9   LYS F N   
461 C  CA  . LYS B 9  ? 0.3395 0.3109 0.3070 -0.0496 -0.0071 0.0154  9   LYS F CA  
462 C  C   . LYS B 9  ? 0.3668 0.3789 0.3284 -0.0345 0.0012  0.0185  9   LYS F C   
463 O  O   . LYS B 9  ? 0.3676 0.3983 0.3269 -0.0311 0.0337  0.0195  9   LYS F O   
464 C  CB  . LYS B 9  ? 0.3409 0.2915 0.3024 -0.0505 -0.0079 0.0226  9   LYS F CB  
465 C  CG  . LYS B 9  ? 0.3108 0.2493 0.2971 -0.0493 -0.0133 0.0234  9   LYS F CG  
466 C  CD  . LYS B 9  ? 0.2708 0.2419 0.2902 -0.0334 -0.0077 0.0349  9   LYS F CD  
467 C  CE  . LYS B 9  ? 0.2348 0.2449 0.2829 -0.0218 -0.0065 0.0348  9   LYS F CE  
468 N  NZ  . LYS B 9  ? 0.2038 0.2679 0.2758 -0.0177 -0.0069 0.0472  9   LYS F NZ  
469 N  N   . SER B 10 ? 0.4097 0.4323 0.3569 -0.0236 -0.0048 0.0094  10  SER F N   
470 C  CA  . SER B 10 ? 0.4532 0.4905 0.4137 -0.0137 -0.0161 -0.0002 10  SER F CA  
471 C  C   . SER B 10 ? 0.4863 0.5225 0.4467 -0.0034 -0.0189 0.0003  10  SER F C   
472 O  O   . SER B 10 ? 0.4827 0.5216 0.4644 0.0032  -0.0281 0.0033  10  SER F O   
473 C  CB  . SER B 10 ? 0.4696 0.5123 0.4385 -0.0104 -0.0192 -0.0103 10  SER F CB  
474 O  OG  . SER B 10 ? 0.4892 0.5283 0.4562 -0.0107 -0.0187 -0.0205 10  SER F OG  
475 N  N   . TYR B 11 ? 0.5103 0.5285 0.4586 -0.0044 -0.0113 0.0017  11  TYR F N   
476 C  CA  . TYR B 11 ? 0.5150 0.5049 0.4654 -0.0043 -0.0092 0.0097  11  TYR F CA  
477 C  C   . TYR B 11 ? 0.5533 0.5296 0.4833 -0.0065 -0.0101 -0.0076 11  TYR F C   
478 O  O   . TYR B 11 ? 0.5879 0.5709 0.4980 -0.0154 -0.0142 -0.0286 11  TYR F O   
479 C  CB  . TYR B 11 ? 0.4651 0.4668 0.4463 -0.0012 -0.0062 0.0307  11  TYR F CB  
480 C  CG  . TYR B 11 ? 0.4065 0.4471 0.4107 0.0033  0.0005  0.0498  11  TYR F CG  
481 C  CD1 . TYR B 11 ? 0.3882 0.4431 0.3943 0.0076  0.0125  0.0617  11  TYR F CD1 
482 C  CD2 . TYR B 11 ? 0.3681 0.4354 0.3972 0.0065  0.0036  0.0512  11  TYR F CD2 
483 C  CE1 . TYR B 11 ? 0.3667 0.4222 0.3849 0.0085  0.0173  0.0663  11  TYR F CE1 
484 C  CE2 . TYR B 11 ? 0.3655 0.4326 0.4016 0.0107  0.0044  0.0623  11  TYR F CE2 
485 C  CZ  . TYR B 11 ? 0.3665 0.4257 0.4000 0.0089  0.0158  0.0627  11  TYR F CZ  
486 O  OH  . TYR B 11 ? 0.3824 0.4300 0.4134 0.0108  0.0278  0.0682  11  TYR F OH  
487 ZN ZN  . ZN  C .  ? 0.1729 0.2061 0.1895 0.0111  -0.0043 0.0467  101 ZN  A ZN  
488 ZN ZN  . ZN  D .  ? 0.1847 0.2249 0.1580 -0.0384 0.0046  0.0186  102 ZN  A ZN  
489 O  O   . HOH E .  ? 0.4670 0.3499 0.3072 -0.0292 -0.0401 0.1580  201 HOH A O   
490 O  O   . HOH E .  ? 0.2583 0.1596 0.3164 0.0000  -0.0520 0.0229  202 HOH A O   
491 O  O   . HOH E .  ? 0.4962 0.2635 0.3580 0.0153  0.0034  0.0509  203 HOH A O   
492 O  O   . HOH E .  ? 0.5468 0.4456 0.4795 0.0096  0.1163  -0.0660 204 HOH A O   
493 O  O   . HOH E .  ? 0.2856 0.2676 0.2734 0.0040  0.0070  -0.0850 205 HOH A O   
494 O  O   . HOH E .  ? 0.4446 0.4822 0.3977 0.0432  -0.0330 0.0761  206 HOH A O   
495 O  O   . HOH E .  ? 0.4902 0.3085 0.5336 -0.0390 -0.2706 0.1241  207 HOH A O   
496 O  O   . HOH E .  ? 0.3186 0.3276 0.3290 -0.0196 -0.1234 0.1105  208 HOH A O   
497 O  O   . HOH E .  ? 0.3757 0.3636 0.3470 0.0190  -0.1036 0.0828  209 HOH A O   
498 O  O   . HOH E .  ? 0.2292 0.3072 0.1873 0.0835  0.0142  0.0249  210 HOH A O   
499 O  O   . HOH E .  ? 0.5281 0.2877 0.5062 -0.0282 0.1003  -0.0219 211 HOH A O   
500 O  O   . HOH E .  ? 0.2768 0.2268 0.2456 0.0987  0.0082  -0.0479 212 HOH A O   
501 O  O   . HOH E .  ? 0.2476 0.1630 0.2071 -0.0115 0.0482  0.0078  213 HOH A O   
502 O  O   . HOH E .  ? 0.5000 0.5602 0.5488 0.0074  0.0173  0.0519  214 HOH A O   
503 O  O   . HOH E .  ? 0.2153 0.3702 0.2430 0.1222  0.0156  0.0655  215 HOH A O   
504 O  O   . HOH E .  ? 0.3342 0.4204 0.2942 0.0445  -0.0244 -0.0145 216 HOH A O   
505 O  O   . HOH E .  ? 0.4880 0.4399 0.4437 0.0070  -0.0322 -0.0124 217 HOH A O   
506 O  O   . HOH E .  ? 0.2371 0.3334 0.3834 -0.0580 -0.0400 -0.0173 218 HOH A O   
507 O  O   . HOH E .  ? 0.2102 0.2055 0.1806 -0.0324 0.0104  0.0017  219 HOH A O   
508 O  O   . HOH E .  ? 0.4441 0.4718 0.5152 -0.0052 -0.0580 0.0667  220 HOH A O   
509 O  O   . HOH E .  ? 0.4843 0.5452 0.4417 0.0892  -0.0517 0.1203  221 HOH A O   
510 O  O   . HOH E .  ? 0.5747 0.2494 0.3645 -0.0203 -0.0376 0.0308  222 HOH A O   
511 O  O   . HOH E .  ? 0.2594 0.4668 0.4342 0.0322  -0.0866 0.0703  223 HOH A O   
512 O  O   . HOH E .  ? 0.4803 0.5408 0.5346 -0.0332 -0.0643 0.0491  224 HOH A O   
513 O  O   . HOH E .  ? 0.4345 0.5070 0.1782 0.0375  0.0990  0.0282  225 HOH A O   
514 O  O   . HOH E .  ? 0.2383 0.2917 0.3542 -0.0115 -0.0119 0.1189  226 HOH A O   
515 O  O   . HOH E .  ? 0.1132 0.2338 0.1862 -0.0016 0.0297  -0.0170 227 HOH A O   
516 O  O   . HOH E .  ? 0.5280 0.4419 0.5203 0.0348  0.0137  -0.0868 228 HOH A O   
517 O  O   . HOH E .  ? 0.2690 0.3981 0.4408 -0.0596 0.0139  -0.0562 229 HOH A O   
518 O  O   . HOH E .  ? 0.5197 0.5572 0.4941 0.0314  -0.0094 0.0362  230 HOH A O   
519 O  O   . HOH E .  ? 0.2806 0.6140 0.3996 0.0617  0.0259  0.0591  231 HOH A O   
520 O  O   . HOH E .  ? 0.5851 0.3729 0.4557 0.0116  0.0241  0.0852  232 HOH A O   
521 O  O   . HOH E .  ? 0.2651 0.5199 0.3813 0.0126  0.0380  0.0440  233 HOH A O   
522 O  O   . HOH E .  ? 0.1927 0.4979 0.2514 0.0558  0.0604  0.0723  234 HOH A O   
523 O  O   . HOH E .  ? 0.3403 0.4646 0.2530 0.0669  -0.0281 -0.0736 235 HOH A O   
524 O  O   . HOH E .  ? 0.4890 0.4823 0.5174 0.0041  0.0123  0.0115  236 HOH A O   
525 O  O   . HOH F .  ? 0.2722 0.4247 0.4730 -0.0090 -0.0042 -0.0636 101 HOH F O   
526 O  O   . HOH F .  ? 0.5432 0.3933 0.4334 -0.0202 -0.0294 0.0595  102 HOH F O   
527 O  O   . HOH F .  ? 0.4799 0.4329 0.4528 -0.0505 -0.0502 0.1024  103 HOH F O   
528 O  O   . HOH F .  ? 0.4375 0.4278 0.3391 0.0793  0.0198  0.0692  104 HOH F O   
529 O  O   . HOH F .  ? 0.3138 0.2590 0.2275 -0.0846 0.0278  0.0709  105 HOH F O   
530 O  O   . HOH F .  ? 0.3465 0.2375 0.3617 -0.0764 -0.0009 -0.0237 106 HOH F O   
531 O  O   . HOH F .  ? 0.3808 0.4552 0.4571 -0.0241 0.0665  -0.0131 107 HOH F O   
532 O  O   . HOH F .  ? 0.4169 0.4175 0.4934 -0.0646 -0.0432 -0.0981 108 HOH F O   
533 O  O   . HOH F .  ? 0.4912 0.4058 0.4373 0.0079  0.0823  -0.0799 109 HOH F O   
534 O  O   . HOH F .  ? 0.4387 0.5403 0.4623 0.0617  -0.0126 0.0773  110 HOH F O   
535 O  O   . HOH F .  ? 0.3209 0.5012 0.4659 0.0280  -0.1405 -0.0042 111 HOH F O   
536 O  O   . HOH F .  ? 0.5947 0.4161 0.3614 0.0557  0.0505  0.0295  112 HOH F O   
537 O  O   . HOH F .  ? 0.4822 0.4679 0.3584 -0.0152 0.0596  0.0384  113 HOH F O   
# 
loop_
_pdbx_poly_seq_scheme.asym_id 
_pdbx_poly_seq_scheme.entity_id 
_pdbx_poly_seq_scheme.seq_id 
_pdbx_poly_seq_scheme.mon_id 
_pdbx_poly_seq_scheme.ndb_seq_num 
_pdbx_poly_seq_scheme.pdb_seq_num 
_pdbx_poly_seq_scheme.auth_seq_num 
_pdbx_poly_seq_scheme.pdb_mon_id 
_pdbx_poly_seq_scheme.auth_mon_id 
_pdbx_poly_seq_scheme.pdb_strand_id 
_pdbx_poly_seq_scheme.pdb_ins_code 
_pdbx_poly_seq_scheme.hetero 
A 1 1  GLY 1  18 18 GLY GLY A . n 
A 1 2  ALA 2  19 19 ALA ALA A . n 
A 1 3  MET 3  20 20 MET MET A . n 
A 1 4  GLY 4  21 21 GLY GLY A . n 
A 1 5  SER 5  22 22 SER SER A . n 
A 1 6  VAL 6  23 23 VAL VAL A . n 
A 1 7  SER 7  24 24 SER SER A . n 
A 1 8  CYS 8  25 25 CYS CYS A . n 
A 1 9  GLU 9  26 26 GLU GLU A . n 
A 1 10 GLU 10 27 27 GLU GLU A . n 
A 1 11 CYS 11 28 28 CYS CYS A . n 
A 1 12 GLY 12 29 29 GLY GLY A . n 
A 1 13 GLY 13 30 30 GLY GLY A . n 
A 1 14 GLY 14 31 31 GLY GLY A . n 
A 1 15 HIS 15 32 32 HIS HIS A . n 
A 1 16 SER 16 33 33 SER SER A . n 
A 1 17 PRO 17 34 34 PRO PRO A . n 
A 1 18 SER 18 35 35 SER SER A . n 
A 1 19 LYS 19 36 36 LYS LYS A . n 
A 1 20 LEU 20 37 37 LEU LEU A . n 
A 1 21 LEU 21 38 38 LEU LEU A . n 
A 1 22 LEU 22 39 39 LEU LEU A . n 
A 1 23 CYS 23 40 40 CYS CYS A . n 
A 1 24 ASP 24 41 41 ASP ASP A . n 
A 1 25 LYS 25 42 42 LYS LYS A . n 
A 1 26 CYS 26 43 43 CYS CYS A . n 
A 1 27 ASP 27 44 44 ASP ASP A . n 
A 1 28 ARG 28 45 45 ARG ARG A . n 
A 1 29 GLY 29 46 46 GLY GLY A . n 
A 1 30 TYR 30 47 47 TYR TYR A . n 
A 1 31 HIS 31 48 48 HIS HIS A . n 
A 1 32 LEU 32 49 49 LEU LEU A . n 
A 1 33 PHE 33 50 50 PHE PHE A . n 
A 1 34 CYS 34 51 51 CYS CYS A . n 
A 1 35 LEU 35 52 52 LEU LEU A . n 
A 1 36 ARG 36 53 53 ARG ARG A . n 
A 1 37 PRO 37 54 54 PRO PRO A . n 
A 1 38 ILE 38 55 55 ILE ILE A . n 
A 1 39 LEU 39 56 56 LEU LEU A . n 
A 1 40 PRO 40 57 57 PRO PRO A . n 
A 1 41 SER 41 58 58 SER SER A . n 
A 1 42 VAL 42 59 59 VAL VAL A . n 
A 1 43 PRO 43 60 60 PRO PRO A . n 
A 1 44 LYS 44 61 61 LYS LYS A . n 
A 1 45 GLY 45 62 62 GLY GLY A . n 
A 1 46 SER 46 63 63 SER SER A . n 
A 1 47 TRP 47 64 64 TRP TRP A . n 
A 1 48 PHE 48 65 65 PHE PHE A . n 
A 1 49 CYS 49 66 66 CYS CYS A . n 
A 1 50 PRO 50 67 67 PRO PRO A . n 
A 1 51 SER 51 68 68 SER SER A . n 
A 1 52 CYS 52 69 69 CYS CYS A . n 
A 1 53 SER 53 70 70 SER SER A . n 
A 1 54 ASN 54 71 71 ASN ASN A . n 
A 1 55 HIS 55 72 ?  ?   ?   A . n 
A 1 56 LYS 56 73 ?  ?   ?   A . n 
A 1 57 PRO 57 74 ?  ?   ?   A . n 
A 1 58 LYS 58 75 ?  ?   ?   A . n 
B 2 1  ALA 1  1  1  ALA ALA F . n 
B 2 2  ARG 2  2  2  ARG ARG F . n 
B 2 3  THR 3  3  3  THR THR F . n 
B 2 4  LYS 4  4  4  LYS LYS F . n 
B 2 5  GLN 5  5  5  GLN GLN F . n 
B 2 6  THR 6  6  6  THR THR F . n 
B 2 7  ALA 7  7  7  ALA ALA F . n 
B 2 8  ARG 8  8  8  ARG ARG F . n 
B 2 9  LYS 9  9  9  LYS LYS F . n 
B 2 10 SER 10 10 10 SER SER F . n 
B 2 11 TYR 11 11 11 TYR TYR F . n 
# 
loop_
_pdbx_nonpoly_scheme.asym_id 
_pdbx_nonpoly_scheme.entity_id 
_pdbx_nonpoly_scheme.mon_id 
_pdbx_nonpoly_scheme.ndb_seq_num 
_pdbx_nonpoly_scheme.pdb_seq_num 
_pdbx_nonpoly_scheme.auth_seq_num 
_pdbx_nonpoly_scheme.pdb_mon_id 
_pdbx_nonpoly_scheme.auth_mon_id 
_pdbx_nonpoly_scheme.pdb_strand_id 
_pdbx_nonpoly_scheme.pdb_ins_code 
C 3 ZN  1  101 1  ZN  ZN  A . 
D 3 ZN  1  102 2  ZN  ZN  A . 
E 4 HOH 1  201 33 HOH HOH A . 
E 4 HOH 2  202 1  HOH HOH A . 
E 4 HOH 3  203 34 HOH HOH A . 
E 4 HOH 4  204 48 HOH HOH A . 
E 4 HOH 5  205 6  HOH HOH A . 
E 4 HOH 6  206 19 HOH HOH A . 
E 4 HOH 7  207 35 HOH HOH A . 
E 4 HOH 8  208 11 HOH HOH A . 
E 4 HOH 9  209 9  HOH HOH A . 
E 4 HOH 10 210 5  HOH HOH A . 
E 4 HOH 11 211 31 HOH HOH A . 
E 4 HOH 12 212 22 HOH HOH A . 
E 4 HOH 13 213 3  HOH HOH A . 
E 4 HOH 14 214 47 HOH HOH A . 
E 4 HOH 15 215 10 HOH HOH A . 
E 4 HOH 16 216 29 HOH HOH A . 
E 4 HOH 17 217 50 HOH HOH A . 
E 4 HOH 18 218 24 HOH HOH A . 
E 4 HOH 19 219 4  HOH HOH A . 
E 4 HOH 20 220 38 HOH HOH A . 
E 4 HOH 21 221 32 HOH HOH A . 
E 4 HOH 22 222 43 HOH HOH A . 
E 4 HOH 23 223 13 HOH HOH A . 
E 4 HOH 24 224 45 HOH HOH A . 
E 4 HOH 25 225 26 HOH HOH A . 
E 4 HOH 26 226 8  HOH HOH A . 
E 4 HOH 27 227 2  HOH HOH A . 
E 4 HOH 28 228 40 HOH HOH A . 
E 4 HOH 29 229 37 HOH HOH A . 
E 4 HOH 30 230 28 HOH HOH A . 
E 4 HOH 31 231 15 HOH HOH A . 
E 4 HOH 32 232 18 HOH HOH A . 
E 4 HOH 33 233 25 HOH HOH A . 
E 4 HOH 34 234 23 HOH HOH A . 
E 4 HOH 35 235 21 HOH HOH A . 
E 4 HOH 36 236 46 HOH HOH A . 
F 4 HOH 1  101 30 HOH HOH F . 
F 4 HOH 2  102 36 HOH HOH F . 
F 4 HOH 3  103 12 HOH HOH F . 
F 4 HOH 4  104 27 HOH HOH F . 
F 4 HOH 5  105 7  HOH HOH F . 
F 4 HOH 6  106 39 HOH HOH F . 
F 4 HOH 7  107 17 HOH HOH F . 
F 4 HOH 8  108 41 HOH HOH F . 
F 4 HOH 9  109 49 HOH HOH F . 
F 4 HOH 10 110 14 HOH HOH F . 
F 4 HOH 11 111 42 HOH HOH F . 
F 4 HOH 12 112 44 HOH HOH F . 
F 4 HOH 13 113 16 HOH HOH F . 
# 
_pdbx_struct_assembly.id                   1 
_pdbx_struct_assembly.details              author_and_software_defined_assembly 
_pdbx_struct_assembly.method_details       PISA 
_pdbx_struct_assembly.oligomeric_details   dimeric 
_pdbx_struct_assembly.oligomeric_count     2 
# 
_pdbx_struct_assembly_gen.assembly_id       1 
_pdbx_struct_assembly_gen.oper_expression   1 
_pdbx_struct_assembly_gen.asym_id_list      A,B,C,D,E,F 
# 
loop_
_pdbx_struct_assembly_prop.biol_id 
_pdbx_struct_assembly_prop.type 
_pdbx_struct_assembly_prop.value 
_pdbx_struct_assembly_prop.details 
1 'ABSA (A^2)' 1190 ? 
1 MORE         -11  ? 
1 'SSA (A^2)'  4380 ? 
# 
_pdbx_struct_oper_list.id                   1 
_pdbx_struct_oper_list.type                 'identity operation' 
_pdbx_struct_oper_list.name                 1_555 
_pdbx_struct_oper_list.symmetry_operation   x,y,z 
_pdbx_struct_oper_list.matrix[1][1]         1.0000000000 
_pdbx_struct_oper_list.matrix[1][2]         0.0000000000 
_pdbx_struct_oper_list.matrix[1][3]         0.0000000000 
_pdbx_struct_oper_list.vector[1]            0.0000000000 
_pdbx_struct_oper_list.matrix[2][1]         0.0000000000 
_pdbx_struct_oper_list.matrix[2][2]         1.0000000000 
_pdbx_struct_oper_list.matrix[2][3]         0.0000000000 
_pdbx_struct_oper_list.vector[2]            0.0000000000 
_pdbx_struct_oper_list.matrix[3][1]         0.0000000000 
_pdbx_struct_oper_list.matrix[3][2]         0.0000000000 
_pdbx_struct_oper_list.matrix[3][3]         1.0000000000 
_pdbx_struct_oper_list.vector[3]            0.0000000000 
# 
loop_
_pdbx_struct_special_symmetry.id 
_pdbx_struct_special_symmetry.PDB_model_num 
_pdbx_struct_special_symmetry.auth_asym_id 
_pdbx_struct_special_symmetry.auth_comp_id 
_pdbx_struct_special_symmetry.auth_seq_id 
_pdbx_struct_special_symmetry.PDB_ins_code 
_pdbx_struct_special_symmetry.label_asym_id 
_pdbx_struct_special_symmetry.label_comp_id 
_pdbx_struct_special_symmetry.label_seq_id 
1 1 A HOH 227 ? E HOH . 
2 1 A HOH 236 ? E HOH . 
# 
loop_
_pdbx_struct_conn_angle.id 
_pdbx_struct_conn_angle.ptnr1_label_atom_id 
_pdbx_struct_conn_angle.ptnr1_label_alt_id 
_pdbx_struct_conn_angle.ptnr1_label_asym_id 
_pdbx_struct_conn_angle.ptnr1_label_comp_id 
_pdbx_struct_conn_angle.ptnr1_label_seq_id 
_pdbx_struct_conn_angle.ptnr1_auth_atom_id 
_pdbx_struct_conn_angle.ptnr1_auth_asym_id 
_pdbx_struct_conn_angle.ptnr1_auth_comp_id 
_pdbx_struct_conn_angle.ptnr1_auth_seq_id 
_pdbx_struct_conn_angle.ptnr1_PDB_ins_code 
_pdbx_struct_conn_angle.ptnr1_symmetry 
_pdbx_struct_conn_angle.ptnr2_label_atom_id 
_pdbx_struct_conn_angle.ptnr2_label_alt_id 
_pdbx_struct_conn_angle.ptnr2_label_asym_id 
_pdbx_struct_conn_angle.ptnr2_label_comp_id 
_pdbx_struct_conn_angle.ptnr2_label_seq_id 
_pdbx_struct_conn_angle.ptnr2_auth_atom_id 
_pdbx_struct_conn_angle.ptnr2_auth_asym_id 
_pdbx_struct_conn_angle.ptnr2_auth_comp_id 
_pdbx_struct_conn_angle.ptnr2_auth_seq_id 
_pdbx_struct_conn_angle.ptnr2_PDB_ins_code 
_pdbx_struct_conn_angle.ptnr2_symmetry 
_pdbx_struct_conn_angle.ptnr3_label_atom_id 
_pdbx_struct_conn_angle.ptnr3_label_alt_id 
_pdbx_struct_conn_angle.ptnr3_label_asym_id 
_pdbx_struct_conn_angle.ptnr3_label_comp_id 
_pdbx_struct_conn_angle.ptnr3_label_seq_id 
_pdbx_struct_conn_angle.ptnr3_auth_atom_id 
_pdbx_struct_conn_angle.ptnr3_auth_asym_id 
_pdbx_struct_conn_angle.ptnr3_auth_comp_id 
_pdbx_struct_conn_angle.ptnr3_auth_seq_id 
_pdbx_struct_conn_angle.ptnr3_PDB_ins_code 
_pdbx_struct_conn_angle.ptnr3_symmetry 
_pdbx_struct_conn_angle.value 
_pdbx_struct_conn_angle.value_esd 
1  SG  ? A CYS 8  ? A CYS 25 ? 1_555 ZN ? C ZN . ? A ZN 101 ? 1_555 SG  ? A CYS 11 ? A CYS 28 ? 1_555 110.8 ? 
2  SG  ? A CYS 8  ? A CYS 25 ? 1_555 ZN ? C ZN . ? A ZN 101 ? 1_555 ND1 ? A HIS 31 ? A HIS 48 ? 1_555 99.7  ? 
3  SG  ? A CYS 11 ? A CYS 28 ? 1_555 ZN ? C ZN . ? A ZN 101 ? 1_555 ND1 ? A HIS 31 ? A HIS 48 ? 1_555 96.9  ? 
4  SG  ? A CYS 8  ? A CYS 25 ? 1_555 ZN ? C ZN . ? A ZN 101 ? 1_555 SG  ? A CYS 34 ? A CYS 51 ? 1_555 114.4 ? 
5  SG  ? A CYS 11 ? A CYS 28 ? 1_555 ZN ? C ZN . ? A ZN 101 ? 1_555 SG  ? A CYS 34 ? A CYS 51 ? 1_555 114.9 ? 
6  ND1 ? A HIS 31 ? A HIS 48 ? 1_555 ZN ? C ZN . ? A ZN 101 ? 1_555 SG  ? A CYS 34 ? A CYS 51 ? 1_555 117.9 ? 
7  SG  ? A CYS 23 ? A CYS 40 ? 1_555 ZN ? D ZN . ? A ZN 102 ? 1_555 SG  ? A CYS 26 ? A CYS 43 ? 1_555 106.6 ? 
8  SG  ? A CYS 23 ? A CYS 40 ? 1_555 ZN ? D ZN . ? A ZN 102 ? 1_555 SG  ? A CYS 49 ? A CYS 66 ? 1_555 111.2 ? 
9  SG  ? A CYS 26 ? A CYS 43 ? 1_555 ZN ? D ZN . ? A ZN 102 ? 1_555 SG  ? A CYS 49 ? A CYS 66 ? 1_555 113.5 ? 
10 SG  ? A CYS 23 ? A CYS 40 ? 1_555 ZN ? D ZN . ? A ZN 102 ? 1_555 SG  ? A CYS 52 ? A CYS 69 ? 1_555 106.9 ? 
11 SG  ? A CYS 26 ? A CYS 43 ? 1_555 ZN ? D ZN . ? A ZN 102 ? 1_555 SG  ? A CYS 52 ? A CYS 69 ? 1_555 106.3 ? 
12 SG  ? A CYS 49 ? A CYS 66 ? 1_555 ZN ? D ZN . ? A ZN 102 ? 1_555 SG  ? A CYS 52 ? A CYS 69 ? 1_555 111.9 ? 
# 
loop_
_pdbx_audit_revision_history.ordinal 
_pdbx_audit_revision_history.data_content_type 
_pdbx_audit_revision_history.major_revision 
_pdbx_audit_revision_history.minor_revision 
_pdbx_audit_revision_history.revision_date 
1 'Structure model' 1 0 2017-04-19 
2 'Structure model' 1 1 2017-09-20 
3 'Structure model' 1 2 2023-10-04 
# 
_pdbx_audit_revision_details.ordinal             1 
_pdbx_audit_revision_details.revision_ordinal    1 
_pdbx_audit_revision_details.data_content_type   'Structure model' 
_pdbx_audit_revision_details.provider            repository 
_pdbx_audit_revision_details.type                'Initial release' 
_pdbx_audit_revision_details.description         ? 
_pdbx_audit_revision_details.details             ? 
# 
loop_
_pdbx_audit_revision_group.ordinal 
_pdbx_audit_revision_group.revision_ordinal 
_pdbx_audit_revision_group.data_content_type 
_pdbx_audit_revision_group.group 
1 2 'Structure model' 'Database references'    
2 3 'Structure model' 'Data collection'        
3 3 'Structure model' 'Database references'    
4 3 'Structure model' 'Refinement description' 
# 
loop_
_pdbx_audit_revision_category.ordinal 
_pdbx_audit_revision_category.revision_ordinal 
_pdbx_audit_revision_category.data_content_type 
_pdbx_audit_revision_category.category 
1 2 'Structure model' citation                      
2 3 'Structure model' chem_comp_atom                
3 3 'Structure model' chem_comp_bond                
4 3 'Structure model' database_2                    
5 3 'Structure model' pdbx_initial_refinement_model 
# 
loop_
_pdbx_audit_revision_item.ordinal 
_pdbx_audit_revision_item.revision_ordinal 
_pdbx_audit_revision_item.data_content_type 
_pdbx_audit_revision_item.item 
1 2 'Structure model' '_citation.journal_volume'            
2 2 'Structure model' '_citation.page_first'                
3 2 'Structure model' '_citation.page_last'                 
4 3 'Structure model' '_database_2.pdbx_DOI'                
5 3 'Structure model' '_database_2.pdbx_database_accession' 
# 
loop_
_software.citation_id 
_software.classification 
_software.compiler_name 
_software.compiler_version 
_software.contact_author 
_software.contact_author_email 
_software.date 
_software.description 
_software.dependencies 
_software.hardware 
_software.language 
_software.location 
_software.mods 
_software.name 
_software.os 
_software.os_version 
_software.type 
_software.version 
_software.pdbx_ordinal 
? refinement       ? ? ? ? ? ? ? ? ? ? ? PHENIX   ? ? ? 1.8.1_1168 1 
? 'data reduction' ? ? ? ? ? ? ? ? ? ? ? HKL-2000 ? ? ? .          2 
? 'data scaling'   ? ? ? ? ? ? ? ? ? ? ? HKL-2000 ? ? ? .          3 
? phasing          ? ? ? ? ? ? ? ? ? ? ? PHASER   ? ? ? .          4 
# 
_pdbx_validate_torsion.id              1 
_pdbx_validate_torsion.PDB_model_num   1 
_pdbx_validate_torsion.auth_comp_id    LYS 
_pdbx_validate_torsion.auth_asym_id    A 
_pdbx_validate_torsion.auth_seq_id     42 
_pdbx_validate_torsion.PDB_ins_code    ? 
_pdbx_validate_torsion.label_alt_id    ? 
_pdbx_validate_torsion.phi             -112.26 
_pdbx_validate_torsion.psi             -73.20 
# 
loop_
_pdbx_unobs_or_zero_occ_residues.id 
_pdbx_unobs_or_zero_occ_residues.PDB_model_num 
_pdbx_unobs_or_zero_occ_residues.polymer_flag 
_pdbx_unobs_or_zero_occ_residues.occupancy_flag 
_pdbx_unobs_or_zero_occ_residues.auth_asym_id 
_pdbx_unobs_or_zero_occ_residues.auth_comp_id 
_pdbx_unobs_or_zero_occ_residues.auth_seq_id 
_pdbx_unobs_or_zero_occ_residues.PDB_ins_code 
_pdbx_unobs_or_zero_occ_residues.label_asym_id 
_pdbx_unobs_or_zero_occ_residues.label_comp_id 
_pdbx_unobs_or_zero_occ_residues.label_seq_id 
1 1 Y 1 A HIS 72 ? A HIS 55 
2 1 Y 1 A LYS 73 ? A LYS 56 
3 1 Y 1 A PRO 74 ? A PRO 57 
4 1 Y 1 A LYS 75 ? A LYS 58 
# 
loop_
_chem_comp_atom.comp_id 
_chem_comp_atom.atom_id 
_chem_comp_atom.type_symbol 
_chem_comp_atom.pdbx_aromatic_flag 
_chem_comp_atom.pdbx_stereo_config 
_chem_comp_atom.pdbx_ordinal 
ALA N    N  N N 1   
ALA CA   C  N S 2   
ALA C    C  N N 3   
ALA O    O  N N 4   
ALA CB   C  N N 5   
ALA OXT  O  N N 6   
ALA H    H  N N 7   
ALA H2   H  N N 8   
ALA HA   H  N N 9   
ALA HB1  H  N N 10  
ALA HB2  H  N N 11  
ALA HB3  H  N N 12  
ALA HXT  H  N N 13  
ARG N    N  N N 14  
ARG CA   C  N S 15  
ARG C    C  N N 16  
ARG O    O  N N 17  
ARG CB   C  N N 18  
ARG CG   C  N N 19  
ARG CD   C  N N 20  
ARG NE   N  N N 21  
ARG CZ   C  N N 22  
ARG NH1  N  N N 23  
ARG NH2  N  N N 24  
ARG OXT  O  N N 25  
ARG H    H  N N 26  
ARG H2   H  N N 27  
ARG HA   H  N N 28  
ARG HB2  H  N N 29  
ARG HB3  H  N N 30  
ARG HG2  H  N N 31  
ARG HG3  H  N N 32  
ARG HD2  H  N N 33  
ARG HD3  H  N N 34  
ARG HE   H  N N 35  
ARG HH11 H  N N 36  
ARG HH12 H  N N 37  
ARG HH21 H  N N 38  
ARG HH22 H  N N 39  
ARG HXT  H  N N 40  
ASN N    N  N N 41  
ASN CA   C  N S 42  
ASN C    C  N N 43  
ASN O    O  N N 44  
ASN CB   C  N N 45  
ASN CG   C  N N 46  
ASN OD1  O  N N 47  
ASN ND2  N  N N 48  
ASN OXT  O  N N 49  
ASN H    H  N N 50  
ASN H2   H  N N 51  
ASN HA   H  N N 52  
ASN HB2  H  N N 53  
ASN HB3  H  N N 54  
ASN HD21 H  N N 55  
ASN HD22 H  N N 56  
ASN HXT  H  N N 57  
ASP N    N  N N 58  
ASP CA   C  N S 59  
ASP C    C  N N 60  
ASP O    O  N N 61  
ASP CB   C  N N 62  
ASP CG   C  N N 63  
ASP OD1  O  N N 64  
ASP OD2  O  N N 65  
ASP OXT  O  N N 66  
ASP H    H  N N 67  
ASP H2   H  N N 68  
ASP HA   H  N N 69  
ASP HB2  H  N N 70  
ASP HB3  H  N N 71  
ASP HD2  H  N N 72  
ASP HXT  H  N N 73  
CYS N    N  N N 74  
CYS CA   C  N R 75  
CYS C    C  N N 76  
CYS O    O  N N 77  
CYS CB   C  N N 78  
CYS SG   S  N N 79  
CYS OXT  O  N N 80  
CYS H    H  N N 81  
CYS H2   H  N N 82  
CYS HA   H  N N 83  
CYS HB2  H  N N 84  
CYS HB3  H  N N 85  
CYS HG   H  N N 86  
CYS HXT  H  N N 87  
GLN N    N  N N 88  
GLN CA   C  N S 89  
GLN C    C  N N 90  
GLN O    O  N N 91  
GLN CB   C  N N 92  
GLN CG   C  N N 93  
GLN CD   C  N N 94  
GLN OE1  O  N N 95  
GLN NE2  N  N N 96  
GLN OXT  O  N N 97  
GLN H    H  N N 98  
GLN H2   H  N N 99  
GLN HA   H  N N 100 
GLN HB2  H  N N 101 
GLN HB3  H  N N 102 
GLN HG2  H  N N 103 
GLN HG3  H  N N 104 
GLN HE21 H  N N 105 
GLN HE22 H  N N 106 
GLN HXT  H  N N 107 
GLU N    N  N N 108 
GLU CA   C  N S 109 
GLU C    C  N N 110 
GLU O    O  N N 111 
GLU CB   C  N N 112 
GLU CG   C  N N 113 
GLU CD   C  N N 114 
GLU OE1  O  N N 115 
GLU OE2  O  N N 116 
GLU OXT  O  N N 117 
GLU H    H  N N 118 
GLU H2   H  N N 119 
GLU HA   H  N N 120 
GLU HB2  H  N N 121 
GLU HB3  H  N N 122 
GLU HG2  H  N N 123 
GLU HG3  H  N N 124 
GLU HE2  H  N N 125 
GLU HXT  H  N N 126 
GLY N    N  N N 127 
GLY CA   C  N N 128 
GLY C    C  N N 129 
GLY O    O  N N 130 
GLY OXT  O  N N 131 
GLY H    H  N N 132 
GLY H2   H  N N 133 
GLY HA2  H  N N 134 
GLY HA3  H  N N 135 
GLY HXT  H  N N 136 
HIS N    N  N N 137 
HIS CA   C  N S 138 
HIS C    C  N N 139 
HIS O    O  N N 140 
HIS CB   C  N N 141 
HIS CG   C  Y N 142 
HIS ND1  N  Y N 143 
HIS CD2  C  Y N 144 
HIS CE1  C  Y N 145 
HIS NE2  N  Y N 146 
HIS OXT  O  N N 147 
HIS H    H  N N 148 
HIS H2   H  N N 149 
HIS HA   H  N N 150 
HIS HB2  H  N N 151 
HIS HB3  H  N N 152 
HIS HD1  H  N N 153 
HIS HD2  H  N N 154 
HIS HE1  H  N N 155 
HIS HE2  H  N N 156 
HIS HXT  H  N N 157 
HOH O    O  N N 158 
HOH H1   H  N N 159 
HOH H2   H  N N 160 
ILE N    N  N N 161 
ILE CA   C  N S 162 
ILE C    C  N N 163 
ILE O    O  N N 164 
ILE CB   C  N S 165 
ILE CG1  C  N N 166 
ILE CG2  C  N N 167 
ILE CD1  C  N N 168 
ILE OXT  O  N N 169 
ILE H    H  N N 170 
ILE H2   H  N N 171 
ILE HA   H  N N 172 
ILE HB   H  N N 173 
ILE HG12 H  N N 174 
ILE HG13 H  N N 175 
ILE HG21 H  N N 176 
ILE HG22 H  N N 177 
ILE HG23 H  N N 178 
ILE HD11 H  N N 179 
ILE HD12 H  N N 180 
ILE HD13 H  N N 181 
ILE HXT  H  N N 182 
LEU N    N  N N 183 
LEU CA   C  N S 184 
LEU C    C  N N 185 
LEU O    O  N N 186 
LEU CB   C  N N 187 
LEU CG   C  N N 188 
LEU CD1  C  N N 189 
LEU CD2  C  N N 190 
LEU OXT  O  N N 191 
LEU H    H  N N 192 
LEU H2   H  N N 193 
LEU HA   H  N N 194 
LEU HB2  H  N N 195 
LEU HB3  H  N N 196 
LEU HG   H  N N 197 
LEU HD11 H  N N 198 
LEU HD12 H  N N 199 
LEU HD13 H  N N 200 
LEU HD21 H  N N 201 
LEU HD22 H  N N 202 
LEU HD23 H  N N 203 
LEU HXT  H  N N 204 
LYS N    N  N N 205 
LYS CA   C  N S 206 
LYS C    C  N N 207 
LYS O    O  N N 208 
LYS CB   C  N N 209 
LYS CG   C  N N 210 
LYS CD   C  N N 211 
LYS CE   C  N N 212 
LYS NZ   N  N N 213 
LYS OXT  O  N N 214 
LYS H    H  N N 215 
LYS H2   H  N N 216 
LYS HA   H  N N 217 
LYS HB2  H  N N 218 
LYS HB3  H  N N 219 
LYS HG2  H  N N 220 
LYS HG3  H  N N 221 
LYS HD2  H  N N 222 
LYS HD3  H  N N 223 
LYS HE2  H  N N 224 
LYS HE3  H  N N 225 
LYS HZ1  H  N N 226 
LYS HZ2  H  N N 227 
LYS HZ3  H  N N 228 
LYS HXT  H  N N 229 
MET N    N  N N 230 
MET CA   C  N S 231 
MET C    C  N N 232 
MET O    O  N N 233 
MET CB   C  N N 234 
MET CG   C  N N 235 
MET SD   S  N N 236 
MET CE   C  N N 237 
MET OXT  O  N N 238 
MET H    H  N N 239 
MET H2   H  N N 240 
MET HA   H  N N 241 
MET HB2  H  N N 242 
MET HB3  H  N N 243 
MET HG2  H  N N 244 
MET HG3  H  N N 245 
MET HE1  H  N N 246 
MET HE2  H  N N 247 
MET HE3  H  N N 248 
MET HXT  H  N N 249 
PHE N    N  N N 250 
PHE CA   C  N S 251 
PHE C    C  N N 252 
PHE O    O  N N 253 
PHE CB   C  N N 254 
PHE CG   C  Y N 255 
PHE CD1  C  Y N 256 
PHE CD2  C  Y N 257 
PHE CE1  C  Y N 258 
PHE CE2  C  Y N 259 
PHE CZ   C  Y N 260 
PHE OXT  O  N N 261 
PHE H    H  N N 262 
PHE H2   H  N N 263 
PHE HA   H  N N 264 
PHE HB2  H  N N 265 
PHE HB3  H  N N 266 
PHE HD1  H  N N 267 
PHE HD2  H  N N 268 
PHE HE1  H  N N 269 
PHE HE2  H  N N 270 
PHE HZ   H  N N 271 
PHE HXT  H  N N 272 
PRO N    N  N N 273 
PRO CA   C  N S 274 
PRO C    C  N N 275 
PRO O    O  N N 276 
PRO CB   C  N N 277 
PRO CG   C  N N 278 
PRO CD   C  N N 279 
PRO OXT  O  N N 280 
PRO H    H  N N 281 
PRO HA   H  N N 282 
PRO HB2  H  N N 283 
PRO HB3  H  N N 284 
PRO HG2  H  N N 285 
PRO HG3  H  N N 286 
PRO HD2  H  N N 287 
PRO HD3  H  N N 288 
PRO HXT  H  N N 289 
SER N    N  N N 290 
SER CA   C  N S 291 
SER C    C  N N 292 
SER O    O  N N 293 
SER CB   C  N N 294 
SER OG   O  N N 295 
SER OXT  O  N N 296 
SER H    H  N N 297 
SER H2   H  N N 298 
SER HA   H  N N 299 
SER HB2  H  N N 300 
SER HB3  H  N N 301 
SER HG   H  N N 302 
SER HXT  H  N N 303 
THR N    N  N N 304 
THR CA   C  N S 305 
THR C    C  N N 306 
THR O    O  N N 307 
THR CB   C  N R 308 
THR OG1  O  N N 309 
THR CG2  C  N N 310 
THR OXT  O  N N 311 
THR H    H  N N 312 
THR H2   H  N N 313 
THR HA   H  N N 314 
THR HB   H  N N 315 
THR HG1  H  N N 316 
THR HG21 H  N N 317 
THR HG22 H  N N 318 
THR HG23 H  N N 319 
THR HXT  H  N N 320 
TRP N    N  N N 321 
TRP CA   C  N S 322 
TRP C    C  N N 323 
TRP O    O  N N 324 
TRP CB   C  N N 325 
TRP CG   C  Y N 326 
TRP CD1  C  Y N 327 
TRP CD2  C  Y N 328 
TRP NE1  N  Y N 329 
TRP CE2  C  Y N 330 
TRP CE3  C  Y N 331 
TRP CZ2  C  Y N 332 
TRP CZ3  C  Y N 333 
TRP CH2  C  Y N 334 
TRP OXT  O  N N 335 
TRP H    H  N N 336 
TRP H2   H  N N 337 
TRP HA   H  N N 338 
TRP HB2  H  N N 339 
TRP HB3  H  N N 340 
TRP HD1  H  N N 341 
TRP HE1  H  N N 342 
TRP HE3  H  N N 343 
TRP HZ2  H  N N 344 
TRP HZ3  H  N N 345 
TRP HH2  H  N N 346 
TRP HXT  H  N N 347 
TYR N    N  N N 348 
TYR CA   C  N S 349 
TYR C    C  N N 350 
TYR O    O  N N 351 
TYR CB   C  N N 352 
TYR CG   C  Y N 353 
TYR CD1  C  Y N 354 
TYR CD2  C  Y N 355 
TYR CE1  C  Y N 356 
TYR CE2  C  Y N 357 
TYR CZ   C  Y N 358 
TYR OH   O  N N 359 
TYR OXT  O  N N 360 
TYR H    H  N N 361 
TYR H2   H  N N 362 
TYR HA   H  N N 363 
TYR HB2  H  N N 364 
TYR HB3  H  N N 365 
TYR HD1  H  N N 366 
TYR HD2  H  N N 367 
TYR HE1  H  N N 368 
TYR HE2  H  N N 369 
TYR HH   H  N N 370 
TYR HXT  H  N N 371 
VAL N    N  N N 372 
VAL CA   C  N S 373 
VAL C    C  N N 374 
VAL O    O  N N 375 
VAL CB   C  N N 376 
VAL CG1  C  N N 377 
VAL CG2  C  N N 378 
VAL OXT  O  N N 379 
VAL H    H  N N 380 
VAL H2   H  N N 381 
VAL HA   H  N N 382 
VAL HB   H  N N 383 
VAL HG11 H  N N 384 
VAL HG12 H  N N 385 
VAL HG13 H  N N 386 
VAL HG21 H  N N 387 
VAL HG22 H  N N 388 
VAL HG23 H  N N 389 
VAL HXT  H  N N 390 
ZN  ZN   ZN N N 391 
# 
loop_
_chem_comp_bond.comp_id 
_chem_comp_bond.atom_id_1 
_chem_comp_bond.atom_id_2 
_chem_comp_bond.value_order 
_chem_comp_bond.pdbx_aromatic_flag 
_chem_comp_bond.pdbx_stereo_config 
_chem_comp_bond.pdbx_ordinal 
ALA N   CA   sing N N 1   
ALA N   H    sing N N 2   
ALA N   H2   sing N N 3   
ALA CA  C    sing N N 4   
ALA CA  CB   sing N N 5   
ALA CA  HA   sing N N 6   
ALA C   O    doub N N 7   
ALA C   OXT  sing N N 8   
ALA CB  HB1  sing N N 9   
ALA CB  HB2  sing N N 10  
ALA CB  HB3  sing N N 11  
ALA OXT HXT  sing N N 12  
ARG N   CA   sing N N 13  
ARG N   H    sing N N 14  
ARG N   H2   sing N N 15  
ARG CA  C    sing N N 16  
ARG CA  CB   sing N N 17  
ARG CA  HA   sing N N 18  
ARG C   O    doub N N 19  
ARG C   OXT  sing N N 20  
ARG CB  CG   sing N N 21  
ARG CB  HB2  sing N N 22  
ARG CB  HB3  sing N N 23  
ARG CG  CD   sing N N 24  
ARG CG  HG2  sing N N 25  
ARG CG  HG3  sing N N 26  
ARG CD  NE   sing N N 27  
ARG CD  HD2  sing N N 28  
ARG CD  HD3  sing N N 29  
ARG NE  CZ   sing N N 30  
ARG NE  HE   sing N N 31  
ARG CZ  NH1  sing N N 32  
ARG CZ  NH2  doub N N 33  
ARG NH1 HH11 sing N N 34  
ARG NH1 HH12 sing N N 35  
ARG NH2 HH21 sing N N 36  
ARG NH2 HH22 sing N N 37  
ARG OXT HXT  sing N N 38  
ASN N   CA   sing N N 39  
ASN N   H    sing N N 40  
ASN N   H2   sing N N 41  
ASN CA  C    sing N N 42  
ASN CA  CB   sing N N 43  
ASN CA  HA   sing N N 44  
ASN C   O    doub N N 45  
ASN C   OXT  sing N N 46  
ASN CB  CG   sing N N 47  
ASN CB  HB2  sing N N 48  
ASN CB  HB3  sing N N 49  
ASN CG  OD1  doub N N 50  
ASN CG  ND2  sing N N 51  
ASN ND2 HD21 sing N N 52  
ASN ND2 HD22 sing N N 53  
ASN OXT HXT  sing N N 54  
ASP N   CA   sing N N 55  
ASP N   H    sing N N 56  
ASP N   H2   sing N N 57  
ASP CA  C    sing N N 58  
ASP CA  CB   sing N N 59  
ASP CA  HA   sing N N 60  
ASP C   O    doub N N 61  
ASP C   OXT  sing N N 62  
ASP CB  CG   sing N N 63  
ASP CB  HB2  sing N N 64  
ASP CB  HB3  sing N N 65  
ASP CG  OD1  doub N N 66  
ASP CG  OD2  sing N N 67  
ASP OD2 HD2  sing N N 68  
ASP OXT HXT  sing N N 69  
CYS N   CA   sing N N 70  
CYS N   H    sing N N 71  
CYS N   H2   sing N N 72  
CYS CA  C    sing N N 73  
CYS CA  CB   sing N N 74  
CYS CA  HA   sing N N 75  
CYS C   O    doub N N 76  
CYS C   OXT  sing N N 77  
CYS CB  SG   sing N N 78  
CYS CB  HB2  sing N N 79  
CYS CB  HB3  sing N N 80  
CYS SG  HG   sing N N 81  
CYS OXT HXT  sing N N 82  
GLN N   CA   sing N N 83  
GLN N   H    sing N N 84  
GLN N   H2   sing N N 85  
GLN CA  C    sing N N 86  
GLN CA  CB   sing N N 87  
GLN CA  HA   sing N N 88  
GLN C   O    doub N N 89  
GLN C   OXT  sing N N 90  
GLN CB  CG   sing N N 91  
GLN CB  HB2  sing N N 92  
GLN CB  HB3  sing N N 93  
GLN CG  CD   sing N N 94  
GLN CG  HG2  sing N N 95  
GLN CG  HG3  sing N N 96  
GLN CD  OE1  doub N N 97  
GLN CD  NE2  sing N N 98  
GLN NE2 HE21 sing N N 99  
GLN NE2 HE22 sing N N 100 
GLN OXT HXT  sing N N 101 
GLU N   CA   sing N N 102 
GLU N   H    sing N N 103 
GLU N   H2   sing N N 104 
GLU CA  C    sing N N 105 
GLU CA  CB   sing N N 106 
GLU CA  HA   sing N N 107 
GLU C   O    doub N N 108 
GLU C   OXT  sing N N 109 
GLU CB  CG   sing N N 110 
GLU CB  HB2  sing N N 111 
GLU CB  HB3  sing N N 112 
GLU CG  CD   sing N N 113 
GLU CG  HG2  sing N N 114 
GLU CG  HG3  sing N N 115 
GLU CD  OE1  doub N N 116 
GLU CD  OE2  sing N N 117 
GLU OE2 HE2  sing N N 118 
GLU OXT HXT  sing N N 119 
GLY N   CA   sing N N 120 
GLY N   H    sing N N 121 
GLY N   H2   sing N N 122 
GLY CA  C    sing N N 123 
GLY CA  HA2  sing N N 124 
GLY CA  HA3  sing N N 125 
GLY C   O    doub N N 126 
GLY C   OXT  sing N N 127 
GLY OXT HXT  sing N N 128 
HIS N   CA   sing N N 129 
HIS N   H    sing N N 130 
HIS N   H2   sing N N 131 
HIS CA  C    sing N N 132 
HIS CA  CB   sing N N 133 
HIS CA  HA   sing N N 134 
HIS C   O    doub N N 135 
HIS C   OXT  sing N N 136 
HIS CB  CG   sing N N 137 
HIS CB  HB2  sing N N 138 
HIS CB  HB3  sing N N 139 
HIS CG  ND1  sing Y N 140 
HIS CG  CD2  doub Y N 141 
HIS ND1 CE1  doub Y N 142 
HIS ND1 HD1  sing N N 143 
HIS CD2 NE2  sing Y N 144 
HIS CD2 HD2  sing N N 145 
HIS CE1 NE2  sing Y N 146 
HIS CE1 HE1  sing N N 147 
HIS NE2 HE2  sing N N 148 
HIS OXT HXT  sing N N 149 
HOH O   H1   sing N N 150 
HOH O   H2   sing N N 151 
ILE N   CA   sing N N 152 
ILE N   H    sing N N 153 
ILE N   H2   sing N N 154 
ILE CA  C    sing N N 155 
ILE CA  CB   sing N N 156 
ILE CA  HA   sing N N 157 
ILE C   O    doub N N 158 
ILE C   OXT  sing N N 159 
ILE CB  CG1  sing N N 160 
ILE CB  CG2  sing N N 161 
ILE CB  HB   sing N N 162 
ILE CG1 CD1  sing N N 163 
ILE CG1 HG12 sing N N 164 
ILE CG1 HG13 sing N N 165 
ILE CG2 HG21 sing N N 166 
ILE CG2 HG22 sing N N 167 
ILE CG2 HG23 sing N N 168 
ILE CD1 HD11 sing N N 169 
ILE CD1 HD12 sing N N 170 
ILE CD1 HD13 sing N N 171 
ILE OXT HXT  sing N N 172 
LEU N   CA   sing N N 173 
LEU N   H    sing N N 174 
LEU N   H2   sing N N 175 
LEU CA  C    sing N N 176 
LEU CA  CB   sing N N 177 
LEU CA  HA   sing N N 178 
LEU C   O    doub N N 179 
LEU C   OXT  sing N N 180 
LEU CB  CG   sing N N 181 
LEU CB  HB2  sing N N 182 
LEU CB  HB3  sing N N 183 
LEU CG  CD1  sing N N 184 
LEU CG  CD2  sing N N 185 
LEU CG  HG   sing N N 186 
LEU CD1 HD11 sing N N 187 
LEU CD1 HD12 sing N N 188 
LEU CD1 HD13 sing N N 189 
LEU CD2 HD21 sing N N 190 
LEU CD2 HD22 sing N N 191 
LEU CD2 HD23 sing N N 192 
LEU OXT HXT  sing N N 193 
LYS N   CA   sing N N 194 
LYS N   H    sing N N 195 
LYS N   H2   sing N N 196 
LYS CA  C    sing N N 197 
LYS CA  CB   sing N N 198 
LYS CA  HA   sing N N 199 
LYS C   O    doub N N 200 
LYS C   OXT  sing N N 201 
LYS CB  CG   sing N N 202 
LYS CB  HB2  sing N N 203 
LYS CB  HB3  sing N N 204 
LYS CG  CD   sing N N 205 
LYS CG  HG2  sing N N 206 
LYS CG  HG3  sing N N 207 
LYS CD  CE   sing N N 208 
LYS CD  HD2  sing N N 209 
LYS CD  HD3  sing N N 210 
LYS CE  NZ   sing N N 211 
LYS CE  HE2  sing N N 212 
LYS CE  HE3  sing N N 213 
LYS NZ  HZ1  sing N N 214 
LYS NZ  HZ2  sing N N 215 
LYS NZ  HZ3  sing N N 216 
LYS OXT HXT  sing N N 217 
MET N   CA   sing N N 218 
MET N   H    sing N N 219 
MET N   H2   sing N N 220 
MET CA  C    sing N N 221 
MET CA  CB   sing N N 222 
MET CA  HA   sing N N 223 
MET C   O    doub N N 224 
MET C   OXT  sing N N 225 
MET CB  CG   sing N N 226 
MET CB  HB2  sing N N 227 
MET CB  HB3  sing N N 228 
MET CG  SD   sing N N 229 
MET CG  HG2  sing N N 230 
MET CG  HG3  sing N N 231 
MET SD  CE   sing N N 232 
MET CE  HE1  sing N N 233 
MET CE  HE2  sing N N 234 
MET CE  HE3  sing N N 235 
MET OXT HXT  sing N N 236 
PHE N   CA   sing N N 237 
PHE N   H    sing N N 238 
PHE N   H2   sing N N 239 
PHE CA  C    sing N N 240 
PHE CA  CB   sing N N 241 
PHE CA  HA   sing N N 242 
PHE C   O    doub N N 243 
PHE C   OXT  sing N N 244 
PHE CB  CG   sing N N 245 
PHE CB  HB2  sing N N 246 
PHE CB  HB3  sing N N 247 
PHE CG  CD1  doub Y N 248 
PHE CG  CD2  sing Y N 249 
PHE CD1 CE1  sing Y N 250 
PHE CD1 HD1  sing N N 251 
PHE CD2 CE2  doub Y N 252 
PHE CD2 HD2  sing N N 253 
PHE CE1 CZ   doub Y N 254 
PHE CE1 HE1  sing N N 255 
PHE CE2 CZ   sing Y N 256 
PHE CE2 HE2  sing N N 257 
PHE CZ  HZ   sing N N 258 
PHE OXT HXT  sing N N 259 
PRO N   CA   sing N N 260 
PRO N   CD   sing N N 261 
PRO N   H    sing N N 262 
PRO CA  C    sing N N 263 
PRO CA  CB   sing N N 264 
PRO CA  HA   sing N N 265 
PRO C   O    doub N N 266 
PRO C   OXT  sing N N 267 
PRO CB  CG   sing N N 268 
PRO CB  HB2  sing N N 269 
PRO CB  HB3  sing N N 270 
PRO CG  CD   sing N N 271 
PRO CG  HG2  sing N N 272 
PRO CG  HG3  sing N N 273 
PRO CD  HD2  sing N N 274 
PRO CD  HD3  sing N N 275 
PRO OXT HXT  sing N N 276 
SER N   CA   sing N N 277 
SER N   H    sing N N 278 
SER N   H2   sing N N 279 
SER CA  C    sing N N 280 
SER CA  CB   sing N N 281 
SER CA  HA   sing N N 282 
SER C   O    doub N N 283 
SER C   OXT  sing N N 284 
SER CB  OG   sing N N 285 
SER CB  HB2  sing N N 286 
SER CB  HB3  sing N N 287 
SER OG  HG   sing N N 288 
SER OXT HXT  sing N N 289 
THR N   CA   sing N N 290 
THR N   H    sing N N 291 
THR N   H2   sing N N 292 
THR CA  C    sing N N 293 
THR CA  CB   sing N N 294 
THR CA  HA   sing N N 295 
THR C   O    doub N N 296 
THR C   OXT  sing N N 297 
THR CB  OG1  sing N N 298 
THR CB  CG2  sing N N 299 
THR CB  HB   sing N N 300 
THR OG1 HG1  sing N N 301 
THR CG2 HG21 sing N N 302 
THR CG2 HG22 sing N N 303 
THR CG2 HG23 sing N N 304 
THR OXT HXT  sing N N 305 
TRP N   CA   sing N N 306 
TRP N   H    sing N N 307 
TRP N   H2   sing N N 308 
TRP CA  C    sing N N 309 
TRP CA  CB   sing N N 310 
TRP CA  HA   sing N N 311 
TRP C   O    doub N N 312 
TRP C   OXT  sing N N 313 
TRP CB  CG   sing N N 314 
TRP CB  HB2  sing N N 315 
TRP CB  HB3  sing N N 316 
TRP CG  CD1  doub Y N 317 
TRP CG  CD2  sing Y N 318 
TRP CD1 NE1  sing Y N 319 
TRP CD1 HD1  sing N N 320 
TRP CD2 CE2  doub Y N 321 
TRP CD2 CE3  sing Y N 322 
TRP NE1 CE2  sing Y N 323 
TRP NE1 HE1  sing N N 324 
TRP CE2 CZ2  sing Y N 325 
TRP CE3 CZ3  doub Y N 326 
TRP CE3 HE3  sing N N 327 
TRP CZ2 CH2  doub Y N 328 
TRP CZ2 HZ2  sing N N 329 
TRP CZ3 CH2  sing Y N 330 
TRP CZ3 HZ3  sing N N 331 
TRP CH2 HH2  sing N N 332 
TRP OXT HXT  sing N N 333 
TYR N   CA   sing N N 334 
TYR N   H    sing N N 335 
TYR N   H2   sing N N 336 
TYR CA  C    sing N N 337 
TYR CA  CB   sing N N 338 
TYR CA  HA   sing N N 339 
TYR C   O    doub N N 340 
TYR C   OXT  sing N N 341 
TYR CB  CG   sing N N 342 
TYR CB  HB2  sing N N 343 
TYR CB  HB3  sing N N 344 
TYR CG  CD1  doub Y N 345 
TYR CG  CD2  sing Y N 346 
TYR CD1 CE1  sing Y N 347 
TYR CD1 HD1  sing N N 348 
TYR CD2 CE2  doub Y N 349 
TYR CD2 HD2  sing N N 350 
TYR CE1 CZ   doub Y N 351 
TYR CE1 HE1  sing N N 352 
TYR CE2 CZ   sing Y N 353 
TYR CE2 HE2  sing N N 354 
TYR CZ  OH   sing N N 355 
TYR OH  HH   sing N N 356 
TYR OXT HXT  sing N N 357 
VAL N   CA   sing N N 358 
VAL N   H    sing N N 359 
VAL N   H2   sing N N 360 
VAL CA  C    sing N N 361 
VAL CA  CB   sing N N 362 
VAL CA  HA   sing N N 363 
VAL C   O    doub N N 364 
VAL C   OXT  sing N N 365 
VAL CB  CG1  sing N N 366 
VAL CB  CG2  sing N N 367 
VAL CB  HB   sing N N 368 
VAL CG1 HG11 sing N N 369 
VAL CG1 HG12 sing N N 370 
VAL CG1 HG13 sing N N 371 
VAL CG2 HG21 sing N N 372 
VAL CG2 HG22 sing N N 373 
VAL CG2 HG23 sing N N 374 
VAL OXT HXT  sing N N 375 
# 
loop_
_pdbx_entity_nonpoly.entity_id 
_pdbx_entity_nonpoly.name 
_pdbx_entity_nonpoly.comp_id 
3 'ZINC ION' ZN  
4 water      HOH 
# 
_pdbx_initial_refinement_model.id               1 
_pdbx_initial_refinement_model.entity_id_list   ? 
_pdbx_initial_refinement_model.type             'experimental model' 
_pdbx_initial_refinement_model.source_name      PDB 
_pdbx_initial_refinement_model.accession_code   4QF3 
_pdbx_initial_refinement_model.details          ? 
# 
_pdbx_struct_assembly_auth_evidence.id                     1 
_pdbx_struct_assembly_auth_evidence.assembly_id            1 
_pdbx_struct_assembly_auth_evidence.experimental_support   'gel filtration' 
_pdbx_struct_assembly_auth_evidence.details                ? 
# 
